data_6ORN
#
_entry.id   6ORN
#
_cell.length_a   1.00
_cell.length_b   1.00
_cell.length_c   1.00
_cell.angle_alpha   90.00
_cell.angle_beta   90.00
_cell.angle_gamma   90.00
#
_symmetry.space_group_name_H-M   'P 1'
#
loop_
_entity.id
_entity.type
_entity.pdbx_description
1 polymer 'RC1 variant of HIV-1 Env glycoprotein gp41'
2 polymer 'RC1 variant of HIV-1 Env glycoprotein gp120'
3 polymer '10-1074 antibody Fab heavy chain'
4 polymer '10-1074 antibody Fab light chain'
5 branched alpha-D-mannopyranose-(1-2)-alpha-D-mannopyranose-(1-3)-[alpha-D-mannopyranose-(1-6)]beta-D-mannopyranose-(1-4)-2-acetamido-2-deoxy-beta-D-glucopyranose-(1-4)-2-acetamido-2-deoxy-beta-D-glucopyranose
6 branched beta-D-mannopyranose-(1-4)-2-acetamido-2-deoxy-beta-D-glucopyranose-(1-4)-2-acetamido-2-deoxy-beta-D-glucopyranose
7 branched alpha-D-mannopyranose-(1-2)-alpha-D-mannopyranose-(1-3)-[alpha-D-mannopyranose-(1-3)-alpha-D-mannopyranose-(1-6)]beta-D-mannopyranose-(1-4)-2-acetamido-2-deoxy-beta-D-glucopyranose-(1-4)-2-acetamido-2-deoxy-beta-D-glucopyranose
8 branched 2-acetamido-2-deoxy-beta-D-glucopyranose-(1-4)-2-acetamido-2-deoxy-beta-D-glucopyranose
9 branched alpha-D-mannopyranose-(1-6)-alpha-D-mannopyranose-(1-6)-[alpha-D-mannopyranose-(1-3)]beta-D-mannopyranose-(1-4)-2-acetamido-2-deoxy-beta-D-glucopyranose-(1-4)-2-acetamido-2-deoxy-beta-D-glucopyranose
10 non-polymer 2-acetamido-2-deoxy-beta-D-glucopyranose
#
loop_
_entity_poly.entity_id
_entity_poly.type
_entity_poly.pdbx_seq_one_letter_code
_entity_poly.pdbx_strand_id
1 'polypeptide(L)'
;AVGIGAVSLGFLGAAGSTMGAASMTLTVQARNLLSGIVQQQSNLLRAPEPQQHLLKDTHWGIKQLQARVLAVEHYLRDQQ
LLGIWGCSGKLICCTNVPWNSSWSNRNLSEIWDNMTWLQWDKEISNYTQIIYGLLEESQNQQEKNEQDLLALD
;
C,J,Q
2 'polypeptide(L)'
;AENLWVTVYYGVPVWKDAETTLFCASDAKAYETEKHNVWATHACVPTDPNPQEIHLENVTEEFNMWKNNMVEQMHEDIIS
LWDQSLKPCVKLTPLCVTLQCTNYAPNLLSNMRGELKQCSFNMTTELRDKKQKVYSLFYRLDVVQINENQGNRSNNSNKE
YRLINCNTSAITQACPKVSFEPIPIHYCAPAGFAILKCKDKKFNGTGPCPSVSTVQCTHGIKPVVSTQLLLNGSLAEEEV
IIRSENITNNAKNILVQLNTPVQINCTRPNNNTVKSIRIGPGQAFYYFGDIIGDIRMAHCNVSKATWNETLGKVVKQLRK
HFGNNTIIRFAQSSGGDLEVTTHSFNCGGEFFYCNTSGLFNSTWISNTSVQGSNSTGSNDSIVLPCRIKQIINMWQRIGQ
AMYAPPIQGVIRCVSNITGLILTRDGGSTNSTTETFRPGGGDMRDNWRSELYKYKVVKIEPLGVAPTRCKRRVVGRRRRR
R
;
G,K,R
3 'polypeptide(L)'
;QVQLQESGPGLVKPSETLSVTCSVSGDSMNNYYWTWIRQSPGKGLEWIGYISDRESATYNPSLNSRVVISRDTSKNQLSL
KLNSVTPADTAVYYCATARRGQRIYGVVSFGEFFYYYSMDVWGKGTTVTVSSASTKGPSVFPLAPSSKSTSGGTAALGCL
VKDYFPEPVTVSWNSGALTSGVHTFPAVLQSSGLYSLSSVVTVPSSSLGTQTYICNVNHKPSNTKVDKRVEPKSCDKT
;
A,F,O
4 'polypeptide(L)'
;SYVRPLSVALGETARISCGRQALGSRAVQWYQHRPGQAPILLIYNNQDRPSGIPERFSGTPDINFGTRATLTISGVEAGD
EADYYCHMWDSRSGFSWSFGGATRLTVLGQPKAAPSVTLFPPSSEELQANKATLVCLISDFYPGAVTVAWKADSSPVKAG
VETTTPSKQSNNKYAASSYLSLTPEQWKSHRSYSCQVTHEGSTVEKTVAPTECS
;
B,I,P
#
# COMPACT_ATOMS: atom_id res chain seq x y z
N VAL A 7 36.95 -29.11 -37.76
CA VAL A 7 36.54 -27.84 -37.18
C VAL A 7 35.23 -28.07 -36.42
N SER A 8 35.04 -27.33 -35.32
CA SER A 8 33.82 -27.42 -34.54
C SER A 8 32.68 -26.76 -35.30
N LEU A 9 31.59 -27.50 -35.49
CA LEU A 9 30.43 -26.95 -36.18
C LEU A 9 29.75 -25.90 -35.32
N GLY A 10 29.72 -26.10 -34.01
CA GLY A 10 29.06 -25.24 -33.07
C GLY A 10 28.07 -26.02 -32.25
N PHE A 11 27.21 -25.29 -31.54
CA PHE A 11 26.21 -25.92 -30.69
C PHE A 11 25.14 -26.57 -31.53
N LEU A 12 24.86 -27.84 -31.23
CA LEU A 12 23.92 -28.69 -31.96
C LEU A 12 24.27 -28.81 -33.45
N GLY A 13 25.56 -28.85 -33.74
CA GLY A 13 25.99 -28.84 -35.14
C GLY A 13 25.69 -30.14 -35.86
N ALA A 14 25.89 -31.27 -35.19
CA ALA A 14 25.73 -32.58 -35.81
C ALA A 14 24.32 -33.14 -35.63
N ALA A 15 23.32 -32.25 -35.50
CA ALA A 15 21.96 -32.69 -35.20
C ALA A 15 21.30 -33.44 -36.34
N GLY A 16 21.82 -33.32 -37.56
CA GLY A 16 21.24 -34.05 -38.67
C GLY A 16 22.18 -35.10 -39.21
N SER A 17 23.36 -35.22 -38.61
CA SER A 17 24.36 -36.13 -39.15
C SER A 17 24.18 -37.53 -38.57
N THR A 18 25.00 -38.44 -39.06
CA THR A 18 25.03 -39.83 -38.64
C THR A 18 25.50 -39.93 -37.17
N MET A 19 24.91 -40.90 -36.46
CA MET A 19 25.30 -41.21 -35.09
C MET A 19 26.79 -41.46 -34.96
N GLY A 20 27.37 -42.20 -35.91
CA GLY A 20 28.80 -42.41 -35.91
C GLY A 20 29.61 -41.16 -36.13
N ALA A 21 29.07 -40.20 -36.87
CA ALA A 21 29.71 -38.90 -37.02
C ALA A 21 29.43 -37.99 -35.84
N ALA A 22 28.22 -38.05 -35.27
CA ALA A 22 27.88 -37.23 -34.11
C ALA A 22 28.62 -37.66 -32.87
N SER A 23 28.98 -38.94 -32.76
CA SER A 23 29.76 -39.43 -31.63
C SER A 23 31.17 -38.89 -31.60
N MET A 24 31.69 -38.39 -32.73
CA MET A 24 33.00 -37.78 -32.74
C MET A 24 33.03 -36.50 -31.91
N THR A 25 31.95 -35.73 -31.91
CA THR A 25 31.88 -34.46 -31.20
C THR A 25 30.74 -34.49 -30.19
N LEU A 26 31.10 -34.60 -28.91
CA LEU A 26 30.11 -34.66 -27.85
C LEU A 26 30.24 -33.54 -26.84
N THR A 27 31.44 -32.99 -26.68
CA THR A 27 31.72 -32.12 -25.55
C THR A 27 31.10 -30.75 -25.71
N VAL A 28 30.92 -30.30 -26.96
CA VAL A 28 30.38 -28.97 -27.18
C VAL A 28 28.92 -28.89 -26.76
N GLN A 29 28.21 -30.01 -26.79
CA GLN A 29 26.86 -30.03 -26.26
C GLN A 29 26.85 -30.03 -24.74
N ALA A 30 27.93 -30.46 -24.11
CA ALA A 30 28.00 -30.50 -22.66
C ALA A 30 28.48 -29.19 -22.06
N ARG A 31 29.40 -28.49 -22.73
CA ARG A 31 29.99 -27.31 -22.15
C ARG A 31 29.01 -26.13 -22.09
N ASN A 32 28.02 -26.09 -22.97
CA ASN A 32 27.03 -25.03 -22.97
C ASN A 32 25.87 -25.31 -22.04
N LEU A 33 25.91 -26.40 -21.28
CA LEU A 33 24.77 -26.80 -20.48
C LEU A 33 24.59 -25.95 -19.23
N LEU A 34 25.67 -25.45 -18.63
CA LEU A 34 25.53 -24.69 -17.40
C LEU A 34 25.82 -23.21 -17.58
N SER A 35 25.83 -22.69 -18.80
CA SER A 35 26.06 -21.28 -19.03
C SER A 35 24.86 -20.45 -18.61
N HIS A 59 10.54 -7.54 -7.35
CA HIS A 59 9.60 -8.61 -7.66
C HIS A 59 10.03 -9.38 -8.90
N TRP A 60 10.66 -8.67 -9.83
CA TRP A 60 11.10 -9.30 -11.07
C TRP A 60 12.35 -10.13 -10.90
N GLY A 61 13.01 -10.05 -9.74
CA GLY A 61 14.15 -10.91 -9.50
C GLY A 61 13.78 -12.36 -9.30
N ILE A 62 12.50 -12.64 -9.01
CA ILE A 62 12.04 -14.01 -8.84
C ILE A 62 12.17 -14.78 -10.14
N LYS A 63 11.87 -14.12 -11.25
CA LYS A 63 11.95 -14.71 -12.58
C LYS A 63 13.37 -14.97 -13.00
N GLN A 64 14.33 -14.24 -12.45
CA GLN A 64 15.74 -14.46 -12.69
C GLN A 64 16.32 -15.42 -11.68
N LEU A 65 15.51 -15.96 -10.80
CA LEU A 65 15.89 -17.02 -9.89
C LEU A 65 15.01 -18.25 -10.00
N GLN A 66 13.74 -18.10 -10.39
CA GLN A 66 12.97 -19.28 -10.74
C GLN A 66 13.52 -19.99 -11.96
N ALA A 67 14.18 -19.28 -12.87
CA ALA A 67 14.83 -19.95 -13.98
C ALA A 67 16.25 -20.41 -13.64
N ARG A 68 16.95 -19.64 -12.81
CA ARG A 68 18.35 -19.97 -12.51
C ARG A 68 18.43 -21.21 -11.64
N VAL A 69 17.47 -21.39 -10.75
CA VAL A 69 17.44 -22.60 -9.94
C VAL A 69 17.00 -23.79 -10.78
N LEU A 70 16.09 -23.57 -11.74
CA LEU A 70 15.52 -24.65 -12.52
C LEU A 70 16.55 -25.30 -13.45
N ALA A 71 17.64 -24.60 -13.75
CA ALA A 71 18.70 -25.23 -14.55
C ALA A 71 19.48 -26.23 -13.72
N VAL A 72 19.49 -26.05 -12.40
CA VAL A 72 20.50 -26.71 -11.59
C VAL A 72 20.18 -28.17 -11.37
N GLU A 73 18.98 -28.48 -10.88
CA GLU A 73 18.68 -29.87 -10.56
C GLU A 73 18.39 -30.68 -11.82
N HIS A 74 18.07 -30.00 -12.91
CA HIS A 74 18.02 -30.67 -14.20
C HIS A 74 19.39 -31.16 -14.60
N TYR A 75 20.43 -30.39 -14.26
CA TYR A 75 21.79 -30.91 -14.38
C TYR A 75 22.04 -31.96 -13.32
N LEU A 76 21.59 -31.71 -12.08
CA LEU A 76 21.98 -32.57 -10.97
C LEU A 76 21.27 -33.91 -11.01
N ARG A 77 20.08 -33.98 -11.60
CA ARG A 77 19.36 -35.25 -11.65
C ARG A 77 20.09 -36.23 -12.55
N ASP A 78 20.42 -35.79 -13.76
CA ASP A 78 21.07 -36.68 -14.72
C ASP A 78 22.52 -36.92 -14.35
N GLN A 79 23.10 -36.01 -13.58
CA GLN A 79 24.45 -36.24 -13.07
C GLN A 79 24.42 -37.36 -12.04
N GLN A 80 23.42 -37.34 -11.16
CA GLN A 80 23.30 -38.36 -10.12
C GLN A 80 22.88 -39.69 -10.70
N LEU A 81 22.03 -39.67 -11.73
CA LEU A 81 21.62 -40.90 -12.39
C LEU A 81 22.79 -41.54 -13.10
N LEU A 82 23.63 -40.73 -13.73
CA LEU A 82 24.81 -41.28 -14.38
C LEU A 82 25.88 -41.70 -13.38
N GLY A 83 25.82 -41.16 -12.17
CA GLY A 83 26.75 -41.56 -11.15
C GLY A 83 26.46 -42.94 -10.60
N ILE A 84 25.18 -43.29 -10.51
CA ILE A 84 24.80 -44.53 -9.86
C ILE A 84 24.99 -45.71 -10.80
N TRP A 85 25.27 -45.43 -12.08
CA TRP A 85 25.51 -46.48 -13.06
C TRP A 85 26.99 -46.86 -13.14
N GLY A 86 27.78 -46.52 -12.12
CA GLY A 86 29.13 -46.99 -12.00
C GLY A 86 30.17 -46.30 -12.85
N CYS A 87 29.77 -45.38 -13.72
CA CYS A 87 30.69 -44.76 -14.66
C CYS A 87 30.47 -43.26 -14.73
N SER A 88 30.50 -42.61 -13.57
CA SER A 88 30.24 -41.18 -13.47
C SER A 88 31.30 -40.36 -14.21
N GLY A 89 32.55 -40.79 -14.16
CA GLY A 89 33.63 -40.00 -14.72
C GLY A 89 33.65 -39.95 -16.23
N LYS A 90 33.43 -41.08 -16.87
CA LYS A 90 33.63 -41.16 -18.31
C LYS A 90 32.48 -40.52 -19.07
N LEU A 91 32.52 -40.66 -20.39
CA LEU A 91 31.40 -40.32 -21.26
C LEU A 91 30.92 -41.53 -22.03
N ILE A 92 31.83 -42.28 -22.64
CA ILE A 92 31.45 -43.48 -23.38
C ILE A 92 31.56 -44.63 -22.39
N CYS A 93 30.49 -44.82 -21.64
CA CYS A 93 30.44 -45.88 -20.65
C CYS A 93 30.15 -47.22 -21.32
N CYS A 94 30.61 -48.31 -20.70
CA CYS A 94 30.31 -49.65 -21.16
C CYS A 94 29.88 -50.50 -19.98
N THR A 95 28.86 -51.33 -20.19
CA THR A 95 28.33 -52.21 -19.17
C THR A 95 28.02 -53.57 -19.78
N ASN A 96 27.87 -54.58 -18.92
CA ASN A 96 27.52 -55.92 -19.38
C ASN A 96 26.06 -56.24 -19.11
N VAL A 97 25.19 -55.75 -19.98
CA VAL A 97 23.77 -56.10 -19.96
C VAL A 97 23.38 -56.46 -21.39
N PRO A 98 22.81 -57.63 -21.64
CA PRO A 98 22.48 -58.04 -23.01
C PRO A 98 21.35 -57.19 -23.58
N TRP A 99 21.35 -57.05 -24.92
CA TRP A 99 20.48 -56.08 -25.58
C TRP A 99 19.06 -56.60 -25.72
N ASN A 100 18.94 -57.92 -25.93
CA ASN A 100 17.66 -58.62 -26.06
C ASN A 100 16.80 -58.03 -27.17
N SER A 101 17.16 -58.33 -28.43
CA SER A 101 16.65 -57.72 -29.66
C SER A 101 15.12 -57.74 -29.83
N SER A 102 14.38 -58.38 -28.93
CA SER A 102 12.93 -58.22 -28.84
C SER A 102 12.50 -56.76 -28.70
N TRP A 103 13.34 -55.91 -28.10
CA TRP A 103 13.02 -54.50 -27.96
C TRP A 103 13.02 -53.82 -29.32
N SER A 104 14.15 -53.88 -30.02
CA SER A 104 14.22 -53.46 -31.41
C SER A 104 15.17 -54.41 -32.14
N ASN A 105 14.87 -54.64 -33.42
CA ASN A 105 15.60 -55.64 -34.21
C ASN A 105 16.20 -54.98 -35.44
N ARG A 106 17.39 -54.42 -35.29
CA ARG A 106 18.07 -53.76 -36.43
C ARG A 106 19.51 -54.30 -36.55
N ASN A 107 20.15 -53.91 -37.63
CA ASN A 107 21.53 -54.30 -37.99
C ASN A 107 22.56 -53.44 -37.32
N LEU A 108 23.75 -53.98 -37.09
CA LEU A 108 24.75 -53.01 -36.57
C LEU A 108 25.00 -51.96 -37.66
N SER A 109 24.93 -52.33 -38.93
CA SER A 109 25.20 -51.38 -40.00
C SER A 109 24.06 -50.37 -40.17
N GLU A 110 22.80 -50.82 -40.11
CA GLU A 110 21.68 -49.93 -40.39
C GLU A 110 21.31 -49.05 -39.20
N ILE A 111 22.12 -49.04 -38.15
CA ILE A 111 21.96 -48.09 -37.05
C ILE A 111 23.02 -47.01 -37.18
N TRP A 112 24.27 -47.43 -37.37
CA TRP A 112 25.41 -46.53 -37.27
C TRP A 112 25.84 -45.95 -38.61
N ASP A 113 24.96 -45.96 -39.61
CA ASP A 113 25.42 -45.44 -40.91
C ASP A 113 24.43 -44.44 -41.50
N ASN A 114 23.14 -44.64 -41.26
CA ASN A 114 22.14 -43.88 -42.00
C ASN A 114 21.27 -42.99 -41.14
N MET A 115 20.62 -43.51 -40.11
CA MET A 115 19.67 -42.71 -39.37
C MET A 115 20.39 -41.80 -38.37
N THR A 116 19.63 -40.87 -37.81
CA THR A 116 20.15 -39.96 -36.80
C THR A 116 19.53 -40.30 -35.45
N TRP A 117 19.91 -39.53 -34.45
CA TRP A 117 19.45 -39.80 -33.09
C TRP A 117 17.97 -39.49 -32.93
N LEU A 118 17.46 -38.55 -33.72
CA LEU A 118 16.05 -38.15 -33.60
C LEU A 118 15.14 -39.29 -34.04
N GLN A 119 15.55 -40.04 -35.06
CA GLN A 119 14.80 -41.23 -35.42
C GLN A 119 15.02 -42.33 -34.38
N TRP A 120 16.20 -42.35 -33.76
CA TRP A 120 16.50 -43.37 -32.77
C TRP A 120 15.69 -43.20 -31.50
N ASP A 121 15.23 -41.99 -31.22
CA ASP A 121 14.51 -41.71 -29.99
C ASP A 121 13.15 -42.40 -29.94
N LYS A 122 12.56 -42.71 -31.10
CA LYS A 122 11.18 -43.17 -31.13
C LYS A 122 11.05 -44.62 -30.70
N GLU A 123 11.85 -45.51 -31.29
CA GLU A 123 11.69 -46.93 -31.04
C GLU A 123 12.18 -47.35 -29.65
N ILE A 124 12.90 -46.47 -28.96
CA ILE A 124 13.43 -46.76 -27.64
C ILE A 124 12.56 -46.18 -26.55
N SER A 125 11.69 -45.23 -26.88
CA SER A 125 10.95 -44.41 -25.94
C SER A 125 9.98 -45.18 -25.05
N ASN A 126 9.66 -46.44 -25.38
CA ASN A 126 8.80 -47.23 -24.51
C ASN A 126 9.54 -48.17 -23.58
N TYR A 127 10.82 -48.43 -23.82
CA TYR A 127 11.57 -49.37 -23.01
C TYR A 127 12.45 -48.66 -21.98
N THR A 128 12.30 -47.35 -21.84
CA THR A 128 13.29 -46.54 -21.12
C THR A 128 13.31 -46.86 -19.64
N GLN A 129 12.13 -46.95 -19.03
CA GLN A 129 12.07 -47.23 -17.60
C GLN A 129 12.50 -48.65 -17.29
N ILE A 130 12.30 -49.55 -18.25
CA ILE A 130 12.81 -50.91 -18.10
C ILE A 130 14.32 -50.92 -18.18
N ILE A 131 14.88 -50.20 -19.14
CA ILE A 131 16.33 -50.18 -19.32
C ILE A 131 17.00 -49.43 -18.16
N TYR A 132 16.37 -48.35 -17.70
CA TYR A 132 16.93 -47.59 -16.58
C TYR A 132 16.87 -48.40 -15.29
N GLY A 133 15.91 -49.31 -15.19
CA GLY A 133 15.82 -50.13 -14.00
C GLY A 133 16.93 -51.16 -13.92
N LEU A 134 16.90 -52.14 -14.82
CA LEU A 134 17.69 -53.34 -14.65
C LEU A 134 19.18 -53.09 -14.89
N LEU A 135 19.51 -52.02 -15.61
CA LEU A 135 20.89 -51.56 -15.62
C LEU A 135 21.31 -51.13 -14.23
N GLU A 136 20.45 -50.40 -13.54
CA GLU A 136 20.82 -49.80 -12.28
C GLU A 136 20.76 -50.79 -11.14
N GLU A 137 19.62 -51.47 -10.98
CA GLU A 137 19.39 -52.26 -9.77
C GLU A 137 20.24 -53.52 -9.73
N SER A 138 20.60 -54.04 -10.90
CA SER A 138 21.35 -55.28 -10.93
C SER A 138 22.85 -55.07 -10.80
N GLN A 139 23.43 -54.31 -11.71
CA GLN A 139 24.84 -54.51 -12.07
C GLN A 139 25.78 -53.99 -10.99
N ASN A 140 25.59 -52.74 -10.56
CA ASN A 140 26.44 -52.19 -9.51
C ASN A 140 26.20 -52.86 -8.17
N GLN A 141 25.03 -53.47 -7.98
CA GLN A 141 24.85 -54.29 -6.80
C GLN A 141 25.56 -55.63 -6.95
N GLN A 142 25.64 -56.14 -8.19
CA GLN A 142 26.38 -57.37 -8.42
C GLN A 142 27.88 -57.11 -8.40
N GLU A 143 28.30 -55.89 -8.74
CA GLU A 143 29.71 -55.58 -8.74
C GLU A 143 30.27 -55.52 -7.33
N LYS A 144 29.58 -54.81 -6.43
CA LYS A 144 30.17 -54.45 -5.15
C LYS A 144 30.23 -55.62 -4.19
N ASN A 145 29.57 -56.73 -4.53
CA ASN A 145 29.78 -57.97 -3.82
C ASN A 145 31.19 -58.50 -4.06
N GLU A 146 31.75 -58.22 -5.23
CA GLU A 146 32.94 -58.93 -5.66
C GLU A 146 34.20 -58.38 -5.00
N GLN A 147 34.41 -57.06 -5.06
CA GLN A 147 35.61 -56.50 -4.44
C GLN A 147 35.52 -56.51 -2.93
N ASP A 148 34.31 -56.64 -2.39
CA ASP A 148 34.18 -56.89 -0.96
C ASP A 148 34.74 -58.25 -0.61
N LEU A 149 34.53 -59.24 -1.49
CA LEU A 149 35.06 -60.58 -1.23
C LEU A 149 36.50 -60.73 -1.68
N LEU A 150 36.93 -60.00 -2.71
CA LEU A 150 38.29 -60.17 -3.21
C LEU A 150 39.29 -59.51 -2.28
N ALA A 151 38.98 -58.29 -1.82
CA ALA A 151 39.86 -57.61 -0.89
C ALA A 151 39.78 -58.17 0.53
N LEU A 152 38.81 -59.03 0.81
CA LEU A 152 38.84 -59.82 2.03
C LEU A 152 40.02 -60.77 2.04
N ASP A 153 40.38 -61.32 0.89
CA ASP A 153 41.45 -62.30 0.79
C ASP A 153 42.71 -61.69 0.21
N ALA B 1 30.67 -60.76 -30.18
CA ALA B 1 30.46 -59.73 -31.20
C ALA B 1 29.01 -59.72 -31.65
N GLU B 2 28.34 -60.87 -31.50
CA GLU B 2 26.94 -60.97 -31.88
C GLU B 2 26.00 -60.63 -30.75
N ASN B 3 26.29 -61.10 -29.54
CA ASN B 3 25.48 -60.77 -28.37
C ASN B 3 25.77 -59.31 -28.01
N LEU B 4 24.91 -58.44 -28.51
CA LEU B 4 25.11 -57.01 -28.33
C LEU B 4 24.81 -56.61 -26.90
N TRP B 5 25.57 -55.64 -26.40
CA TRP B 5 25.32 -55.09 -25.07
C TRP B 5 24.93 -53.63 -25.22
N VAL B 6 24.68 -53.00 -24.08
CA VAL B 6 24.13 -51.65 -24.03
C VAL B 6 25.21 -50.69 -23.54
N THR B 7 25.24 -49.50 -24.13
CA THR B 7 26.10 -48.42 -23.68
C THR B 7 25.25 -47.15 -23.58
N VAL B 8 25.69 -46.22 -22.74
CA VAL B 8 25.05 -44.94 -22.64
C VAL B 8 25.93 -43.90 -23.32
N TYR B 9 25.37 -42.73 -23.57
CA TYR B 9 26.11 -41.67 -24.25
C TYR B 9 25.71 -40.35 -23.66
N TYR B 10 26.69 -39.61 -23.14
CA TYR B 10 26.42 -38.30 -22.57
C TYR B 10 26.60 -37.23 -23.63
N GLY B 11 25.74 -36.22 -23.59
CA GLY B 11 25.85 -35.11 -24.51
C GLY B 11 25.47 -35.47 -25.94
N VAL B 12 24.21 -35.76 -26.15
CA VAL B 12 23.72 -36.21 -27.46
C VAL B 12 22.71 -35.21 -27.98
N PRO B 13 22.83 -34.76 -29.23
CA PRO B 13 21.91 -33.75 -29.74
C PRO B 13 20.50 -34.28 -30.00
N VAL B 14 19.67 -34.29 -28.96
CA VAL B 14 18.28 -34.68 -29.10
C VAL B 14 17.46 -33.76 -28.18
N TRP B 15 16.20 -33.55 -28.54
CA TRP B 15 15.37 -32.57 -27.84
C TRP B 15 13.95 -33.08 -27.70
N LYS B 16 13.15 -32.32 -26.96
CA LYS B 16 11.72 -32.57 -26.82
C LYS B 16 10.99 -31.23 -26.72
N ASP B 17 9.68 -31.29 -26.93
CA ASP B 17 8.83 -30.11 -26.81
C ASP B 17 8.40 -29.93 -25.36
N ALA B 18 8.42 -28.69 -24.90
CA ALA B 18 8.07 -28.35 -23.52
C ALA B 18 7.77 -26.86 -23.47
N GLU B 19 7.71 -26.32 -22.26
CA GLU B 19 7.58 -24.88 -22.07
C GLU B 19 8.29 -24.49 -20.78
N THR B 20 8.75 -23.24 -20.73
CA THR B 20 9.39 -22.69 -19.55
C THR B 20 9.34 -21.17 -19.65
N THR B 21 9.87 -20.51 -18.64
CA THR B 21 9.81 -19.06 -18.59
C THR B 21 10.95 -18.45 -19.42
N LEU B 22 10.90 -17.14 -19.57
CA LEU B 22 11.86 -16.38 -20.36
C LEU B 22 12.32 -15.19 -19.52
N PHE B 23 13.19 -14.35 -20.09
CA PHE B 23 13.57 -13.10 -19.45
C PHE B 23 14.04 -12.10 -20.51
N CYS B 24 14.39 -10.90 -20.07
CA CYS B 24 14.74 -9.78 -20.94
C CYS B 24 16.00 -10.04 -21.76
N ALA B 25 16.18 -9.17 -22.75
CA ALA B 25 17.49 -8.84 -23.32
C ALA B 25 17.29 -7.52 -24.07
N SER B 26 17.98 -6.47 -23.63
CA SER B 26 17.77 -5.16 -24.23
C SER B 26 19.00 -4.29 -24.06
N ASP B 27 19.29 -3.48 -25.08
CA ASP B 27 20.35 -2.50 -24.97
C ASP B 27 19.89 -1.15 -25.50
N HIS B 36 13.96 9.46 -20.44
CA HIS B 36 14.05 9.09 -19.03
C HIS B 36 13.84 7.60 -18.86
N ASN B 37 12.58 7.20 -18.70
CA ASN B 37 12.22 5.80 -18.57
C ASN B 37 11.08 5.45 -19.53
N VAL B 38 10.97 4.16 -19.79
CA VAL B 38 9.79 3.62 -20.43
C VAL B 38 9.22 2.65 -19.42
N TRP B 39 8.09 2.05 -19.76
CA TRP B 39 7.44 1.14 -18.83
C TRP B 39 8.19 -0.17 -18.68
N ALA B 40 9.07 -0.50 -19.62
CA ALA B 40 9.67 -1.82 -19.63
C ALA B 40 11.11 -1.88 -19.12
N THR B 41 12.03 -1.20 -19.79
CA THR B 41 13.44 -1.49 -19.64
C THR B 41 14.03 -0.63 -18.54
N HIS B 42 13.54 -0.85 -17.32
CA HIS B 42 14.16 -0.17 -16.19
C HIS B 42 15.49 -0.83 -15.85
N ALA B 43 15.46 -2.12 -15.51
CA ALA B 43 16.69 -2.83 -15.16
C ALA B 43 16.51 -4.30 -15.50
N CYS B 44 17.02 -4.71 -16.66
CA CYS B 44 17.22 -6.11 -16.99
C CYS B 44 18.37 -6.23 -17.97
N VAL B 45 18.74 -7.46 -18.29
CA VAL B 45 20.12 -7.80 -18.65
C VAL B 45 20.44 -7.28 -20.06
N PRO B 46 21.58 -6.62 -20.25
CA PRO B 46 21.99 -6.23 -21.61
C PRO B 46 22.41 -7.42 -22.45
N THR B 47 22.36 -7.23 -23.76
CA THR B 47 22.72 -8.27 -24.71
C THR B 47 24.22 -8.47 -24.78
N PRO B 51 23.46 -11.68 -31.70
CA PRO B 51 23.40 -12.55 -32.88
C PRO B 51 23.90 -13.96 -32.56
N GLN B 52 24.97 -14.37 -33.24
CA GLN B 52 25.67 -15.65 -33.02
C GLN B 52 24.74 -16.84 -33.26
N GLU B 53 24.20 -16.89 -34.47
CA GLU B 53 23.33 -17.97 -34.88
C GLU B 53 24.16 -19.14 -35.41
N ILE B 54 23.52 -20.30 -35.50
CA ILE B 54 24.17 -21.51 -35.95
C ILE B 54 23.26 -22.20 -36.95
N HIS B 55 23.79 -22.49 -38.13
CA HIS B 55 23.01 -23.09 -39.21
C HIS B 55 22.98 -24.61 -39.05
N LEU B 56 21.88 -25.20 -39.51
CA LEU B 56 21.65 -26.63 -39.43
C LEU B 56 21.43 -27.18 -40.84
N GLU B 57 21.31 -28.50 -40.94
CA GLU B 57 21.15 -29.14 -42.24
C GLU B 57 20.44 -30.47 -42.04
N ASN B 58 19.63 -30.86 -43.04
CA ASN B 58 18.96 -32.15 -43.17
C ASN B 58 17.88 -32.38 -42.10
N VAL B 59 17.58 -31.36 -41.30
CA VAL B 59 16.67 -31.51 -40.18
C VAL B 59 15.28 -30.99 -40.55
N THR B 60 14.26 -31.71 -40.10
CA THR B 60 12.89 -31.28 -40.27
C THR B 60 12.23 -31.11 -38.91
N GLU B 61 11.26 -30.20 -38.85
CA GLU B 61 10.58 -29.94 -37.60
C GLU B 61 9.18 -29.44 -37.89
N GLU B 62 8.21 -29.97 -37.14
CA GLU B 62 6.82 -29.58 -37.30
C GLU B 62 6.53 -28.39 -36.39
N PHE B 63 6.71 -27.20 -36.96
CA PHE B 63 6.27 -25.99 -36.27
C PHE B 63 4.76 -25.93 -36.23
N ASN B 64 4.25 -25.18 -35.25
CA ASN B 64 2.82 -24.95 -35.16
C ASN B 64 2.60 -23.65 -34.40
N MET B 65 2.24 -22.58 -35.11
CA MET B 65 1.80 -21.39 -34.42
C MET B 65 0.32 -21.55 -34.09
N TRP B 66 -0.26 -20.52 -33.46
CA TRP B 66 -1.62 -20.49 -32.92
C TRP B 66 -1.82 -21.52 -31.80
N LYS B 67 -0.75 -22.16 -31.34
CA LYS B 67 -0.77 -23.03 -30.18
C LYS B 67 0.47 -22.82 -29.32
N ASN B 68 1.21 -21.75 -29.57
CA ASN B 68 2.49 -21.52 -28.93
C ASN B 68 2.31 -21.18 -27.45
N ASN B 69 3.29 -21.56 -26.65
CA ASN B 69 3.33 -21.19 -25.25
C ASN B 69 4.04 -19.88 -25.02
N MET B 70 4.77 -19.39 -26.01
CA MET B 70 5.47 -18.12 -25.87
C MET B 70 4.53 -16.94 -25.91
N VAL B 71 3.40 -17.05 -26.61
CA VAL B 71 2.50 -15.92 -26.68
C VAL B 71 1.70 -15.78 -25.39
N GLU B 72 1.42 -16.89 -24.71
CA GLU B 72 0.65 -16.80 -23.48
C GLU B 72 1.48 -16.20 -22.36
N GLN B 73 2.79 -16.41 -22.37
CA GLN B 73 3.62 -15.88 -21.31
C GLN B 73 3.76 -14.37 -21.42
N MET B 74 4.06 -13.88 -22.62
CA MET B 74 4.37 -12.47 -22.78
C MET B 74 3.13 -11.61 -22.66
N HIS B 75 1.97 -12.17 -23.02
CA HIS B 75 0.71 -11.45 -22.89
C HIS B 75 0.39 -11.16 -21.44
N GLU B 76 0.85 -12.02 -20.54
CA GLU B 76 0.77 -11.70 -19.12
C GLU B 76 1.88 -10.76 -18.72
N ASP B 77 3.04 -10.84 -19.37
CA ASP B 77 4.17 -10.05 -18.93
C ASP B 77 4.06 -8.60 -19.39
N ILE B 78 3.15 -8.30 -20.31
CA ILE B 78 2.91 -6.89 -20.60
C ILE B 78 2.07 -6.27 -19.51
N ILE B 79 0.96 -6.92 -19.14
CA ILE B 79 -0.04 -6.27 -18.30
C ILE B 79 0.42 -6.18 -16.86
N SER B 80 1.31 -7.08 -16.45
CA SER B 80 1.91 -6.93 -15.13
C SER B 80 2.88 -5.77 -15.14
N LEU B 81 3.56 -5.57 -16.27
CA LEU B 81 4.57 -4.54 -16.35
C LEU B 81 3.94 -3.18 -16.64
N TRP B 82 2.81 -3.19 -17.34
CA TRP B 82 2.03 -1.97 -17.50
C TRP B 82 1.51 -1.50 -16.16
N ASP B 83 0.94 -2.42 -15.37
CA ASP B 83 0.26 -2.04 -14.14
C ASP B 83 1.25 -1.60 -13.08
N GLN B 84 2.48 -2.10 -13.17
CA GLN B 84 3.48 -1.77 -12.16
C GLN B 84 3.95 -0.32 -12.30
N SER B 85 4.02 0.18 -13.52
CA SER B 85 4.51 1.55 -13.71
C SER B 85 3.46 2.60 -13.50
N LEU B 86 2.32 2.24 -12.93
CA LEU B 86 1.27 3.18 -12.60
C LEU B 86 1.06 3.31 -11.11
N LYS B 87 1.64 2.41 -10.32
CA LYS B 87 1.40 2.39 -8.88
C LYS B 87 1.90 3.63 -8.12
N PRO B 88 3.13 4.13 -8.27
CA PRO B 88 3.53 5.26 -7.43
C PRO B 88 2.95 6.60 -7.85
N CYS B 89 2.20 6.66 -8.96
CA CYS B 89 1.69 7.94 -9.41
C CYS B 89 0.50 8.38 -8.56
N VAL B 90 -0.03 9.55 -8.90
CA VAL B 90 -1.00 10.22 -8.03
C VAL B 90 -2.37 9.56 -8.16
N LYS B 91 -2.96 9.23 -7.01
CA LYS B 91 -4.33 8.73 -6.98
C LYS B 91 -5.30 9.89 -7.15
N LEU B 92 -6.09 9.85 -8.22
CA LEU B 92 -7.00 10.94 -8.54
C LEU B 92 -8.41 10.58 -8.04
N THR B 93 -8.53 10.54 -6.72
CA THR B 93 -9.82 10.33 -6.09
C THR B 93 -10.72 11.57 -6.08
N PRO B 94 -10.31 12.75 -5.52
CA PRO B 94 -11.34 13.75 -5.20
C PRO B 94 -11.82 14.58 -6.38
N LEU B 95 -11.59 14.12 -7.60
CA LEU B 95 -12.02 14.90 -8.76
C LEU B 95 -13.49 14.67 -9.09
N CYS B 96 -14.12 13.63 -8.55
CA CYS B 96 -15.52 13.35 -8.83
C CYS B 96 -16.43 14.36 -8.14
N VAL B 97 -16.53 15.53 -8.77
CA VAL B 97 -17.36 16.63 -8.28
C VAL B 97 -18.41 16.89 -9.35
N THR B 98 -19.54 17.48 -8.97
CA THR B 98 -20.54 17.88 -9.95
C THR B 98 -20.03 19.02 -10.82
N LEU B 99 -19.75 18.75 -12.09
CA LEU B 99 -19.24 19.77 -12.98
C LEU B 99 -20.38 20.63 -13.51
N GLN B 100 -20.29 21.93 -13.27
CA GLN B 100 -21.10 22.88 -14.03
C GLN B 100 -20.38 23.19 -15.33
N CYS B 101 -21.09 23.11 -16.44
CA CYS B 101 -20.39 23.05 -17.71
C CYS B 101 -21.28 23.56 -18.84
N THR B 102 -20.64 24.01 -19.92
CA THR B 102 -21.32 24.51 -21.11
C THR B 102 -20.47 24.24 -22.34
N ASN B 103 -21.05 24.54 -23.50
CA ASN B 103 -20.30 24.39 -24.74
C ASN B 103 -19.29 25.52 -24.89
N TYR B 104 -18.13 25.17 -25.40
CA TYR B 104 -17.09 26.13 -25.72
C TYR B 104 -17.05 26.33 -27.22
N ALA B 105 -16.63 27.52 -27.62
CA ALA B 105 -16.65 28.04 -28.98
C ALA B 105 -18.04 27.89 -29.59
N PRO B 106 -19.01 28.71 -29.19
CA PRO B 106 -20.33 28.64 -29.82
C PRO B 106 -20.32 29.27 -31.20
N ASN B 107 -21.51 29.35 -31.82
CA ASN B 107 -21.84 29.79 -33.18
C ASN B 107 -20.79 29.43 -34.24
N LEU B 108 -20.27 28.21 -34.14
CA LEU B 108 -19.27 27.69 -35.06
C LEU B 108 -19.97 26.80 -36.08
N LEU B 109 -19.65 27.00 -37.35
CA LEU B 109 -20.36 26.34 -38.43
C LEU B 109 -19.54 25.22 -39.07
N SER B 110 -18.44 24.83 -38.46
CA SER B 110 -17.57 23.81 -39.01
C SER B 110 -18.10 22.43 -38.62
N ASN B 111 -17.26 21.41 -38.82
CA ASN B 111 -17.63 20.06 -38.43
C ASN B 111 -17.55 19.89 -36.92
N MET B 112 -16.42 20.28 -36.33
CA MET B 112 -16.22 20.09 -34.90
C MET B 112 -17.05 21.09 -34.11
N ARG B 113 -18.24 20.68 -33.68
CA ARG B 113 -19.13 21.52 -32.89
C ARG B 113 -19.41 20.94 -31.52
N GLY B 114 -19.86 19.68 -31.47
CA GLY B 114 -20.30 19.10 -30.23
C GLY B 114 -19.18 18.69 -29.30
N GLU B 115 -17.94 18.76 -29.75
CA GLU B 115 -16.82 18.45 -28.89
C GLU B 115 -16.44 19.66 -28.07
N LEU B 116 -15.50 19.45 -27.14
CA LEU B 116 -14.82 20.48 -26.36
C LEU B 116 -15.80 21.35 -25.58
N LYS B 117 -16.42 20.74 -24.58
CA LYS B 117 -17.20 21.48 -23.61
C LYS B 117 -16.28 22.13 -22.59
N GLN B 118 -16.66 23.33 -22.13
CA GLN B 118 -15.91 24.08 -21.13
C GLN B 118 -16.63 24.01 -19.79
N CYS B 119 -15.94 23.52 -18.77
CA CYS B 119 -16.57 23.23 -17.50
C CYS B 119 -15.85 23.99 -16.39
N SER B 120 -16.44 23.95 -15.20
CA SER B 120 -15.86 24.60 -14.02
C SER B 120 -16.34 23.88 -12.77
N PHE B 121 -15.49 23.86 -11.75
CA PHE B 121 -15.79 23.08 -10.56
C PHE B 121 -14.96 23.60 -9.39
N ASN B 122 -15.17 23.00 -8.21
CA ASN B 122 -14.40 23.30 -7.01
C ASN B 122 -13.42 22.17 -6.75
N MET B 123 -12.35 22.48 -6.03
CA MET B 123 -11.30 21.52 -5.76
C MET B 123 -10.49 21.95 -4.54
N THR B 124 -10.19 20.99 -3.68
CA THR B 124 -9.39 21.23 -2.49
C THR B 124 -7.94 21.48 -2.86
N THR B 125 -7.27 22.27 -2.03
CA THR B 125 -5.87 22.66 -2.21
C THR B 125 -5.01 22.06 -1.11
N GLU B 126 -3.76 22.52 -1.05
CA GLU B 126 -2.82 22.14 0.01
C GLU B 126 -3.39 22.36 1.39
N LEU B 127 -3.79 23.59 1.68
CA LEU B 127 -4.44 23.89 2.94
C LEU B 127 -5.81 23.22 2.98
N ARG B 128 -6.06 22.48 4.07
CA ARG B 128 -7.20 21.59 4.12
C ARG B 128 -8.53 22.33 4.19
N ASP B 129 -8.55 23.54 4.71
CA ASP B 129 -9.78 24.29 4.83
C ASP B 129 -9.97 25.38 3.79
N LYS B 130 -9.05 25.51 2.85
CA LYS B 130 -9.27 26.41 1.73
C LYS B 130 -9.66 25.61 0.50
N LYS B 131 -10.41 26.26 -0.38
CA LYS B 131 -10.85 25.63 -1.61
C LYS B 131 -10.36 26.48 -2.78
N GLN B 132 -10.68 26.04 -3.99
CA GLN B 132 -10.10 26.65 -5.17
C GLN B 132 -11.02 26.46 -6.36
N LYS B 133 -11.22 27.53 -7.11
CA LYS B 133 -12.00 27.49 -8.34
C LYS B 133 -11.05 27.38 -9.53
N VAL B 134 -11.50 26.71 -10.59
CA VAL B 134 -10.66 26.46 -11.75
C VAL B 134 -11.54 26.33 -12.98
N TYR B 135 -10.99 26.69 -14.13
CA TYR B 135 -11.65 26.52 -15.41
C TYR B 135 -10.86 25.54 -16.27
N SER B 136 -11.56 24.74 -17.06
CA SER B 136 -10.90 23.74 -17.90
C SER B 136 -11.82 23.31 -19.03
N LEU B 137 -11.30 22.44 -19.88
CA LEU B 137 -11.98 21.92 -21.05
C LEU B 137 -11.94 20.40 -21.03
N PHE B 138 -12.93 19.78 -21.68
CA PHE B 138 -12.94 18.34 -21.87
C PHE B 138 -13.64 18.00 -23.16
N TYR B 139 -13.22 16.90 -23.78
CA TYR B 139 -13.85 16.43 -25.00
C TYR B 139 -15.22 15.83 -24.71
N ARG B 140 -15.98 15.59 -25.78
CA ARG B 140 -17.37 15.16 -25.64
C ARG B 140 -17.47 13.72 -25.16
N LEU B 141 -16.53 12.86 -25.54
CA LEU B 141 -16.64 11.44 -25.26
C LEU B 141 -16.18 11.08 -23.85
N ASP B 142 -16.17 12.03 -22.93
CA ASP B 142 -15.72 11.77 -21.57
C ASP B 142 -16.64 12.33 -20.49
N VAL B 143 -17.58 13.20 -20.83
CA VAL B 143 -18.50 13.73 -19.84
C VAL B 143 -19.90 13.24 -20.17
N VAL B 144 -20.69 13.01 -19.12
CA VAL B 144 -22.04 12.48 -19.23
C VAL B 144 -22.94 13.34 -18.37
N GLN B 145 -24.05 13.80 -18.93
CA GLN B 145 -24.98 14.59 -18.15
C GLN B 145 -25.75 13.70 -17.18
N ILE B 146 -26.20 14.31 -16.09
CA ILE B 146 -26.97 13.63 -15.08
C ILE B 146 -28.31 14.36 -14.95
N ASN B 147 -29.35 13.62 -14.58
CA ASN B 147 -30.66 14.20 -14.40
C ASN B 147 -31.10 14.06 -12.95
N SER B 157 -29.92 27.99 -18.91
CA SER B 157 -28.94 27.74 -17.85
C SER B 157 -27.95 26.66 -18.26
N ASN B 158 -27.10 26.26 -17.33
CA ASN B 158 -26.11 25.23 -17.59
C ASN B 158 -26.56 23.90 -17.02
N LYS B 159 -26.08 22.83 -17.63
CA LYS B 159 -26.37 21.49 -17.17
C LYS B 159 -25.26 21.01 -16.24
N GLU B 160 -25.38 19.78 -15.76
CA GLU B 160 -24.49 19.23 -14.75
C GLU B 160 -23.94 17.91 -15.26
N TYR B 161 -22.65 17.89 -15.57
CA TYR B 161 -21.97 16.71 -16.09
C TYR B 161 -21.10 16.08 -15.01
N ARG B 162 -20.81 14.80 -15.20
CA ARG B 162 -19.82 14.11 -14.40
C ARG B 162 -18.91 13.32 -15.34
N LEU B 163 -17.93 12.63 -14.75
CA LEU B 163 -17.01 11.85 -15.55
C LEU B 163 -17.65 10.54 -15.96
N ILE B 164 -17.15 9.96 -17.06
CA ILE B 164 -17.80 8.76 -17.59
C ILE B 164 -17.43 7.54 -16.76
N ASN B 165 -16.34 7.57 -16.03
CA ASN B 165 -16.01 6.43 -15.19
C ASN B 165 -15.75 6.89 -13.78
N CYS B 166 -16.58 7.80 -13.30
CA CYS B 166 -16.58 8.03 -11.87
C CYS B 166 -17.30 6.91 -11.15
N ASN B 167 -18.37 6.38 -11.73
CA ASN B 167 -18.82 5.06 -11.28
C ASN B 167 -17.94 3.98 -11.92
N THR B 168 -18.07 2.76 -11.39
CA THR B 168 -17.54 1.47 -11.85
C THR B 168 -16.02 1.33 -11.70
N SER B 169 -15.33 2.39 -11.34
CA SER B 169 -13.88 2.36 -11.22
C SER B 169 -13.38 3.51 -10.36
N ALA B 170 -12.14 3.39 -9.91
CA ALA B 170 -11.40 4.50 -9.34
C ALA B 170 -10.28 4.85 -10.31
N ILE B 171 -10.18 6.12 -10.67
CA ILE B 171 -9.32 6.48 -11.79
C ILE B 171 -8.03 7.12 -11.29
N THR B 172 -6.94 6.86 -12.01
CA THR B 172 -5.62 7.33 -11.64
C THR B 172 -4.99 8.11 -12.79
N GLN B 173 -4.09 9.01 -12.43
CA GLN B 173 -3.34 9.80 -13.41
C GLN B 173 -1.97 9.17 -13.62
N ALA B 174 -1.55 9.09 -14.88
CA ALA B 174 -0.21 8.62 -15.19
C ALA B 174 0.80 9.69 -14.84
N CYS B 175 2.02 9.28 -14.53
CA CYS B 175 3.08 10.23 -14.28
C CYS B 175 3.52 10.86 -15.59
N PRO B 176 3.61 12.19 -15.68
CA PRO B 176 3.76 12.85 -16.98
C PRO B 176 5.17 12.80 -17.53
N LYS B 177 6.14 12.38 -16.75
CA LYS B 177 7.51 12.38 -17.24
C LYS B 177 7.81 11.15 -18.09
N VAL B 178 7.26 9.99 -17.72
CA VAL B 178 7.57 8.76 -18.43
C VAL B 178 6.89 8.74 -19.80
N SER B 179 7.30 7.80 -20.63
CA SER B 179 6.96 7.79 -22.04
C SER B 179 6.20 6.52 -22.39
N PHE B 180 5.84 6.39 -23.66
CA PHE B 180 5.12 5.21 -24.15
C PHE B 180 5.62 4.70 -25.48
N GLU B 181 6.74 5.20 -25.98
CA GLU B 181 7.15 4.85 -27.33
C GLU B 181 7.82 3.49 -27.31
N PRO B 182 7.57 2.64 -28.31
CA PRO B 182 8.06 1.26 -28.27
C PRO B 182 9.56 1.17 -28.47
N ILE B 183 10.27 0.76 -27.42
CA ILE B 183 11.69 0.47 -27.50
C ILE B 183 11.79 -1.03 -27.80
N PRO B 184 12.71 -1.47 -28.66
CA PRO B 184 12.77 -2.89 -28.99
C PRO B 184 13.32 -3.71 -27.84
N ILE B 185 12.85 -4.96 -27.74
CA ILE B 185 13.32 -5.89 -26.72
C ILE B 185 13.63 -7.22 -27.38
N HIS B 186 14.15 -8.15 -26.57
CA HIS B 186 14.39 -9.52 -26.97
C HIS B 186 13.91 -10.44 -25.86
N TYR B 187 13.43 -11.61 -26.23
CA TYR B 187 13.11 -12.66 -25.26
C TYR B 187 14.24 -13.68 -25.29
N CYS B 188 14.85 -13.94 -24.15
CA CYS B 188 16.03 -14.80 -24.12
C CYS B 188 15.85 -15.89 -23.08
N ALA B 189 16.23 -17.11 -23.45
CA ALA B 189 16.05 -18.45 -22.91
C ALA B 189 17.14 -18.78 -21.92
N PRO B 190 16.79 -19.47 -20.83
CA PRO B 190 17.81 -19.85 -19.84
C PRO B 190 18.61 -21.04 -20.31
N ALA B 191 19.62 -21.43 -19.53
CA ALA B 191 20.42 -22.59 -19.88
C ALA B 191 19.59 -23.86 -19.78
N GLY B 192 19.98 -24.86 -20.56
CA GLY B 192 19.21 -26.07 -20.64
C GLY B 192 18.08 -26.04 -21.66
N PHE B 193 18.01 -24.99 -22.47
CA PHE B 193 16.98 -24.87 -23.48
C PHE B 193 17.62 -24.29 -24.74
N ALA B 194 16.81 -24.17 -25.79
CA ALA B 194 17.24 -23.56 -27.03
C ALA B 194 16.02 -23.02 -27.74
N ILE B 195 16.26 -22.30 -28.83
CA ILE B 195 15.19 -21.71 -29.62
C ILE B 195 15.44 -22.07 -31.08
N LEU B 196 14.46 -22.69 -31.72
CA LEU B 196 14.54 -23.01 -33.13
C LEU B 196 13.95 -21.89 -33.96
N LYS B 197 14.45 -21.73 -35.18
CA LYS B 197 14.05 -20.62 -36.05
C LYS B 197 13.94 -21.10 -37.48
N CYS B 198 12.71 -21.23 -37.97
CA CYS B 198 12.44 -21.62 -39.35
C CYS B 198 12.87 -20.51 -40.30
N LYS B 199 13.74 -20.85 -41.25
CA LYS B 199 14.25 -19.88 -42.23
C LYS B 199 13.71 -20.20 -43.63
N ASP B 200 12.42 -20.50 -43.72
CA ASP B 200 11.79 -20.77 -45.00
C ASP B 200 11.32 -19.48 -45.64
N LYS B 201 11.25 -19.49 -46.97
CA LYS B 201 10.83 -18.31 -47.71
C LYS B 201 9.32 -18.13 -47.64
N LYS B 202 8.58 -19.10 -48.17
CA LYS B 202 7.13 -19.11 -48.06
C LYS B 202 6.74 -20.16 -47.02
N PHE B 203 5.79 -19.80 -46.16
CA PHE B 203 5.47 -20.64 -45.01
C PHE B 203 4.08 -20.28 -44.51
N ASN B 204 3.12 -21.19 -44.69
CA ASN B 204 1.93 -21.11 -43.88
C ASN B 204 2.25 -21.64 -42.49
N GLY B 205 1.46 -21.22 -41.51
CA GLY B 205 1.81 -21.40 -40.11
C GLY B 205 1.89 -22.82 -39.57
N THR B 206 1.32 -23.77 -40.28
CA THR B 206 1.32 -25.15 -39.83
C THR B 206 1.90 -26.03 -40.91
N GLY B 207 2.87 -26.85 -40.51
CA GLY B 207 3.54 -27.74 -41.43
C GLY B 207 5.00 -27.88 -41.07
N PRO B 208 5.71 -28.76 -41.77
CA PRO B 208 7.14 -28.87 -41.57
C PRO B 208 7.89 -27.71 -42.22
N CYS B 209 9.15 -27.57 -41.81
CA CYS B 209 10.03 -26.53 -42.30
C CYS B 209 11.41 -27.16 -42.46
N PRO B 210 11.89 -27.32 -43.69
CA PRO B 210 13.17 -28.02 -43.92
C PRO B 210 14.42 -27.18 -43.72
N SER B 211 14.31 -25.95 -43.22
CA SER B 211 15.46 -25.07 -43.05
C SER B 211 15.32 -24.34 -41.71
N VAL B 212 15.92 -24.89 -40.66
CA VAL B 212 15.85 -24.30 -39.34
C VAL B 212 17.25 -23.87 -38.91
N SER B 213 17.30 -23.09 -37.85
CA SER B 213 18.57 -22.69 -37.26
C SER B 213 18.36 -22.44 -35.77
N THR B 214 19.42 -22.62 -35.00
CA THR B 214 19.37 -22.41 -33.57
C THR B 214 19.94 -21.04 -33.23
N VAL B 215 19.14 -20.24 -32.54
CA VAL B 215 19.53 -18.91 -32.10
C VAL B 215 19.36 -18.87 -30.60
N GLN B 216 20.34 -18.27 -29.92
CA GLN B 216 20.28 -18.11 -28.47
C GLN B 216 19.10 -17.24 -28.05
N CYS B 217 18.96 -16.06 -28.65
CA CYS B 217 17.74 -15.27 -28.48
C CYS B 217 17.49 -14.32 -29.64
N THR B 218 16.22 -13.95 -29.75
CA THR B 218 15.58 -13.50 -30.97
C THR B 218 15.98 -12.08 -31.36
N HIS B 219 15.43 -11.61 -32.46
CA HIS B 219 15.65 -10.27 -32.97
C HIS B 219 14.73 -9.30 -32.24
N GLY B 220 14.76 -8.03 -32.64
CA GLY B 220 14.03 -7.02 -31.91
C GLY B 220 12.54 -7.13 -32.12
N ILE B 221 11.79 -6.97 -31.02
CA ILE B 221 10.35 -7.03 -31.06
C ILE B 221 9.79 -5.71 -30.58
N LYS B 222 9.11 -4.98 -31.44
CA LYS B 222 8.47 -3.75 -31.00
C LYS B 222 7.08 -4.07 -30.48
N PRO B 223 6.79 -3.81 -29.22
CA PRO B 223 5.46 -4.15 -28.67
C PRO B 223 4.45 -3.04 -28.91
N VAL B 224 4.14 -2.80 -30.18
CA VAL B 224 3.20 -1.76 -30.55
C VAL B 224 1.78 -2.20 -30.21
N VAL B 225 0.95 -1.25 -29.81
CA VAL B 225 -0.42 -1.52 -29.38
C VAL B 225 -1.36 -0.90 -30.39
N SER B 226 -2.14 -1.74 -31.08
CA SER B 226 -3.02 -1.24 -32.11
C SER B 226 -4.14 -2.23 -32.35
N THR B 227 -5.20 -1.73 -32.97
CA THR B 227 -6.35 -2.53 -33.36
C THR B 227 -6.64 -2.31 -34.83
N GLN B 228 -7.12 -3.38 -35.49
CA GLN B 228 -7.69 -3.44 -36.84
C GLN B 228 -6.63 -3.29 -37.93
N LEU B 229 -5.42 -2.85 -37.59
CA LEU B 229 -4.33 -2.67 -38.55
C LEU B 229 -3.04 -3.00 -37.82
N LEU B 230 -1.97 -3.16 -38.58
CA LEU B 230 -0.67 -3.52 -38.00
C LEU B 230 0.31 -2.41 -38.34
N LEU B 231 0.62 -1.57 -37.35
CA LEU B 231 1.56 -0.49 -37.60
C LEU B 231 2.99 -1.02 -37.51
N ASN B 232 3.95 -0.10 -37.44
CA ASN B 232 5.26 -0.34 -38.05
C ASN B 232 6.10 -1.38 -37.33
N GLY B 233 5.78 -2.64 -37.62
CA GLY B 233 6.59 -3.78 -37.26
C GLY B 233 7.48 -4.21 -38.40
N SER B 234 7.45 -5.49 -38.76
CA SER B 234 8.40 -6.03 -39.72
C SER B 234 7.73 -6.11 -41.09
N LEU B 235 8.43 -6.71 -42.04
CA LEU B 235 7.99 -6.89 -43.41
C LEU B 235 7.90 -8.37 -43.75
N ALA B 236 7.66 -8.64 -45.03
CA ALA B 236 7.69 -10.00 -45.55
C ALA B 236 8.59 -10.06 -46.78
N GLU B 237 8.62 -11.21 -47.44
CA GLU B 237 9.40 -11.36 -48.65
C GLU B 237 8.53 -11.06 -49.86
N GLU B 238 9.01 -11.41 -51.06
CA GLU B 238 8.60 -10.81 -52.34
C GLU B 238 7.13 -10.99 -52.70
N GLU B 239 6.38 -11.86 -52.03
CA GLU B 239 4.97 -12.03 -52.34
C GLU B 239 4.17 -11.99 -51.05
N VAL B 240 3.01 -11.33 -51.08
CA VAL B 240 2.18 -11.21 -49.91
C VAL B 240 1.55 -12.56 -49.57
N ILE B 241 1.32 -12.79 -48.28
CA ILE B 241 1.00 -14.10 -47.74
C ILE B 241 -0.28 -13.99 -46.91
N ILE B 242 -1.18 -14.95 -47.10
CA ILE B 242 -2.31 -15.11 -46.21
C ILE B 242 -1.98 -16.23 -45.22
N ARG B 243 -2.39 -16.05 -43.99
CA ARG B 243 -2.21 -17.06 -42.96
C ARG B 243 -3.45 -17.10 -42.09
N SER B 244 -3.90 -18.30 -41.78
CA SER B 244 -5.06 -18.51 -40.94
C SER B 244 -4.93 -19.90 -40.32
N GLU B 245 -6.03 -20.40 -39.79
CA GLU B 245 -6.07 -21.74 -39.26
C GLU B 245 -6.82 -22.71 -40.14
N ASN B 246 -7.99 -22.31 -40.65
CA ASN B 246 -8.72 -23.15 -41.58
C ASN B 246 -9.63 -22.22 -42.37
N ILE B 247 -9.38 -22.12 -43.68
CA ILE B 247 -10.07 -21.16 -44.53
C ILE B 247 -11.54 -21.54 -44.67
N THR B 248 -11.85 -22.83 -44.55
CA THR B 248 -13.23 -23.28 -44.66
C THR B 248 -14.08 -22.86 -43.46
N ASN B 249 -13.45 -22.58 -42.33
CA ASN B 249 -14.16 -22.15 -41.14
C ASN B 249 -14.05 -20.63 -41.02
N ASN B 250 -15.18 -19.95 -40.94
CA ASN B 250 -15.22 -18.50 -40.83
C ASN B 250 -15.12 -18.02 -39.40
N ALA B 251 -14.88 -18.91 -38.45
CA ALA B 251 -14.83 -18.52 -37.05
C ALA B 251 -13.51 -17.88 -36.66
N LYS B 252 -12.40 -18.32 -37.26
CA LYS B 252 -11.10 -17.80 -36.89
C LYS B 252 -10.85 -16.47 -37.59
N ASN B 253 -9.63 -15.97 -37.44
CA ASN B 253 -9.25 -14.71 -38.05
C ASN B 253 -8.40 -14.97 -39.28
N ILE B 254 -8.04 -13.89 -39.98
CA ILE B 254 -7.16 -13.98 -41.14
C ILE B 254 -6.04 -12.98 -40.97
N LEU B 255 -4.80 -13.47 -40.98
CA LEU B 255 -3.63 -12.61 -40.91
C LEU B 255 -2.99 -12.54 -42.28
N VAL B 256 -2.91 -11.34 -42.84
CA VAL B 256 -2.19 -11.10 -44.08
C VAL B 256 -0.97 -10.26 -43.77
N GLN B 257 0.03 -10.33 -44.63
CA GLN B 257 1.29 -9.64 -44.43
C GLN B 257 1.76 -9.08 -45.75
N LEU B 258 2.18 -7.82 -45.73
CA LEU B 258 2.58 -7.13 -46.94
C LEU B 258 4.10 -7.16 -47.09
N ASN B 259 4.56 -6.81 -48.29
CA ASN B 259 5.98 -6.68 -48.56
C ASN B 259 6.43 -5.24 -48.75
N THR B 260 5.76 -4.48 -49.60
CA THR B 260 6.09 -3.07 -49.78
C THR B 260 5.22 -2.25 -48.85
N PRO B 261 5.79 -1.59 -47.85
CA PRO B 261 4.96 -0.82 -46.92
C PRO B 261 4.48 0.47 -47.56
N VAL B 262 3.20 0.71 -47.43
CA VAL B 262 2.60 1.97 -47.86
C VAL B 262 2.58 2.91 -46.66
N GLN B 263 2.75 4.19 -46.90
CA GLN B 263 2.92 5.08 -45.78
C GLN B 263 1.58 5.55 -45.25
N ILE B 264 1.63 6.20 -44.10
CA ILE B 264 0.46 6.82 -43.50
C ILE B 264 0.92 8.04 -42.69
N ASN B 265 0.21 9.14 -42.82
CA ASN B 265 0.49 10.32 -42.01
C ASN B 265 -0.72 10.65 -41.17
N CYS B 266 -0.47 10.97 -39.90
CA CYS B 266 -1.53 11.38 -38.98
C CYS B 266 -1.00 12.51 -38.13
N THR B 267 -1.87 13.46 -37.81
CA THR B 267 -1.46 14.63 -37.05
C THR B 267 -2.65 15.23 -36.33
N ARG B 268 -2.36 16.20 -35.47
CA ARG B 268 -3.38 17.04 -34.87
C ARG B 268 -2.85 18.46 -34.76
N PRO B 269 -3.53 19.46 -35.30
CA PRO B 269 -2.91 20.77 -35.53
C PRO B 269 -3.14 21.85 -34.48
N ASN B 270 -3.80 21.56 -33.37
CA ASN B 270 -4.01 22.61 -32.38
C ASN B 270 -2.74 22.84 -31.56
N ASN B 271 -2.77 23.83 -30.68
CA ASN B 271 -1.53 24.26 -30.04
C ASN B 271 -1.47 23.79 -28.58
N ASN B 272 -2.56 23.98 -27.83
CA ASN B 272 -2.77 23.43 -26.50
C ASN B 272 -1.78 23.81 -25.41
N THR B 273 -1.84 25.03 -24.90
CA THR B 273 -1.21 25.38 -23.63
C THR B 273 -1.75 24.49 -22.53
N VAL B 274 -0.92 24.20 -21.54
CA VAL B 274 -1.34 23.41 -20.39
C VAL B 274 -1.11 24.22 -19.13
N LYS B 275 -1.79 23.83 -18.05
CA LYS B 275 -1.69 24.49 -16.77
C LYS B 275 -1.53 23.46 -15.67
N SER B 276 -1.36 23.94 -14.45
CA SER B 276 -1.04 23.09 -13.32
C SER B 276 -1.76 23.55 -12.07
N ILE B 277 -1.93 22.63 -11.13
CA ILE B 277 -2.62 22.91 -9.88
C ILE B 277 -2.12 21.91 -8.84
N ARG B 278 -2.15 22.32 -7.59
CA ARG B 278 -1.68 21.49 -6.48
C ARG B 278 -2.88 20.91 -5.77
N ILE B 279 -3.03 19.59 -5.84
CA ILE B 279 -4.24 18.93 -5.39
C ILE B 279 -4.24 18.70 -3.88
N GLY B 280 -3.12 18.21 -3.35
CA GLY B 280 -2.98 17.97 -1.94
C GLY B 280 -1.59 18.29 -1.47
N PRO B 281 -1.20 17.75 -0.32
CA PRO B 281 0.19 17.91 0.13
C PRO B 281 1.17 17.13 -0.73
N GLY B 282 1.96 17.84 -1.52
CA GLY B 282 3.02 17.24 -2.31
C GLY B 282 2.59 16.68 -3.64
N GLN B 283 1.32 16.37 -3.83
CA GLN B 283 0.87 15.79 -5.08
C GLN B 283 0.66 16.90 -6.11
N ALA B 284 0.40 16.50 -7.35
CA ALA B 284 0.26 17.47 -8.43
C ALA B 284 -0.76 16.95 -9.44
N PHE B 285 -1.42 17.89 -10.13
CA PHE B 285 -2.43 17.53 -11.14
C PHE B 285 -2.28 18.47 -12.33
N TYR B 286 -2.11 17.88 -13.50
CA TYR B 286 -2.12 18.62 -14.75
C TYR B 286 -3.50 18.55 -15.37
N TYR B 287 -3.84 19.55 -16.19
CA TYR B 287 -5.11 19.53 -16.89
C TYR B 287 -4.97 20.30 -18.19
N PHE B 288 -6.10 20.44 -18.88
CA PHE B 288 -6.10 20.97 -20.24
C PHE B 288 -6.37 22.47 -20.21
N GLY B 289 -5.55 23.22 -20.92
CA GLY B 289 -5.66 24.67 -20.89
C GLY B 289 -6.64 25.20 -21.93
N ASP B 290 -6.17 26.07 -22.82
CA ASP B 290 -7.02 26.71 -23.79
C ASP B 290 -6.46 26.49 -25.20
N ILE B 291 -7.07 27.16 -26.17
CA ILE B 291 -6.76 27.00 -27.58
C ILE B 291 -6.22 28.32 -28.10
N ILE B 292 -5.02 28.29 -28.67
CA ILE B 292 -4.45 29.44 -29.35
C ILE B 292 -4.28 29.04 -30.81
N GLY B 293 -5.10 29.61 -31.68
CA GLY B 293 -5.01 29.30 -33.09
C GLY B 293 -6.35 29.10 -33.75
N ASP B 294 -6.54 27.94 -34.38
CA ASP B 294 -7.75 27.66 -35.14
C ASP B 294 -8.32 26.33 -34.70
N ILE B 295 -9.62 26.28 -34.46
CA ILE B 295 -10.27 25.01 -34.16
C ILE B 295 -10.27 24.15 -35.41
N ARG B 296 -9.58 23.02 -35.35
CA ARG B 296 -9.52 22.12 -36.48
C ARG B 296 -9.88 20.73 -35.99
N MET B 297 -9.70 19.71 -36.82
CA MET B 297 -10.02 18.34 -36.46
C MET B 297 -8.88 17.43 -36.86
N ALA B 298 -8.48 16.55 -35.94
CA ALA B 298 -7.37 15.65 -36.23
C ALA B 298 -7.79 14.60 -37.25
N HIS B 299 -6.84 14.23 -38.11
CA HIS B 299 -7.17 13.43 -39.27
C HIS B 299 -5.93 12.68 -39.74
N CYS B 300 -6.11 11.86 -40.78
CA CYS B 300 -5.04 11.03 -41.30
C CYS B 300 -5.11 10.98 -42.82
N ASN B 301 -3.94 10.88 -43.45
CA ASN B 301 -3.82 10.73 -44.89
C ASN B 301 -3.18 9.42 -45.26
N VAL B 302 -3.43 9.00 -46.50
CA VAL B 302 -2.77 7.85 -47.10
C VAL B 302 -2.79 8.06 -48.61
N SER B 303 -1.73 7.61 -49.28
CA SER B 303 -1.62 7.77 -50.72
C SER B 303 -2.60 6.86 -51.43
N LYS B 304 -3.41 7.45 -52.32
CA LYS B 304 -4.57 6.79 -52.89
C LYS B 304 -4.20 5.67 -53.85
N ALA B 305 -3.25 5.92 -54.75
CA ALA B 305 -2.96 4.98 -55.82
C ALA B 305 -2.30 3.72 -55.30
N THR B 306 -1.36 3.87 -54.37
CA THR B 306 -0.63 2.70 -53.91
C THR B 306 -1.45 1.86 -52.93
N TRP B 307 -2.49 2.44 -52.34
CA TRP B 307 -3.37 1.64 -51.49
C TRP B 307 -4.28 0.77 -52.33
N ASN B 308 -4.78 1.32 -53.44
CA ASN B 308 -5.59 0.55 -54.37
C ASN B 308 -4.80 -0.61 -54.96
N GLU B 309 -3.54 -0.37 -55.30
CA GLU B 309 -2.72 -1.42 -55.88
C GLU B 309 -2.41 -2.50 -54.86
N THR B 310 -2.34 -2.10 -53.58
CA THR B 310 -2.08 -3.08 -52.54
C THR B 310 -3.29 -3.97 -52.31
N LEU B 311 -4.49 -3.39 -52.41
CA LEU B 311 -5.70 -4.20 -52.31
C LEU B 311 -5.83 -5.11 -53.52
N GLY B 312 -5.40 -4.63 -54.69
CA GLY B 312 -5.47 -5.47 -55.88
C GLY B 312 -4.48 -6.62 -55.82
N LYS B 313 -3.37 -6.43 -55.12
CA LYS B 313 -2.41 -7.50 -54.98
C LYS B 313 -2.91 -8.56 -54.00
N VAL B 314 -3.52 -8.13 -52.89
CA VAL B 314 -3.92 -9.08 -51.87
C VAL B 314 -5.17 -9.83 -52.30
N VAL B 315 -5.95 -9.27 -53.22
CA VAL B 315 -7.15 -9.98 -53.64
C VAL B 315 -6.77 -11.05 -54.67
N LYS B 316 -5.64 -10.88 -55.36
CA LYS B 316 -5.18 -11.92 -56.27
C LYS B 316 -4.69 -13.13 -55.51
N GLN B 317 -3.99 -12.90 -54.41
CA GLN B 317 -3.54 -14.00 -53.56
C GLN B 317 -4.70 -14.69 -52.87
N LEU B 318 -5.81 -13.99 -52.64
CA LEU B 318 -6.93 -14.58 -51.94
C LEU B 318 -7.73 -15.53 -52.82
N ARG B 319 -7.64 -15.38 -54.14
CA ARG B 319 -8.51 -16.15 -55.03
C ARG B 319 -8.12 -17.61 -55.15
N LYS B 320 -6.97 -18.01 -54.61
CA LYS B 320 -6.53 -19.39 -54.74
C LYS B 320 -7.34 -20.37 -53.90
N HIS B 321 -8.20 -19.89 -53.01
CA HIS B 321 -9.00 -20.75 -52.16
C HIS B 321 -10.48 -20.68 -52.48
N PHE B 322 -10.88 -20.01 -53.54
CA PHE B 322 -12.29 -19.82 -53.84
C PHE B 322 -12.54 -19.97 -55.33
N GLY B 323 -11.55 -20.51 -56.05
CA GLY B 323 -11.72 -20.69 -57.49
C GLY B 323 -11.65 -19.36 -58.22
N ASN B 324 -12.48 -19.21 -59.25
CA ASN B 324 -12.53 -17.98 -60.01
C ASN B 324 -13.98 -17.63 -60.28
N ASN B 325 -14.16 -16.43 -60.87
CA ASN B 325 -15.46 -15.80 -61.12
C ASN B 325 -16.29 -15.71 -59.84
N THR B 326 -15.65 -15.25 -58.77
CA THR B 326 -16.29 -15.09 -57.46
C THR B 326 -16.16 -13.65 -57.03
N ILE B 327 -17.29 -13.01 -56.75
CA ILE B 327 -17.32 -11.58 -56.46
C ILE B 327 -16.74 -11.36 -55.06
N ILE B 328 -15.70 -10.54 -54.97
CA ILE B 328 -15.09 -10.18 -53.70
C ILE B 328 -15.51 -8.77 -53.34
N ARG B 329 -16.09 -8.60 -52.16
CA ARG B 329 -16.52 -7.29 -51.69
C ARG B 329 -15.90 -7.01 -50.35
N PHE B 330 -15.49 -5.77 -50.13
CA PHE B 330 -15.10 -5.30 -48.82
C PHE B 330 -16.24 -4.51 -48.21
N ALA B 331 -16.22 -4.37 -46.89
CA ALA B 331 -17.31 -3.72 -46.18
C ALA B 331 -16.77 -3.10 -44.90
N GLN B 332 -17.60 -2.30 -44.25
CA GLN B 332 -17.20 -1.61 -43.03
C GLN B 332 -17.28 -2.56 -41.85
N SER B 333 -17.00 -2.05 -40.65
CA SER B 333 -17.07 -2.85 -39.45
C SER B 333 -18.52 -3.14 -39.08
N SER B 334 -18.71 -4.03 -38.11
CA SER B 334 -20.04 -4.50 -37.75
C SER B 334 -20.63 -3.77 -36.56
N GLY B 335 -19.91 -3.71 -35.44
CA GLY B 335 -20.43 -3.08 -34.26
C GLY B 335 -19.50 -3.32 -33.08
N GLY B 336 -20.02 -3.03 -31.89
CA GLY B 336 -19.25 -3.21 -30.70
C GLY B 336 -18.72 -1.91 -30.14
N ASP B 337 -17.77 -1.98 -29.21
CA ASP B 337 -17.25 -0.77 -28.59
C ASP B 337 -16.28 -0.08 -29.52
N LEU B 338 -15.85 1.11 -29.09
CA LEU B 338 -15.04 2.01 -29.88
C LEU B 338 -13.65 1.46 -30.18
N GLU B 339 -13.11 0.58 -29.34
CA GLU B 339 -11.76 0.07 -29.53
C GLU B 339 -11.64 -0.83 -30.75
N VAL B 340 -12.75 -1.37 -31.27
CA VAL B 340 -12.66 -2.32 -32.38
C VAL B 340 -13.31 -1.71 -33.62
N THR B 341 -14.44 -1.03 -33.44
CA THR B 341 -15.20 -0.54 -34.58
C THR B 341 -14.51 0.59 -35.32
N THR B 342 -13.50 1.21 -34.74
CA THR B 342 -12.68 2.18 -35.43
C THR B 342 -11.23 1.72 -35.37
N HIS B 343 -10.32 2.47 -35.97
CA HIS B 343 -8.89 2.20 -35.84
C HIS B 343 -8.35 3.08 -34.73
N SER B 344 -7.44 2.53 -33.93
CA SER B 344 -6.93 3.20 -32.74
C SER B 344 -5.48 2.83 -32.51
N PHE B 345 -4.69 3.81 -32.09
CA PHE B 345 -3.29 3.63 -31.78
C PHE B 345 -2.82 4.79 -30.92
N ASN B 346 -1.54 4.79 -30.58
CA ASN B 346 -0.93 5.85 -29.80
C ASN B 346 0.17 6.52 -30.61
N CYS B 347 0.02 7.83 -30.77
CA CYS B 347 1.01 8.66 -31.46
C CYS B 347 1.63 9.59 -30.43
N GLY B 348 2.80 9.24 -29.94
CA GLY B 348 3.62 10.15 -29.16
C GLY B 348 3.12 10.55 -27.79
N GLY B 349 2.03 9.94 -27.32
CA GLY B 349 1.54 10.22 -25.98
C GLY B 349 0.06 10.53 -25.86
N GLU B 350 -0.70 10.67 -26.93
CA GLU B 350 -2.15 10.75 -26.81
C GLU B 350 -2.78 9.74 -27.76
N PHE B 351 -4.03 9.39 -27.48
CA PHE B 351 -4.66 8.23 -28.10
C PHE B 351 -5.63 8.68 -29.18
N PHE B 352 -5.70 7.92 -30.26
CA PHE B 352 -6.52 8.24 -31.41
C PHE B 352 -7.63 7.23 -31.60
N TYR B 353 -8.67 7.64 -32.32
CA TYR B 353 -9.75 6.75 -32.74
C TYR B 353 -10.21 7.21 -34.12
N CYS B 354 -9.69 6.59 -35.17
CA CYS B 354 -9.91 7.01 -36.55
C CYS B 354 -10.91 6.07 -37.22
N ASN B 355 -11.78 6.63 -38.07
CA ASN B 355 -12.98 5.94 -38.54
C ASN B 355 -12.64 4.80 -39.51
N THR B 356 -11.69 5.01 -40.42
CA THR B 356 -11.27 4.14 -41.52
C THR B 356 -12.42 3.46 -42.28
N SER B 357 -13.55 4.15 -42.41
CA SER B 357 -14.63 3.64 -43.24
C SER B 357 -14.33 3.75 -44.72
N GLY B 358 -13.43 4.65 -45.12
CA GLY B 358 -13.16 4.85 -46.52
C GLY B 358 -12.00 4.03 -47.04
N LEU B 359 -11.75 2.87 -46.43
CA LEU B 359 -10.72 1.98 -46.91
C LEU B 359 -11.19 0.57 -47.18
N PHE B 360 -12.48 0.28 -47.09
CA PHE B 360 -12.99 -1.06 -47.34
C PHE B 360 -14.24 -0.98 -48.20
N ASN B 361 -14.14 -0.19 -49.26
CA ASN B 361 -15.22 0.07 -50.19
C ASN B 361 -15.13 -0.90 -51.36
N SER B 362 -15.61 -0.48 -52.52
CA SER B 362 -16.11 -1.23 -53.68
C SER B 362 -15.48 -2.55 -54.09
N THR B 363 -16.34 -3.37 -54.70
CA THR B 363 -16.14 -4.78 -55.00
C THR B 363 -15.05 -5.01 -56.05
N TRP B 364 -14.88 -6.28 -56.40
CA TRP B 364 -13.90 -6.71 -57.40
C TRP B 364 -14.45 -7.89 -58.17
N ILE B 365 -14.51 -7.76 -59.50
CA ILE B 365 -14.94 -8.82 -60.39
C ILE B 365 -13.70 -9.24 -61.20
N SER B 366 -13.80 -10.38 -61.89
CA SER B 366 -12.63 -10.98 -62.55
C SER B 366 -12.09 -10.12 -63.69
N ASN B 367 -12.95 -9.38 -64.35
CA ASN B 367 -12.50 -8.47 -65.41
C ASN B 367 -12.78 -7.00 -65.06
N ASN B 379 -2.46 10.75 -57.68
CA ASN B 379 -1.70 11.86 -57.15
C ASN B 379 -2.43 12.39 -55.92
N ASP B 380 -3.72 12.07 -55.82
CA ASP B 380 -4.55 12.53 -54.72
C ASP B 380 -4.36 11.63 -53.51
N SER B 381 -5.17 11.82 -52.49
CA SER B 381 -5.02 11.11 -51.23
C SER B 381 -6.35 11.05 -50.51
N ILE B 382 -6.53 10.00 -49.74
CA ILE B 382 -7.76 9.79 -48.98
C ILE B 382 -7.57 10.33 -47.57
N VAL B 383 -8.51 11.14 -47.11
CA VAL B 383 -8.51 11.67 -45.76
C VAL B 383 -9.38 10.78 -44.89
N LEU B 384 -9.17 10.85 -43.58
CA LEU B 384 -9.88 10.04 -42.62
C LEU B 384 -10.20 10.87 -41.39
N PRO B 385 -11.46 11.02 -41.01
CA PRO B 385 -11.78 11.70 -39.75
C PRO B 385 -11.36 10.83 -38.58
N CYS B 386 -11.07 11.48 -37.45
CA CYS B 386 -10.44 10.78 -36.35
C CYS B 386 -10.69 11.56 -35.05
N ARG B 387 -11.43 10.95 -34.12
CA ARG B 387 -11.72 11.59 -32.85
C ARG B 387 -10.78 11.07 -31.77
N ILE B 388 -10.76 11.77 -30.64
CA ILE B 388 -9.76 11.56 -29.58
C ILE B 388 -10.46 11.48 -28.24
N LYS B 389 -10.13 10.46 -27.45
CA LYS B 389 -10.66 10.26 -26.11
C LYS B 389 -9.50 10.29 -25.13
N GLN B 390 -9.73 10.84 -23.94
CA GLN B 390 -8.64 10.94 -22.96
C GLN B 390 -8.59 9.75 -22.04
N ILE B 391 -9.65 9.53 -21.26
CA ILE B 391 -9.67 8.44 -20.30
C ILE B 391 -9.85 7.13 -21.05
N ILE B 392 -8.85 6.25 -20.94
CA ILE B 392 -8.84 5.00 -21.66
C ILE B 392 -8.97 3.85 -20.67
N ASN B 393 -9.52 2.74 -21.16
CA ASN B 393 -9.53 1.51 -20.38
C ASN B 393 -9.06 0.40 -21.33
N MET B 394 -7.76 0.32 -21.51
CA MET B 394 -7.24 -0.82 -22.23
C MET B 394 -7.23 -2.02 -21.30
N TRP B 395 -7.16 -3.20 -21.90
CA TRP B 395 -7.07 -4.52 -21.27
C TRP B 395 -8.29 -4.90 -20.45
N GLN B 396 -9.40 -4.18 -20.57
CA GLN B 396 -10.74 -4.60 -20.19
C GLN B 396 -10.91 -4.86 -18.69
N ARG B 397 -9.95 -4.51 -17.87
CA ARG B 397 -10.01 -4.89 -16.46
C ARG B 397 -10.88 -3.92 -15.70
N ILE B 398 -11.84 -4.46 -14.96
CA ILE B 398 -12.86 -3.66 -14.28
C ILE B 398 -12.27 -3.12 -12.99
N GLY B 399 -12.70 -1.93 -12.58
CA GLY B 399 -12.28 -1.31 -11.35
C GLY B 399 -11.23 -0.24 -11.53
N GLN B 400 -10.47 -0.27 -12.62
CA GLN B 400 -9.38 0.68 -12.81
C GLN B 400 -9.49 1.30 -14.20
N ALA B 401 -8.96 2.51 -14.31
CA ALA B 401 -8.85 3.25 -15.56
C ALA B 401 -7.85 4.35 -15.37
N MET B 402 -7.01 4.57 -16.37
CA MET B 402 -5.96 5.57 -16.25
C MET B 402 -6.24 6.78 -17.11
N TYR B 403 -5.86 7.94 -16.57
CA TYR B 403 -5.95 9.25 -17.21
C TYR B 403 -4.68 9.49 -17.99
N ALA B 404 -4.75 10.40 -18.96
CA ALA B 404 -3.58 10.75 -19.77
C ALA B 404 -3.51 12.27 -19.85
N PRO B 405 -2.36 12.86 -19.52
CA PRO B 405 -2.27 14.31 -19.54
C PRO B 405 -2.13 14.82 -20.96
N PRO B 406 -2.54 16.06 -21.23
CA PRO B 406 -2.39 16.60 -22.57
C PRO B 406 -0.94 16.95 -22.87
N ILE B 407 -0.66 17.12 -24.15
CA ILE B 407 0.69 17.40 -24.63
C ILE B 407 0.70 18.77 -25.28
N GLN B 408 1.66 19.61 -24.88
CA GLN B 408 1.79 20.95 -25.42
C GLN B 408 2.46 20.90 -26.78
N GLY B 409 1.87 21.56 -27.76
CA GLY B 409 2.45 21.66 -29.08
C GLY B 409 1.74 20.77 -30.08
N VAL B 410 2.07 20.96 -31.36
CA VAL B 410 1.48 20.14 -32.40
C VAL B 410 2.12 18.75 -32.39
N ILE B 411 1.39 17.79 -32.93
CA ILE B 411 1.77 16.38 -32.90
C ILE B 411 1.78 15.85 -34.32
N ARG B 412 2.87 15.16 -34.69
CA ARG B 412 2.96 14.52 -36.00
C ARG B 412 3.49 13.10 -35.85
N CYS B 413 2.96 12.19 -36.65
CA CYS B 413 3.48 10.83 -36.76
C CYS B 413 3.44 10.37 -38.21
N VAL B 414 4.55 9.79 -38.66
CA VAL B 414 4.58 8.99 -39.87
C VAL B 414 4.75 7.54 -39.43
N SER B 415 4.33 6.60 -40.27
CA SER B 415 4.38 5.19 -39.88
C SER B 415 4.37 4.31 -41.12
N ASN B 416 4.46 3.00 -40.88
CA ASN B 416 4.28 1.99 -41.91
C ASN B 416 3.12 1.11 -41.51
N ILE B 417 2.18 0.92 -42.41
CA ILE B 417 1.10 -0.03 -42.20
C ILE B 417 1.43 -1.32 -42.94
N THR B 418 1.73 -2.37 -42.19
CA THR B 418 2.18 -3.64 -42.73
C THR B 418 1.34 -4.76 -42.16
N GLY B 419 0.25 -5.10 -42.83
CA GLY B 419 -0.54 -6.24 -42.43
C GLY B 419 -1.92 -5.89 -41.93
N LEU B 420 -2.91 -6.69 -42.31
CA LEU B 420 -4.30 -6.43 -41.96
C LEU B 420 -4.88 -7.65 -41.29
N ILE B 421 -6.02 -7.46 -40.65
CA ILE B 421 -6.74 -8.53 -39.97
C ILE B 421 -8.17 -8.53 -40.48
N LEU B 422 -8.53 -9.59 -41.19
CA LEU B 422 -9.83 -9.68 -41.82
C LEU B 422 -10.62 -10.86 -41.27
N THR B 423 -11.94 -10.80 -41.45
CA THR B 423 -12.82 -11.90 -41.13
C THR B 423 -13.84 -12.07 -42.24
N ARG B 424 -14.51 -13.21 -42.23
CA ARG B 424 -15.43 -13.58 -43.30
C ARG B 424 -16.80 -13.87 -42.72
N ASP B 425 -17.84 -13.45 -43.43
CA ASP B 425 -19.21 -13.73 -43.04
C ASP B 425 -19.69 -14.98 -43.76
N GLY B 426 -20.63 -15.68 -43.13
CA GLY B 426 -21.16 -16.91 -43.70
C GLY B 426 -22.30 -16.63 -44.66
N GLY B 427 -22.32 -17.37 -45.76
CA GLY B 427 -23.33 -17.21 -46.78
C GLY B 427 -24.43 -18.24 -46.68
N SER B 428 -25.15 -18.42 -47.79
CA SER B 428 -26.22 -19.41 -47.89
C SER B 428 -25.85 -20.56 -48.82
N THR B 429 -24.56 -20.89 -48.90
CA THR B 429 -23.89 -22.01 -49.58
C THR B 429 -24.25 -22.19 -51.06
N ASN B 430 -24.86 -21.18 -51.70
CA ASN B 430 -25.11 -21.26 -53.13
C ASN B 430 -24.96 -19.93 -53.86
N SER B 431 -24.17 -18.99 -53.35
CA SER B 431 -24.25 -17.62 -53.81
C SER B 431 -22.87 -17.02 -54.05
N THR B 432 -22.87 -15.89 -54.74
CA THR B 432 -21.66 -15.10 -54.96
C THR B 432 -21.72 -13.90 -54.04
N THR B 433 -21.00 -14.02 -52.92
CA THR B 433 -21.12 -13.24 -51.69
C THR B 433 -19.70 -13.32 -51.16
N GLU B 434 -19.53 -13.69 -49.89
CA GLU B 434 -18.29 -14.11 -49.24
C GLU B 434 -17.37 -12.92 -49.14
N THR B 435 -17.96 -11.84 -48.62
CA THR B 435 -17.30 -10.58 -48.41
C THR B 435 -16.34 -10.65 -47.23
N PHE B 436 -15.75 -9.51 -46.91
CA PHE B 436 -14.78 -9.42 -45.83
C PHE B 436 -14.96 -8.13 -45.07
N ARG B 437 -14.73 -8.20 -43.75
CA ARG B 437 -14.80 -7.06 -42.87
C ARG B 437 -13.55 -7.03 -41.99
N PRO B 438 -13.01 -5.86 -41.71
CA PRO B 438 -11.82 -5.77 -40.86
C PRO B 438 -12.16 -5.95 -39.40
N GLY B 439 -11.73 -7.06 -38.83
CA GLY B 439 -12.03 -7.36 -37.44
C GLY B 439 -10.86 -7.12 -36.51
N GLY B 440 -10.42 -8.15 -35.80
CA GLY B 440 -9.31 -8.05 -34.88
C GLY B 440 -9.78 -7.99 -33.44
N GLY B 441 -9.26 -7.02 -32.70
CA GLY B 441 -9.73 -6.80 -31.35
C GLY B 441 -8.94 -7.54 -30.29
N ASP B 442 -8.98 -8.87 -30.30
CA ASP B 442 -8.24 -9.66 -29.33
C ASP B 442 -6.75 -9.51 -29.60
N MET B 443 -6.05 -8.87 -28.67
CA MET B 443 -4.74 -8.31 -28.96
C MET B 443 -3.64 -9.33 -29.09
N ARG B 444 -3.92 -10.62 -28.87
CA ARG B 444 -2.89 -11.64 -28.97
C ARG B 444 -2.37 -11.79 -30.39
N ASP B 445 -3.19 -11.43 -31.39
CA ASP B 445 -2.77 -11.60 -32.77
C ASP B 445 -1.74 -10.56 -33.18
N ASN B 446 -1.65 -9.46 -32.42
CA ASN B 446 -0.61 -8.47 -32.67
C ASN B 446 0.78 -9.00 -32.44
N TRP B 447 0.95 -10.05 -31.66
CA TRP B 447 2.25 -10.66 -31.50
C TRP B 447 2.37 -11.98 -32.23
N ARG B 448 1.26 -12.60 -32.62
CA ARG B 448 1.34 -13.79 -33.44
C ARG B 448 1.83 -13.49 -34.84
N SER B 449 1.70 -12.24 -35.30
CA SER B 449 2.29 -11.82 -36.56
C SER B 449 3.81 -11.76 -36.50
N GLU B 450 4.38 -11.66 -35.30
CA GLU B 450 5.80 -11.40 -35.19
C GLU B 450 6.56 -12.55 -34.53
N LEU B 451 5.89 -13.39 -33.76
CA LEU B 451 6.60 -14.48 -33.10
C LEU B 451 6.25 -15.82 -33.69
N TYR B 452 6.01 -15.89 -34.99
CA TYR B 452 5.66 -17.16 -35.61
C TYR B 452 6.87 -18.05 -35.85
N LYS B 453 8.03 -17.47 -36.12
CA LYS B 453 9.20 -18.22 -36.56
C LYS B 453 10.08 -18.68 -35.40
N TYR B 454 9.50 -18.91 -34.23
CA TYR B 454 10.27 -19.33 -33.07
C TYR B 454 9.51 -20.41 -32.32
N LYS B 455 10.27 -21.24 -31.61
CA LYS B 455 9.69 -22.34 -30.86
C LYS B 455 10.63 -22.72 -29.73
N VAL B 456 10.11 -22.76 -28.50
CA VAL B 456 10.93 -23.15 -27.37
C VAL B 456 11.13 -24.65 -27.41
N VAL B 457 12.25 -25.11 -26.85
CA VAL B 457 12.61 -26.52 -26.92
C VAL B 457 13.55 -26.82 -25.75
N LYS B 458 13.50 -28.07 -25.28
CA LYS B 458 14.33 -28.51 -24.15
C LYS B 458 15.21 -29.66 -24.61
N ILE B 459 16.49 -29.57 -24.29
CA ILE B 459 17.43 -30.62 -24.63
C ILE B 459 17.41 -31.68 -23.53
N GLU B 460 18.03 -32.82 -23.84
CA GLU B 460 18.24 -33.89 -22.87
C GLU B 460 19.48 -34.65 -23.30
N PRO B 461 20.56 -34.58 -22.53
CA PRO B 461 21.86 -35.04 -23.04
C PRO B 461 22.20 -36.49 -22.80
N LEU B 462 21.23 -37.35 -22.46
CA LEU B 462 21.54 -38.74 -22.12
C LEU B 462 20.72 -39.68 -23.00
N GLY B 463 21.41 -40.43 -23.85
CA GLY B 463 20.77 -41.37 -24.74
C GLY B 463 21.33 -42.78 -24.55
N VAL B 464 20.62 -43.75 -25.13
CA VAL B 464 20.91 -45.16 -24.96
C VAL B 464 20.95 -45.83 -26.33
N ALA B 465 22.02 -46.55 -26.62
CA ALA B 465 22.18 -47.22 -27.90
C ALA B 465 23.10 -48.42 -27.70
N PRO B 466 22.92 -49.49 -28.49
CA PRO B 466 23.76 -50.67 -28.30
C PRO B 466 25.00 -50.65 -29.18
N THR B 467 26.00 -51.42 -28.76
CA THR B 467 27.19 -51.72 -29.54
C THR B 467 27.81 -53.00 -28.98
N ARG B 468 29.01 -53.33 -29.47
CA ARG B 468 29.68 -54.57 -29.12
C ARG B 468 30.61 -54.42 -27.93
N CYS B 469 30.53 -53.32 -27.20
CA CYS B 469 31.44 -53.12 -26.08
C CYS B 469 31.03 -53.98 -24.89
N LYS B 470 31.99 -54.24 -24.01
CA LYS B 470 31.74 -55.00 -22.79
C LYS B 470 32.81 -54.61 -21.78
N ARG B 471 32.40 -54.13 -20.61
CA ARG B 471 33.35 -53.61 -19.65
C ARG B 471 34.16 -54.72 -19.00
N ARG B 472 35.23 -54.33 -18.33
CA ARG B 472 36.16 -55.29 -17.75
C ARG B 472 35.61 -55.84 -16.44
N VAL B 473 36.39 -56.70 -15.80
CA VAL B 473 35.97 -57.36 -14.58
C VAL B 473 36.76 -56.83 -13.39
N VAL C 7 51.93 -29.03 11.02
CA VAL C 7 50.71 -28.45 11.56
C VAL C 7 50.03 -27.64 10.46
N SER C 8 48.70 -27.60 10.47
CA SER C 8 47.94 -26.83 9.49
C SER C 8 48.08 -25.35 9.81
N LEU C 9 48.50 -24.57 8.82
CA LEU C 9 48.63 -23.13 9.02
C LEU C 9 47.25 -22.48 9.14
N GLY C 10 46.27 -22.99 8.40
CA GLY C 10 44.94 -22.44 8.36
C GLY C 10 44.55 -22.11 6.94
N PHE C 11 43.46 -21.37 6.81
CA PHE C 11 42.96 -20.99 5.50
C PHE C 11 43.89 -19.97 4.87
N LEU C 12 44.28 -20.23 3.61
CA LEU C 12 45.24 -19.44 2.84
C LEU C 12 46.57 -19.27 3.56
N GLY C 13 47.02 -20.32 4.25
CA GLY C 13 48.22 -20.21 5.06
C GLY C 13 49.48 -20.12 4.22
N ALA C 14 49.56 -20.90 3.16
CA ALA C 14 50.76 -20.96 2.33
C ALA C 14 50.74 -19.97 1.18
N ALA C 15 50.03 -18.85 1.34
CA ALA C 15 49.85 -17.91 0.26
C ALA C 15 51.11 -17.18 -0.14
N GLY C 16 52.13 -17.17 0.72
CA GLY C 16 53.37 -16.52 0.38
C GLY C 16 54.51 -17.50 0.23
N SER C 17 54.23 -18.78 0.42
CA SER C 17 55.29 -19.77 0.41
C SER C 17 55.55 -20.27 -1.01
N THR C 18 56.55 -21.12 -1.13
CA THR C 18 56.95 -21.75 -2.38
C THR C 18 55.85 -22.69 -2.87
N MET C 19 55.70 -22.74 -4.20
CA MET C 19 54.78 -23.66 -4.87
C MET C 19 54.99 -25.10 -4.43
N GLY C 20 56.25 -25.52 -4.32
CA GLY C 20 56.56 -26.86 -3.83
C GLY C 20 56.16 -27.08 -2.39
N ALA C 21 56.19 -26.03 -1.57
CA ALA C 21 55.69 -26.12 -0.21
C ALA C 21 54.18 -25.98 -0.14
N ALA C 22 53.60 -25.14 -0.99
CA ALA C 22 52.14 -24.96 -1.01
C ALA C 22 51.43 -26.19 -1.54
N SER C 23 52.08 -26.96 -2.42
CA SER C 23 51.51 -28.20 -2.94
C SER C 23 51.37 -29.28 -1.89
N MET C 24 52.10 -29.17 -0.77
CA MET C 24 51.95 -30.12 0.32
C MET C 24 50.57 -30.02 0.96
N THR C 25 50.02 -28.82 1.05
CA THR C 25 48.73 -28.59 1.70
C THR C 25 47.76 -27.95 0.71
N LEU C 26 46.80 -28.74 0.25
CA LEU C 26 45.83 -28.26 -0.72
C LEU C 26 44.40 -28.35 -0.23
N THR C 27 44.13 -29.29 0.68
CA THR C 27 42.75 -29.64 0.98
C THR C 27 42.06 -28.59 1.83
N VAL C 28 42.82 -27.86 2.63
CA VAL C 28 42.24 -26.87 3.52
C VAL C 28 41.66 -25.71 2.73
N GLN C 29 42.19 -25.43 1.55
CA GLN C 29 41.60 -24.44 0.68
C GLN C 29 40.32 -24.95 0.02
N ALA C 30 40.17 -26.27 -0.10
CA ALA C 30 39.00 -26.85 -0.72
C ALA C 30 37.84 -27.04 0.25
N ARG C 31 38.14 -27.38 1.50
CA ARG C 31 37.09 -27.72 2.45
C ARG C 31 36.29 -26.50 2.88
N ASN C 32 36.88 -25.31 2.84
CA ASN C 32 36.16 -24.10 3.21
C ASN C 32 35.40 -23.48 2.04
N LEU C 33 35.37 -24.15 0.89
CA LEU C 33 34.78 -23.56 -0.29
C LEU C 33 33.25 -23.55 -0.25
N LEU C 34 32.62 -24.54 0.36
CA LEU C 34 31.16 -24.60 0.36
C LEU C 34 30.55 -24.30 1.72
N SER C 35 31.29 -23.71 2.65
CA SER C 35 30.74 -23.38 3.96
C SER C 35 29.79 -22.19 3.86
N HIS C 59 11.64 -9.29 2.40
CA HIS C 59 12.35 -8.70 1.26
C HIS C 59 13.85 -8.90 1.41
N TRP C 60 14.33 -8.90 2.65
CA TRP C 60 15.75 -9.06 2.91
C TRP C 60 16.21 -10.50 2.76
N GLY C 61 15.30 -11.46 2.62
CA GLY C 61 15.70 -12.82 2.37
C GLY C 61 16.27 -13.04 0.99
N ILE C 62 16.02 -12.11 0.06
CA ILE C 62 16.57 -12.21 -1.28
C ILE C 62 18.08 -12.12 -1.26
N LYS C 63 18.60 -11.26 -0.39
CA LYS C 63 20.04 -11.06 -0.25
C LYS C 63 20.72 -12.26 0.39
N GLN C 64 19.97 -13.04 1.16
CA GLN C 64 20.48 -14.27 1.73
C GLN C 64 20.22 -15.46 0.83
N LEU C 65 19.68 -15.21 -0.35
CA LEU C 65 19.56 -16.22 -1.39
C LEU C 65 20.20 -15.80 -2.70
N GLN C 66 20.28 -14.51 -2.99
CA GLN C 66 21.11 -14.10 -4.11
C GLN C 66 22.59 -14.38 -3.88
N ALA C 67 23.04 -14.42 -2.63
CA ALA C 67 24.41 -14.83 -2.37
C ALA C 67 24.55 -16.33 -2.22
N ARG C 68 23.53 -17.00 -1.66
CA ARG C 68 23.65 -18.43 -1.41
C ARG C 68 23.60 -19.22 -2.71
N VAL C 69 22.83 -18.73 -3.67
CA VAL C 69 22.81 -19.38 -4.97
C VAL C 69 24.10 -19.10 -5.74
N LEU C 70 24.66 -17.89 -5.57
CA LEU C 70 25.83 -17.48 -6.33
C LEU C 70 27.08 -18.26 -5.96
N ALA C 71 27.09 -18.90 -4.78
CA ALA C 71 28.22 -19.75 -4.44
C ALA C 71 28.18 -21.05 -5.21
N VAL C 72 26.98 -21.46 -5.64
CA VAL C 72 26.79 -22.85 -6.04
C VAL C 72 27.36 -23.13 -7.42
N GLU C 73 26.97 -22.34 -8.42
CA GLU C 73 27.41 -22.64 -9.78
C GLU C 73 28.85 -22.21 -9.98
N HIS C 74 29.36 -21.32 -9.13
CA HIS C 74 30.79 -21.05 -9.12
C HIS C 74 31.57 -22.29 -8.68
N TYR C 75 30.99 -23.06 -7.76
CA TYR C 75 31.54 -24.38 -7.50
C TYR C 75 31.26 -25.32 -8.65
N LEU C 76 30.05 -25.27 -9.20
CA LEU C 76 29.63 -26.28 -10.17
C LEU C 76 30.30 -26.08 -11.53
N ARG C 77 30.67 -24.85 -11.86
CA ARG C 77 31.32 -24.61 -13.16
C ARG C 77 32.69 -25.26 -13.19
N ASP C 78 33.50 -24.99 -12.17
CA ASP C 78 34.86 -25.52 -12.14
C ASP C 78 34.86 -27.00 -11.83
N GLN C 79 33.81 -27.48 -11.18
CA GLN C 79 33.68 -28.93 -10.98
C GLN C 79 33.43 -29.62 -12.29
N GLN C 80 32.55 -29.04 -13.13
CA GLN C 80 32.24 -29.63 -14.41
C GLN C 80 33.39 -29.49 -15.39
N LEU C 81 34.11 -28.38 -15.32
CA LEU C 81 35.28 -28.20 -16.18
C LEU C 81 36.38 -29.19 -15.82
N LEU C 82 36.56 -29.45 -14.54
CA LEU C 82 37.55 -30.43 -14.13
C LEU C 82 37.07 -31.84 -14.41
N GLY C 83 35.77 -32.05 -14.53
CA GLY C 83 35.25 -33.35 -14.86
C GLY C 83 35.51 -33.74 -16.31
N ILE C 84 35.46 -32.76 -17.20
CA ILE C 84 35.54 -33.05 -18.63
C ILE C 84 36.99 -33.28 -19.04
N TRP C 85 37.93 -32.99 -18.15
CA TRP C 85 39.35 -33.22 -18.41
C TRP C 85 39.80 -34.61 -18.00
N GLY C 86 38.88 -35.54 -17.81
CA GLY C 86 39.20 -36.93 -17.62
C GLY C 86 39.67 -37.32 -16.23
N CYS C 87 39.84 -36.37 -15.33
CA CYS C 87 40.41 -36.65 -14.01
C CYS C 87 39.62 -35.93 -12.92
N SER C 88 38.30 -36.15 -12.91
CA SER C 88 37.42 -35.49 -11.96
C SER C 88 37.72 -35.89 -10.51
N GLY C 89 38.08 -37.15 -10.30
CA GLY C 89 38.25 -37.66 -8.95
C GLY C 89 39.47 -37.14 -8.24
N LYS C 90 40.60 -37.08 -8.93
CA LYS C 90 41.87 -36.80 -8.27
C LYS C 90 42.00 -35.30 -7.99
N LEU C 91 43.17 -34.93 -7.50
CA LEU C 91 43.56 -33.54 -7.37
C LEU C 91 44.81 -33.24 -8.20
N ILE C 92 45.84 -34.07 -8.10
CA ILE C 92 47.06 -33.87 -8.88
C ILE C 92 46.87 -34.69 -10.16
N CYS C 93 46.22 -34.07 -11.13
CA CYS C 93 45.95 -34.72 -12.39
C CYS C 93 47.20 -34.67 -13.27
N CYS C 94 47.33 -35.64 -14.17
CA CYS C 94 48.41 -35.66 -15.15
C CYS C 94 47.82 -35.96 -16.52
N THR C 95 48.33 -35.27 -17.54
CA THR C 95 47.88 -35.44 -18.91
C THR C 95 49.08 -35.41 -19.83
N ASN C 96 48.89 -35.90 -21.06
CA ASN C 96 49.97 -35.87 -22.06
C ASN C 96 49.72 -34.79 -23.10
N VAL C 97 50.07 -33.56 -22.75
CA VAL C 97 50.07 -32.43 -23.67
C VAL C 97 51.41 -31.72 -23.50
N PRO C 98 52.18 -31.51 -24.57
CA PRO C 98 53.49 -30.87 -24.44
C PRO C 98 53.37 -29.41 -24.06
N TRP C 99 54.39 -28.90 -23.36
CA TRP C 99 54.32 -27.59 -22.73
C TRP C 99 54.54 -26.47 -23.72
N ASN C 100 55.41 -26.72 -24.71
CA ASN C 100 55.73 -25.77 -25.78
C ASN C 100 56.22 -24.43 -25.24
N SER C 101 57.48 -24.42 -24.76
CA SER C 101 58.11 -23.34 -23.99
C SER C 101 58.08 -21.94 -24.63
N SER C 102 57.57 -21.81 -25.85
CA SER C 102 57.23 -20.52 -26.44
C SER C 102 56.27 -19.71 -25.57
N TRP C 103 55.42 -20.38 -24.79
CA TRP C 103 54.50 -19.69 -23.89
C TRP C 103 55.26 -18.98 -22.78
N SER C 104 56.01 -19.76 -22.00
CA SER C 104 56.95 -19.20 -21.04
C SER C 104 58.19 -20.09 -21.02
N ASN C 105 59.35 -19.48 -20.79
CA ASN C 105 60.63 -20.16 -20.88
C ASN C 105 61.38 -20.05 -19.56
N ARG C 106 61.10 -20.99 -18.66
CA ARG C 106 61.81 -21.09 -17.39
C ARG C 106 62.25 -22.54 -17.21
N ASN C 107 63.17 -22.76 -16.27
CA ASN C 107 63.68 -24.09 -16.03
C ASN C 107 62.83 -24.74 -14.94
N LEU C 108 63.16 -25.97 -14.60
CA LEU C 108 62.42 -26.67 -13.56
C LEU C 108 62.70 -26.08 -12.19
N SER C 109 63.95 -25.65 -11.98
CA SER C 109 64.35 -25.19 -10.65
C SER C 109 63.80 -23.81 -10.33
N GLU C 110 63.84 -22.88 -11.28
CA GLU C 110 63.45 -21.50 -10.98
C GLU C 110 61.94 -21.30 -10.97
N ILE C 111 61.16 -22.38 -11.06
CA ILE C 111 59.72 -22.29 -10.88
C ILE C 111 59.38 -22.83 -9.49
N TRP C 112 59.91 -24.00 -9.16
CA TRP C 112 59.48 -24.74 -7.99
C TRP C 112 60.34 -24.47 -6.76
N ASP C 113 61.07 -23.36 -6.72
CA ASP C 113 61.93 -23.14 -5.56
C ASP C 113 61.74 -21.73 -4.98
N ASN C 114 61.49 -20.74 -5.83
CA ASN C 114 61.59 -19.36 -5.38
C ASN C 114 60.26 -18.60 -5.46
N MET C 115 59.61 -18.56 -6.62
CA MET C 115 58.43 -17.72 -6.75
C MET C 115 57.21 -18.41 -6.15
N THR C 116 56.14 -17.63 -6.01
CA THR C 116 54.87 -18.13 -5.51
C THR C 116 53.87 -18.17 -6.65
N TRP C 117 52.66 -18.59 -6.31
CA TRP C 117 51.61 -18.75 -7.32
C TRP C 117 51.13 -17.40 -7.83
N LEU C 118 51.21 -16.37 -7.00
CA LEU C 118 50.73 -15.05 -7.38
C LEU C 118 51.58 -14.47 -8.50
N GLN C 119 52.89 -14.72 -8.44
CA GLN C 119 53.74 -14.33 -9.57
C GLN C 119 53.50 -15.23 -10.76
N TRP C 120 53.14 -16.49 -10.50
CA TRP C 120 52.91 -17.43 -11.59
C TRP C 120 51.66 -17.11 -12.38
N ASP C 121 50.70 -16.41 -11.77
CA ASP C 121 49.45 -16.11 -12.43
C ASP C 121 49.61 -15.16 -13.61
N LYS C 122 50.66 -14.33 -13.61
CA LYS C 122 50.77 -13.26 -14.58
C LYS C 122 51.17 -13.77 -15.96
N GLU C 123 52.25 -14.56 -16.03
CA GLU C 123 52.79 -14.98 -17.31
C GLU C 123 51.93 -16.02 -18.01
N ILE C 124 50.97 -16.61 -17.29
CA ILE C 124 50.10 -17.63 -17.84
C ILE C 124 48.76 -17.05 -18.28
N SER C 125 48.41 -15.86 -17.79
CA SER C 125 47.09 -15.27 -17.91
C SER C 125 46.65 -14.97 -19.35
N ASN C 126 47.56 -14.99 -20.32
CA ASN C 126 47.16 -14.79 -21.71
C ASN C 126 46.98 -16.07 -22.49
N TYR C 127 47.49 -17.20 -22.00
CA TYR C 127 47.42 -18.45 -22.73
C TYR C 127 46.30 -19.35 -22.24
N THR C 128 45.44 -18.84 -21.34
CA THR C 128 44.54 -19.68 -20.57
C THR C 128 43.47 -20.32 -21.46
N GLN C 129 42.87 -19.53 -22.35
CA GLN C 129 41.82 -20.06 -23.20
C GLN C 129 42.40 -21.01 -24.24
N ILE C 130 43.66 -20.80 -24.61
CA ILE C 130 44.33 -21.74 -25.50
C ILE C 130 44.59 -23.05 -24.78
N ILE C 131 45.06 -22.97 -23.53
CA ILE C 131 45.38 -24.18 -22.78
C ILE C 131 44.11 -24.92 -22.40
N TYR C 132 43.06 -24.18 -22.04
CA TYR C 132 41.79 -24.81 -21.70
C TYR C 132 41.15 -25.47 -22.90
N GLY C 133 41.43 -24.96 -24.09
CA GLY C 133 40.87 -25.56 -25.29
C GLY C 133 41.50 -26.89 -25.62
N LEU C 134 42.79 -26.87 -25.99
CA LEU C 134 43.40 -28.03 -26.63
C LEU C 134 43.65 -29.16 -25.66
N LEU C 135 43.70 -28.86 -24.36
CA LEU C 135 43.63 -29.93 -23.37
C LEU C 135 42.31 -30.64 -23.44
N GLU C 136 41.23 -29.87 -23.57
CA GLU C 136 39.90 -30.45 -23.48
C GLU C 136 39.48 -31.11 -24.78
N GLU C 137 39.56 -30.38 -25.90
CA GLU C 137 38.96 -30.86 -27.14
C GLU C 137 39.72 -32.03 -27.73
N SER C 138 41.02 -32.12 -27.47
CA SER C 138 41.82 -33.17 -28.07
C SER C 138 41.78 -34.47 -27.28
N GLN C 139 42.20 -34.42 -26.02
CA GLN C 139 42.78 -35.59 -25.39
C GLN C 139 41.73 -36.62 -25.02
N ASN C 140 40.66 -36.19 -24.32
CA ASN C 140 39.60 -37.13 -23.96
C ASN C 140 38.82 -37.60 -25.17
N GLN C 141 38.84 -36.84 -26.26
CA GLN C 141 38.29 -37.34 -27.50
C GLN C 141 39.23 -38.36 -28.13
N GLN C 142 40.54 -38.17 -27.96
CA GLN C 142 41.50 -39.15 -28.46
C GLN C 142 41.52 -40.38 -27.60
N GLU C 143 41.21 -40.23 -26.31
CA GLU C 143 41.21 -41.38 -25.42
C GLU C 143 40.08 -42.33 -25.73
N LYS C 144 38.87 -41.81 -25.88
CA LYS C 144 37.67 -42.65 -25.88
C LYS C 144 37.52 -43.42 -27.19
N ASN C 145 38.31 -43.08 -28.19
CA ASN C 145 38.42 -43.92 -29.38
C ASN C 145 39.08 -45.24 -29.03
N GLU C 146 39.98 -45.24 -28.05
CA GLU C 146 40.87 -46.39 -27.86
C GLU C 146 40.19 -47.53 -27.14
N GLN C 147 39.54 -47.26 -26.00
CA GLN C 147 38.89 -48.35 -25.28
C GLN C 147 37.61 -48.80 -25.99
N ASP C 148 37.08 -47.98 -26.88
CA ASP C 148 36.01 -48.43 -27.76
C ASP C 148 36.54 -49.49 -28.72
N LEU C 149 37.76 -49.33 -29.18
CA LEU C 149 38.35 -50.31 -30.09
C LEU C 149 38.98 -51.48 -29.35
N LEU C 150 39.50 -51.25 -28.15
CA LEU C 150 40.18 -52.34 -27.43
C LEU C 150 39.17 -53.32 -26.86
N ALA C 151 38.09 -52.81 -26.26
CA ALA C 151 37.06 -53.68 -25.73
C ALA C 151 36.19 -54.29 -26.82
N LEU C 152 36.30 -53.81 -28.06
CA LEU C 152 35.70 -54.52 -29.19
C LEU C 152 36.36 -55.88 -29.38
N ASP C 153 37.66 -55.96 -29.14
CA ASP C 153 38.41 -57.18 -29.37
C ASP C 153 38.73 -57.90 -28.06
N ALA D 1 62.08 -36.51 -19.83
CA ALA D 1 62.14 -35.67 -18.64
C ALA D 1 62.24 -34.20 -19.05
N GLU D 2 62.93 -33.94 -20.14
CA GLU D 2 63.06 -32.56 -20.61
C GLU D 2 61.77 -32.05 -21.23
N ASN D 3 61.07 -32.91 -21.99
CA ASN D 3 59.82 -32.52 -22.64
C ASN D 3 58.75 -32.42 -21.56
N LEU D 4 58.56 -31.20 -21.08
CA LEU D 4 57.64 -30.96 -19.99
C LEU D 4 56.21 -31.08 -20.48
N TRP D 5 55.35 -31.61 -19.62
CA TRP D 5 53.94 -31.66 -19.92
C TRP D 5 53.19 -30.81 -18.92
N VAL D 6 51.88 -30.70 -19.12
CA VAL D 6 51.03 -29.81 -18.34
C VAL D 6 50.24 -30.62 -17.34
N THR D 7 50.09 -30.07 -16.13
CA THR D 7 49.22 -30.62 -15.11
C THR D 7 48.34 -29.51 -14.57
N VAL D 8 47.22 -29.90 -13.96
CA VAL D 8 46.34 -28.96 -13.32
C VAL D 8 46.45 -29.15 -11.82
N TYR D 9 45.95 -28.19 -11.06
CA TYR D 9 46.02 -28.26 -9.61
C TYR D 9 44.74 -27.68 -9.05
N TYR D 10 44.07 -28.44 -8.19
CA TYR D 10 42.84 -28.00 -7.56
C TYR D 10 43.15 -27.46 -6.18
N GLY D 11 42.49 -26.37 -5.81
CA GLY D 11 42.70 -25.77 -4.51
C GLY D 11 44.04 -25.09 -4.35
N VAL D 12 44.22 -23.99 -5.07
CA VAL D 12 45.49 -23.26 -5.06
C VAL D 12 45.24 -21.86 -4.49
N PRO D 13 46.04 -21.40 -3.55
CA PRO D 13 45.80 -20.08 -2.95
C PRO D 13 46.12 -18.94 -3.89
N VAL D 14 45.15 -18.56 -4.72
CA VAL D 14 45.29 -17.41 -5.61
C VAL D 14 43.94 -16.71 -5.65
N TRP D 15 43.95 -15.40 -5.92
CA TRP D 15 42.74 -14.61 -5.83
C TRP D 15 42.70 -13.56 -6.94
N LYS D 16 41.55 -12.89 -7.05
CA LYS D 16 41.37 -11.77 -7.96
C LYS D 16 40.48 -10.73 -7.30
N ASP D 17 40.46 -9.54 -7.89
CA ASP D 17 39.62 -8.45 -7.40
C ASP D 17 38.24 -8.53 -8.05
N ALA D 18 37.21 -8.64 -7.22
CA ALA D 18 35.83 -8.68 -7.68
C ALA D 18 34.95 -8.31 -6.50
N GLU D 19 33.73 -7.88 -6.81
CA GLU D 19 32.86 -7.24 -5.83
C GLU D 19 31.46 -7.80 -5.94
N THR D 20 30.99 -8.42 -4.86
CA THR D 20 29.64 -8.95 -4.77
C THR D 20 29.01 -8.43 -3.49
N THR D 21 27.85 -8.99 -3.15
CA THR D 21 27.06 -8.48 -2.04
C THR D 21 27.59 -9.00 -0.70
N LEU D 22 27.00 -8.46 0.37
CA LEU D 22 27.35 -8.81 1.75
C LEU D 22 26.06 -9.11 2.49
N PHE D 23 26.17 -9.42 3.79
CA PHE D 23 24.99 -9.56 4.64
C PHE D 23 25.38 -9.31 6.09
N CYS D 24 24.37 -9.38 6.97
CA CYS D 24 24.52 -9.04 8.39
C CYS D 24 25.48 -9.94 9.12
N ALA D 25 25.86 -9.48 10.32
CA ALA D 25 26.30 -10.34 11.43
C ALA D 25 26.17 -9.47 12.68
N SER D 26 25.31 -9.88 13.61
CA SER D 26 25.03 -9.05 14.77
C SER D 26 24.58 -9.90 15.95
N ASP D 27 25.00 -9.51 17.15
CA ASP D 27 24.49 -10.10 18.37
C ASP D 27 24.52 -9.09 19.50
N HIS D 36 13.54 -2.17 22.60
CA HIS D 36 12.61 -2.92 21.78
C HIS D 36 13.23 -3.25 20.44
N ASN D 37 13.07 -2.35 19.48
CA ASN D 37 13.69 -2.50 18.18
C ASN D 37 14.49 -1.26 17.82
N VAL D 38 15.40 -1.45 16.88
CA VAL D 38 16.17 -0.37 16.29
C VAL D 38 15.87 -0.39 14.81
N TRP D 39 16.55 0.44 14.03
CA TRP D 39 16.33 0.41 12.60
C TRP D 39 16.86 -0.87 11.97
N ALA D 40 17.93 -1.44 12.51
CA ALA D 40 18.67 -2.47 11.78
C ALA D 40 18.38 -3.89 12.23
N THR D 41 18.67 -4.21 13.47
CA THR D 41 18.88 -5.61 13.86
C THR D 41 17.55 -6.22 14.25
N HIS D 42 16.67 -6.38 13.27
CA HIS D 42 15.42 -7.08 13.50
C HIS D 42 15.60 -8.59 13.35
N ALA D 43 16.02 -9.03 12.17
CA ALA D 43 16.16 -10.46 11.92
C ALA D 43 17.28 -10.67 10.90
N CYS D 44 18.49 -10.90 11.40
CA CYS D 44 19.58 -11.43 10.59
C CYS D 44 20.55 -12.15 11.51
N VAL D 45 21.53 -12.81 10.90
CA VAL D 45 22.15 -14.01 11.48
C VAL D 45 23.08 -13.61 12.62
N PRO D 46 23.07 -14.31 13.75
CA PRO D 46 24.03 -14.05 14.82
C PRO D 46 25.43 -14.50 14.44
N THR D 47 26.41 -13.93 15.14
CA THR D 47 27.81 -14.25 14.91
C THR D 47 28.20 -15.60 15.48
N PRO D 51 35.38 -13.64 15.77
CA PRO D 51 36.83 -13.46 15.55
C PRO D 51 37.39 -14.48 14.58
N GLN D 52 38.31 -15.32 15.06
CA GLN D 52 38.90 -16.44 14.32
C GLN D 52 39.64 -15.96 13.07
N GLU D 53 40.53 -15.01 13.29
CA GLU D 53 41.37 -14.49 12.22
C GLU D 53 42.51 -15.45 11.93
N ILE D 54 43.15 -15.24 10.79
CA ILE D 54 44.26 -16.08 10.37
C ILE D 54 45.38 -15.18 9.90
N HIS D 55 46.56 -15.33 10.48
CA HIS D 55 47.68 -14.47 10.14
C HIS D 55 48.32 -14.90 8.83
N LEU D 56 48.72 -13.91 8.05
CA LEU D 56 49.47 -14.11 6.82
C LEU D 56 50.81 -13.39 6.96
N GLU D 57 51.74 -13.71 6.06
CA GLU D 57 53.05 -13.11 6.15
C GLU D 57 53.68 -13.07 4.77
N ASN D 58 54.62 -12.12 4.61
CA ASN D 58 55.34 -11.72 3.39
C ASN D 58 54.52 -11.85 2.11
N VAL D 59 53.33 -11.26 2.17
CA VAL D 59 52.44 -11.11 1.02
C VAL D 59 52.11 -9.63 0.90
N THR D 60 52.48 -9.04 -0.23
CA THR D 60 52.17 -7.64 -0.48
C THR D 60 50.87 -7.53 -1.26
N GLU D 61 50.16 -6.41 -1.05
CA GLU D 61 48.90 -6.19 -1.71
C GLU D 61 48.62 -4.70 -1.79
N GLU D 62 48.16 -4.24 -2.95
CA GLU D 62 47.90 -2.83 -3.20
C GLU D 62 46.47 -2.50 -2.80
N PHE D 63 46.29 -2.04 -1.58
CA PHE D 63 44.99 -1.53 -1.15
C PHE D 63 44.69 -0.20 -1.81
N ASN D 64 43.41 0.15 -1.89
CA ASN D 64 43.02 1.45 -2.43
C ASN D 64 41.66 1.82 -1.86
N MET D 65 41.65 2.72 -0.89
CA MET D 65 40.41 3.30 -0.43
C MET D 65 40.05 4.45 -1.36
N TRP D 66 38.85 5.03 -1.16
CA TRP D 66 38.11 5.97 -2.03
C TRP D 66 37.65 5.34 -3.33
N LYS D 67 38.01 4.09 -3.60
CA LYS D 67 37.52 3.37 -4.76
C LYS D 67 36.91 2.04 -4.35
N ASN D 68 36.73 1.80 -3.06
CA ASN D 68 36.11 0.59 -2.57
C ASN D 68 34.65 0.54 -3.00
N ASN D 69 34.15 -0.69 -3.17
CA ASN D 69 32.75 -0.90 -3.47
C ASN D 69 31.97 -1.36 -2.26
N MET D 70 32.65 -1.62 -1.14
CA MET D 70 31.95 -1.87 0.10
C MET D 70 31.26 -0.62 0.63
N VAL D 71 31.78 0.56 0.32
CA VAL D 71 31.12 1.76 0.78
C VAL D 71 29.89 2.07 -0.07
N GLU D 72 29.90 1.66 -1.34
CA GLU D 72 28.74 1.93 -2.17
C GLU D 72 27.57 1.04 -1.81
N GLN D 73 27.85 -0.19 -1.38
CA GLN D 73 26.76 -1.11 -1.08
C GLN D 73 26.04 -0.73 0.20
N MET D 74 26.80 -0.40 1.24
CA MET D 74 26.17 -0.16 2.54
C MET D 74 25.43 1.15 2.57
N HIS D 75 25.88 2.12 1.78
CA HIS D 75 25.21 3.41 1.71
C HIS D 75 23.82 3.26 1.10
N GLU D 76 23.67 2.30 0.20
CA GLU D 76 22.33 1.95 -0.27
C GLU D 76 21.58 1.18 0.80
N ASP D 77 22.28 0.35 1.57
CA ASP D 77 21.57 -0.53 2.49
C ASP D 77 21.15 0.19 3.76
N ILE D 78 21.64 1.39 4.00
CA ILE D 78 21.13 2.14 5.14
C ILE D 78 19.80 2.80 4.79
N ILE D 79 19.73 3.43 3.63
CA ILE D 79 18.56 4.26 3.31
C ILE D 79 17.35 3.39 3.03
N SER D 80 17.58 2.17 2.55
CA SER D 80 16.46 1.24 2.43
C SER D 80 16.03 0.75 3.81
N LEU D 81 16.99 0.56 4.70
CA LEU D 81 16.68 0.11 6.06
C LEU D 81 16.02 1.23 6.85
N TRP D 82 16.38 2.48 6.54
CA TRP D 82 15.74 3.61 7.17
C TRP D 82 14.30 3.76 6.71
N ASP D 83 14.04 3.47 5.43
CA ASP D 83 12.75 3.81 4.86
C ASP D 83 11.68 2.81 5.27
N GLN D 84 12.01 1.52 5.26
CA GLN D 84 10.99 0.51 5.50
C GLN D 84 10.60 0.45 6.97
N SER D 85 11.45 0.97 7.85
CA SER D 85 11.11 1.09 9.27
C SER D 85 10.32 2.34 9.59
N LEU D 86 9.76 2.96 8.56
CA LEU D 86 8.92 4.13 8.69
C LEU D 86 7.59 3.96 7.99
N LYS D 87 7.48 2.96 7.11
CA LYS D 87 6.23 2.73 6.37
C LYS D 87 5.00 2.42 7.21
N PRO D 88 5.00 1.48 8.18
CA PRO D 88 3.71 1.17 8.83
C PRO D 88 3.27 2.18 9.86
N CYS D 89 4.02 3.26 10.08
CA CYS D 89 3.62 4.25 11.07
C CYS D 89 2.51 5.14 10.51
N VAL D 90 2.15 6.16 11.28
CA VAL D 90 0.97 6.96 10.97
C VAL D 90 1.27 7.95 9.85
N LYS D 91 0.41 7.96 8.83
CA LYS D 91 0.48 8.97 7.80
C LYS D 91 -0.16 10.25 8.32
N LEU D 92 0.65 11.31 8.44
CA LEU D 92 0.18 12.56 9.02
C LEU D 92 -0.17 13.55 7.90
N THR D 93 -1.18 13.20 7.12
CA THR D 93 -1.69 14.16 6.15
C THR D 93 -2.64 15.24 6.66
N PRO D 94 -3.60 15.03 7.65
CA PRO D 94 -4.60 16.07 7.84
C PRO D 94 -4.13 17.19 8.75
N LEU D 95 -2.83 17.32 8.97
CA LEU D 95 -2.34 18.32 9.90
C LEU D 95 -2.08 19.66 9.20
N CYS D 96 -1.90 19.66 7.89
CA CYS D 96 -1.63 20.90 7.17
C CYS D 96 -2.88 21.75 7.09
N VAL D 97 -3.14 22.46 8.19
CA VAL D 97 -4.27 23.40 8.26
C VAL D 97 -3.69 24.78 8.50
N THR D 98 -4.55 25.79 8.57
CA THR D 98 -4.08 27.14 8.88
C THR D 98 -3.88 27.25 10.38
N LEU D 99 -2.75 27.81 10.80
CA LEU D 99 -2.45 27.93 12.21
C LEU D 99 -2.60 29.37 12.68
N GLN D 100 -3.42 29.58 13.70
CA GLN D 100 -3.46 30.85 14.40
C GLN D 100 -2.51 30.77 15.57
N CYS D 101 -1.54 31.67 15.61
CA CYS D 101 -0.35 31.43 16.42
C CYS D 101 0.27 32.75 16.86
N THR D 102 0.84 32.75 18.06
CA THR D 102 1.48 33.94 18.61
C THR D 102 2.74 33.52 19.36
N ASN D 103 3.49 34.52 19.83
CA ASN D 103 4.69 34.26 20.60
C ASN D 103 4.34 33.77 22.00
N TYR D 104 5.05 32.74 22.45
CA TYR D 104 4.95 32.25 23.80
C TYR D 104 6.11 32.80 24.60
N ALA D 105 5.87 32.93 25.91
CA ALA D 105 6.77 33.60 26.84
C ALA D 105 7.15 35.00 26.37
N PRO D 106 6.24 35.97 26.46
CA PRO D 106 6.60 37.35 26.12
C PRO D 106 7.41 37.99 27.22
N ASN D 107 7.72 39.29 27.05
CA ASN D 107 8.53 40.19 27.87
C ASN D 107 9.75 39.53 28.52
N LEU D 108 10.42 38.65 27.76
CA LEU D 108 11.59 37.93 28.23
C LEU D 108 12.83 38.61 27.67
N LEU D 109 13.82 38.79 28.54
CA LEU D 109 15.01 39.56 28.19
C LEU D 109 16.23 38.69 27.97
N SER D 110 16.07 37.37 27.93
CA SER D 110 17.19 36.46 27.76
C SER D 110 17.56 36.35 26.29
N ASN D 111 18.39 35.35 25.96
CA ASN D 111 18.75 35.13 24.57
C ASN D 111 17.58 34.50 23.81
N MET D 112 17.03 33.43 24.35
CA MET D 112 15.98 32.71 23.64
C MET D 112 14.67 33.48 23.68
N ARG D 113 14.42 34.26 22.63
CA ARG D 113 13.18 35.02 22.50
C ARG D 113 12.40 34.62 21.25
N GLY D 114 13.06 34.60 20.10
CA GLY D 114 12.38 34.39 18.83
C GLY D 114 11.92 32.96 18.61
N GLU D 115 12.37 32.04 19.45
CA GLU D 115 11.83 30.68 19.39
C GLU D 115 10.55 30.61 20.20
N LEU D 116 10.00 29.40 20.28
CA LEU D 116 8.89 29.04 21.17
C LEU D 116 7.63 29.85 20.84
N LYS D 117 7.06 29.55 19.68
CA LYS D 117 5.76 30.11 19.32
C LYS D 117 4.64 29.17 19.75
N GLN D 118 3.55 29.74 20.25
CA GLN D 118 2.41 28.97 20.72
C GLN D 118 1.26 29.10 19.72
N CYS D 119 0.85 27.98 19.15
CA CYS D 119 -0.13 27.97 18.08
C CYS D 119 -1.39 27.25 18.53
N SER D 120 -2.40 27.26 17.68
CA SER D 120 -3.67 26.60 17.95
C SER D 120 -4.38 26.27 16.64
N PHE D 121 -4.88 25.05 16.54
CA PHE D 121 -5.45 24.60 15.28
C PHE D 121 -6.63 23.67 15.56
N ASN D 122 -7.27 23.16 14.51
CA ASN D 122 -8.31 22.17 14.63
C ASN D 122 -7.83 20.84 14.08
N MET D 123 -8.52 19.78 14.47
CA MET D 123 -8.14 18.43 14.08
C MET D 123 -9.33 17.51 14.29
N THR D 124 -9.51 16.59 13.34
CA THR D 124 -10.64 15.67 13.40
C THR D 124 -10.41 14.63 14.48
N THR D 125 -11.50 14.16 15.08
CA THR D 125 -11.48 13.10 16.06
C THR D 125 -11.94 11.79 15.41
N GLU D 126 -12.20 10.78 16.25
CA GLU D 126 -12.64 9.49 15.74
C GLU D 126 -14.01 9.56 15.08
N LEU D 127 -14.90 10.41 15.60
CA LEU D 127 -16.12 10.70 14.87
C LEU D 127 -15.83 11.74 13.80
N ARG D 128 -16.18 11.41 12.56
CA ARG D 128 -15.84 12.31 11.46
C ARG D 128 -16.74 13.53 11.41
N ASP D 129 -17.81 13.55 12.19
CA ASP D 129 -18.67 14.73 12.25
C ASP D 129 -18.31 15.67 13.38
N LYS D 130 -17.46 15.24 14.30
CA LYS D 130 -17.04 16.11 15.39
C LYS D 130 -15.61 16.57 15.15
N LYS D 131 -15.30 17.75 15.66
CA LYS D 131 -13.96 18.31 15.54
C LYS D 131 -13.45 18.66 16.92
N GLN D 132 -12.19 19.09 16.97
CA GLN D 132 -11.51 19.20 18.25
C GLN D 132 -10.54 20.38 18.21
N LYS D 133 -10.50 21.13 19.30
CA LYS D 133 -9.58 22.24 19.46
C LYS D 133 -8.42 21.81 20.35
N VAL D 134 -7.23 22.34 20.08
CA VAL D 134 -6.03 21.90 20.78
C VAL D 134 -5.06 23.08 20.86
N TYR D 135 -4.26 23.11 21.92
CA TYR D 135 -3.18 24.06 22.08
C TYR D 135 -1.85 23.33 22.06
N SER D 136 -0.85 23.95 21.43
CA SER D 136 0.46 23.32 21.33
C SER D 136 1.52 24.37 21.05
N LEU D 137 2.77 23.91 21.03
CA LEU D 137 3.94 24.76 20.86
C LEU D 137 4.78 24.24 19.70
N PHE D 138 5.55 25.15 19.10
CA PHE D 138 6.51 24.78 18.07
C PHE D 138 7.71 25.71 18.13
N TYR D 139 8.84 25.22 17.63
CA TYR D 139 10.03 26.05 17.52
C TYR D 139 9.91 26.96 16.31
N ARG D 140 10.87 27.87 16.18
CA ARG D 140 10.80 28.87 15.12
C ARG D 140 11.10 28.28 13.76
N LEU D 141 11.99 27.31 13.69
CA LEU D 141 12.53 26.87 12.41
C LEU D 141 11.61 25.93 11.65
N ASP D 142 10.36 25.75 12.07
CA ASP D 142 9.44 24.92 11.33
C ASP D 142 8.13 25.58 10.99
N VAL D 143 7.91 26.84 11.34
CA VAL D 143 6.70 27.54 10.96
C VAL D 143 7.07 28.74 10.11
N VAL D 144 6.21 29.06 9.15
CA VAL D 144 6.42 30.14 8.19
C VAL D 144 5.10 30.89 8.04
N GLN D 145 5.15 32.20 8.17
CA GLN D 145 3.95 33.00 7.99
C GLN D 145 3.53 33.02 6.53
N ILE D 146 2.24 33.26 6.30
CA ILE D 146 1.67 33.31 4.97
C ILE D 146 0.96 34.63 4.80
N ASN D 147 0.96 35.15 3.58
CA ASN D 147 0.30 36.41 3.28
C ASN D 147 -0.78 36.20 2.23
N SER D 157 -3.48 41.55 16.95
CA SER D 157 -3.98 40.28 16.45
C SER D 157 -2.83 39.34 16.09
N ASN D 158 -3.11 38.04 16.06
CA ASN D 158 -2.11 37.07 15.67
C ASN D 158 -1.99 36.98 14.15
N LYS D 159 -0.91 36.34 13.71
CA LYS D 159 -0.69 36.08 12.30
C LYS D 159 -1.08 34.64 11.99
N GLU D 160 -0.84 34.24 10.75
CA GLU D 160 -1.27 32.94 10.26
C GLU D 160 -0.07 32.20 9.71
N TYR D 161 0.33 31.14 10.40
CA TYR D 161 1.49 30.34 10.02
C TYR D 161 1.07 29.02 9.42
N ARG D 162 2.01 28.36 8.75
CA ARG D 162 1.83 26.99 8.32
C ARG D 162 3.14 26.26 8.49
N LEU D 163 3.13 24.97 8.16
CA LEU D 163 4.31 24.15 8.40
C LEU D 163 5.38 24.42 7.35
N ILE D 164 6.61 24.03 7.67
CA ILE D 164 7.75 24.33 6.83
C ILE D 164 7.75 23.50 5.55
N ASN D 165 7.24 22.27 5.60
CA ASN D 165 7.49 21.39 4.48
C ASN D 165 6.20 20.73 4.03
N CYS D 166 5.17 21.54 3.78
CA CYS D 166 3.91 20.98 3.34
C CYS D 166 3.65 21.21 1.86
N ASN D 167 4.22 22.24 1.25
CA ASN D 167 3.98 22.51 -0.15
C ASN D 167 4.84 21.65 -1.08
N THR D 168 5.65 20.75 -0.53
CA THR D 168 6.49 19.89 -1.36
C THR D 168 6.28 18.42 -1.04
N SER D 169 6.10 18.09 0.23
CA SER D 169 6.23 16.71 0.67
C SER D 169 5.15 16.36 1.68
N ALA D 170 4.68 15.11 1.59
CA ALA D 170 3.78 14.56 2.58
C ALA D 170 4.59 14.08 3.77
N ILE D 171 4.34 14.64 4.94
CA ILE D 171 5.17 14.35 6.09
C ILE D 171 4.55 13.25 6.93
N THR D 172 5.41 12.41 7.50
CA THR D 172 4.98 11.28 8.31
C THR D 172 5.59 11.40 9.69
N GLN D 173 5.00 10.67 10.64
CA GLN D 173 5.46 10.64 12.02
C GLN D 173 6.10 9.28 12.28
N ALA D 174 7.26 9.29 12.94
CA ALA D 174 7.90 8.07 13.35
C ALA D 174 7.12 7.41 14.49
N CYS D 175 7.19 6.10 14.56
CA CYS D 175 6.55 5.39 15.65
C CYS D 175 7.32 5.65 16.95
N PRO D 176 6.64 6.00 18.03
CA PRO D 176 7.33 6.56 19.20
C PRO D 176 8.05 5.54 20.06
N LYS D 177 7.85 4.25 19.81
CA LYS D 177 8.50 3.28 20.68
C LYS D 177 9.87 2.89 20.17
N VAL D 178 10.04 2.79 18.85
CA VAL D 178 11.35 2.44 18.30
C VAL D 178 12.31 3.60 18.48
N SER D 179 13.60 3.28 18.55
CA SER D 179 14.60 4.23 18.96
C SER D 179 15.76 4.27 17.97
N PHE D 180 16.72 5.15 18.24
CA PHE D 180 17.74 5.49 17.26
C PHE D 180 19.16 5.42 17.80
N GLU D 181 19.42 4.65 18.84
CA GLU D 181 20.80 4.48 19.27
C GLU D 181 21.52 3.59 18.28
N PRO D 182 22.82 3.74 18.09
CA PRO D 182 23.53 2.83 17.20
C PRO D 182 23.81 1.51 17.89
N ILE D 183 23.72 0.42 17.13
CA ILE D 183 24.04 -0.92 17.58
C ILE D 183 25.15 -1.45 16.68
N PRO D 184 26.23 -1.99 17.23
CA PRO D 184 27.35 -2.41 16.40
C PRO D 184 27.00 -3.61 15.54
N ILE D 185 27.33 -3.52 14.26
CA ILE D 185 27.03 -4.60 13.31
C ILE D 185 28.31 -5.00 12.62
N HIS D 186 28.26 -6.16 11.97
CA HIS D 186 29.36 -6.69 11.19
C HIS D 186 28.87 -6.96 9.78
N TYR D 187 29.71 -6.68 8.79
CA TYR D 187 29.42 -7.05 7.41
C TYR D 187 30.15 -8.35 7.13
N CYS D 188 29.42 -9.35 6.67
CA CYS D 188 29.99 -10.67 6.51
C CYS D 188 29.71 -11.23 5.13
N ALA D 189 30.72 -11.87 4.56
CA ALA D 189 30.96 -12.32 3.19
C ALA D 189 30.46 -13.74 2.98
N PRO D 190 29.89 -14.02 1.81
CA PRO D 190 29.38 -15.37 1.56
C PRO D 190 30.51 -16.33 1.22
N ALA D 191 30.17 -17.59 1.01
CA ALA D 191 31.17 -18.59 0.67
C ALA D 191 31.76 -18.32 -0.71
N GLY D 192 33.02 -18.69 -0.89
CA GLY D 192 33.73 -18.37 -2.12
C GLY D 192 34.36 -17.01 -2.15
N PHE D 193 34.46 -16.32 -1.02
CA PHE D 193 35.08 -15.02 -0.95
C PHE D 193 35.87 -14.92 0.35
N ALA D 194 36.60 -13.81 0.50
CA ALA D 194 37.36 -13.58 1.71
C ALA D 194 37.51 -12.08 1.90
N ILE D 195 37.96 -11.69 3.08
CA ILE D 195 38.17 -10.30 3.42
C ILE D 195 39.63 -10.15 3.84
N LEU D 196 40.35 -9.26 3.16
CA LEU D 196 41.72 -8.97 3.54
C LEU D 196 41.74 -7.81 4.52
N LYS D 197 42.79 -7.76 5.34
CA LYS D 197 42.89 -6.77 6.41
C LYS D 197 44.34 -6.37 6.59
N CYS D 198 44.67 -5.14 6.19
CA CYS D 198 46.00 -4.58 6.43
C CYS D 198 46.18 -4.31 7.91
N LYS D 199 47.30 -4.78 8.47
CA LYS D 199 47.60 -4.61 9.89
C LYS D 199 48.85 -3.74 10.06
N ASP D 200 48.90 -2.63 9.35
CA ASP D 200 50.01 -1.71 9.47
C ASP D 200 49.66 -0.60 10.46
N LYS D 201 50.69 -0.05 11.10
CA LYS D 201 50.48 1.02 12.06
C LYS D 201 50.27 2.36 11.38
N LYS D 202 51.29 2.83 10.68
CA LYS D 202 51.18 4.04 9.87
C LYS D 202 50.85 3.63 8.45
N PHE D 203 49.82 4.24 7.89
CA PHE D 203 49.29 3.82 6.59
C PHE D 203 48.50 4.97 6.00
N ASN D 204 49.01 5.56 4.92
CA ASN D 204 48.21 6.50 4.19
C ASN D 204 47.23 5.76 3.27
N GLY D 205 46.50 6.52 2.47
CA GLY D 205 45.40 6.01 1.68
C GLY D 205 45.72 4.90 0.70
N THR D 206 46.53 5.19 -0.30
CA THR D 206 46.84 4.23 -1.34
C THR D 206 48.31 3.85 -1.27
N GLY D 207 48.56 2.55 -1.25
CA GLY D 207 49.91 2.03 -1.19
C GLY D 207 49.89 0.56 -0.87
N PRO D 208 51.02 -0.10 -1.00
CA PRO D 208 51.10 -1.51 -0.58
C PRO D 208 51.18 -1.63 0.93
N CYS D 209 50.79 -2.79 1.42
CA CYS D 209 50.78 -3.10 2.84
C CYS D 209 51.46 -4.44 3.04
N PRO D 210 52.53 -4.52 3.82
CA PRO D 210 53.29 -5.77 3.90
C PRO D 210 52.74 -6.75 4.91
N SER D 211 51.73 -6.35 5.70
CA SER D 211 51.19 -7.19 6.77
C SER D 211 49.68 -7.30 6.59
N VAL D 212 49.24 -8.36 5.93
CA VAL D 212 47.83 -8.59 5.71
C VAL D 212 47.39 -9.78 6.52
N SER D 213 46.07 -9.93 6.66
CA SER D 213 45.50 -11.08 7.33
C SER D 213 44.10 -11.30 6.81
N THR D 214 43.65 -12.55 6.86
CA THR D 214 42.33 -12.91 6.38
C THR D 214 41.38 -13.05 7.55
N VAL D 215 40.26 -12.34 7.49
CA VAL D 215 39.22 -12.39 8.51
C VAL D 215 37.93 -12.78 7.82
N GLN D 216 37.17 -13.66 8.46
CA GLN D 216 35.88 -14.08 7.89
C GLN D 216 34.90 -12.92 7.85
N CYS D 217 34.73 -12.20 8.97
CA CYS D 217 34.04 -10.92 8.94
C CYS D 217 34.45 -10.00 10.09
N THR D 218 34.19 -8.72 9.86
CA THR D 218 34.91 -7.60 10.46
C THR D 218 34.48 -7.33 11.89
N HIS D 219 35.10 -6.31 12.48
CA HIS D 219 34.80 -5.86 13.83
C HIS D 219 33.55 -4.98 13.80
N GLY D 220 33.17 -4.45 14.96
CA GLY D 220 31.91 -3.73 15.05
C GLY D 220 31.98 -2.37 14.37
N ILE D 221 30.92 -2.03 13.66
CA ILE D 221 30.82 -0.76 12.97
C ILE D 221 29.63 0.01 13.50
N LYS D 222 29.86 1.12 14.15
CA LYS D 222 28.75 1.93 14.64
C LYS D 222 28.29 2.88 13.54
N PRO D 223 27.06 2.78 13.07
CA PRO D 223 26.60 3.66 11.97
C PRO D 223 26.06 4.98 12.48
N VAL D 224 26.92 5.77 13.08
CA VAL D 224 26.54 7.09 13.58
C VAL D 224 26.41 8.03 12.38
N VAL D 225 25.47 8.96 12.46
CA VAL D 225 25.26 9.97 11.43
C VAL D 225 25.65 11.32 11.99
N SER D 226 26.51 12.04 11.28
CA SER D 226 27.07 13.27 11.81
C SER D 226 27.65 14.08 10.66
N THR D 227 27.78 15.37 10.90
CA THR D 227 28.48 16.27 10.00
C THR D 227 29.53 17.03 10.78
N GLN D 228 30.65 17.31 10.10
CA GLN D 228 31.71 18.25 10.49
C GLN D 228 32.57 17.73 11.65
N LEU D 229 32.16 16.63 12.29
CA LEU D 229 32.96 15.97 13.30
C LEU D 229 32.69 14.47 13.19
N LEU D 230 33.37 13.69 14.03
CA LEU D 230 33.17 12.24 14.05
C LEU D 230 33.03 11.82 15.50
N LEU D 231 31.88 11.24 15.83
CA LEU D 231 31.59 10.86 17.20
C LEU D 231 31.69 9.35 17.36
N ASN D 232 32.05 8.90 18.57
CA ASN D 232 31.95 7.50 19.02
C ASN D 232 32.83 6.55 18.18
N GLY D 233 33.82 7.10 17.49
CA GLY D 233 34.59 6.33 16.53
C GLY D 233 35.84 5.72 17.12
N SER D 234 36.46 4.84 16.34
CA SER D 234 37.66 4.15 16.78
C SER D 234 38.86 5.08 16.77
N LEU D 235 39.86 4.73 17.57
CA LEU D 235 41.06 5.55 17.70
C LEU D 235 42.06 5.20 16.61
N ALA D 236 43.28 5.72 16.77
CA ALA D 236 44.38 5.39 15.89
C ALA D 236 45.58 4.96 16.73
N GLU D 237 46.74 4.82 16.11
CA GLU D 237 47.95 4.50 16.83
C GLU D 237 48.55 5.78 17.43
N GLU D 238 49.80 5.69 17.89
CA GLU D 238 50.40 6.68 18.78
C GLU D 238 50.58 8.07 18.18
N GLU D 239 50.48 8.23 16.86
CA GLU D 239 50.61 9.55 16.25
C GLU D 239 49.42 9.81 15.36
N VAL D 240 48.92 11.06 15.40
CA VAL D 240 47.76 11.41 14.60
C VAL D 240 48.13 11.43 13.11
N ILE D 241 47.15 11.10 12.28
CA ILE D 241 47.38 10.84 10.86
C ILE D 241 46.44 11.71 10.05
N ILE D 242 46.97 12.39 9.04
CA ILE D 242 46.17 13.04 8.02
C ILE D 242 46.10 12.10 6.82
N ARG D 243 44.97 12.15 6.12
CA ARG D 243 44.74 11.31 4.95
C ARG D 243 43.91 12.06 3.92
N SER D 244 44.35 11.97 2.68
CA SER D 244 43.59 12.42 1.53
C SER D 244 44.13 11.68 0.32
N GLU D 245 43.63 12.06 -0.85
CA GLU D 245 44.23 11.50 -2.06
C GLU D 245 45.35 12.36 -2.60
N ASN D 246 45.07 13.59 -2.94
CA ASN D 246 46.09 14.35 -3.64
C ASN D 246 46.26 15.77 -3.14
N ILE D 247 46.67 15.97 -1.88
CA ILE D 247 46.64 17.18 -1.05
C ILE D 247 46.97 18.47 -1.79
N THR D 248 47.86 18.37 -2.78
CA THR D 248 48.05 19.41 -3.79
C THR D 248 46.74 19.89 -4.39
N ASN D 249 45.86 18.98 -4.78
CA ASN D 249 44.56 19.36 -5.30
C ASN D 249 43.66 19.81 -4.16
N ASN D 250 43.09 21.01 -4.28
CA ASN D 250 42.27 21.59 -3.24
C ASN D 250 40.82 21.14 -3.31
N ALA D 251 40.47 20.27 -4.25
CA ALA D 251 39.08 19.92 -4.45
C ALA D 251 38.59 18.82 -3.53
N LYS D 252 39.45 17.87 -3.18
CA LYS D 252 39.01 16.73 -2.39
C LYS D 252 38.93 17.10 -0.92
N ASN D 253 38.54 16.14 -0.10
CA ASN D 253 38.44 16.36 1.33
C ASN D 253 39.72 15.93 2.02
N ILE D 254 39.79 16.14 3.33
CA ILE D 254 40.93 15.72 4.14
C ILE D 254 40.40 14.97 5.34
N LEU D 255 40.81 13.72 5.51
CA LEU D 255 40.47 12.92 6.68
C LEU D 255 41.62 13.00 7.66
N VAL D 256 41.32 13.37 8.90
CA VAL D 256 42.28 13.32 9.99
C VAL D 256 41.72 12.39 11.06
N GLN D 257 42.62 11.84 11.86
CA GLN D 257 42.24 10.87 12.88
C GLN D 257 43.10 11.10 14.12
N LEU D 258 42.47 11.08 15.28
CA LEU D 258 43.18 11.36 16.52
C LEU D 258 43.55 10.07 17.23
N ASN D 259 44.33 10.22 18.29
CA ASN D 259 44.67 9.11 19.17
C ASN D 259 44.11 9.30 20.57
N THR D 260 44.23 10.48 21.15
CA THR D 260 43.57 10.63 22.43
C THR D 260 42.22 11.32 22.23
N PRO D 261 41.14 10.71 22.68
CA PRO D 261 39.81 11.32 22.47
C PRO D 261 39.61 12.50 23.40
N VAL D 262 38.92 13.51 22.89
CA VAL D 262 38.50 14.65 23.67
C VAL D 262 37.00 14.53 23.91
N GLN D 263 36.56 14.92 25.10
CA GLN D 263 35.17 14.74 25.46
C GLN D 263 34.39 16.02 25.26
N ILE D 264 33.09 15.87 25.03
CA ILE D 264 32.15 16.97 25.06
C ILE D 264 30.94 16.53 25.87
N ASN D 265 30.31 17.48 26.55
CA ASN D 265 29.04 17.26 27.20
C ASN D 265 28.00 18.13 26.52
N CYS D 266 26.83 17.54 26.28
CA CYS D 266 25.74 18.28 25.66
C CYS D 266 24.46 17.96 26.40
N THR D 267 23.58 18.95 26.53
CA THR D 267 22.37 18.78 27.30
C THR D 267 21.26 19.61 26.68
N ARG D 268 20.10 19.57 27.31
CA ARG D 268 18.93 20.32 26.88
C ARG D 268 18.05 20.47 28.10
N PRO D 269 18.29 21.49 28.92
CA PRO D 269 18.00 21.39 30.35
C PRO D 269 16.55 21.61 30.76
N ASN D 270 15.70 22.15 29.89
CA ASN D 270 14.34 22.45 30.29
C ASN D 270 13.49 21.18 30.39
N ASN D 271 12.41 21.26 31.16
CA ASN D 271 11.57 20.11 31.46
C ASN D 271 10.34 20.12 30.56
N ASN D 272 9.94 18.95 30.09
CA ASN D 272 8.88 18.89 29.10
C ASN D 272 7.80 17.88 29.47
N THR D 273 6.57 18.22 29.11
CA THR D 273 5.44 17.30 29.18
C THR D 273 4.96 16.99 27.78
N VAL D 274 4.39 15.81 27.60
CA VAL D 274 3.82 15.43 26.32
C VAL D 274 2.34 15.11 26.53
N LYS D 275 1.57 15.25 25.46
CA LYS D 275 0.14 14.97 25.51
C LYS D 275 -0.22 14.15 24.29
N SER D 276 -1.46 13.67 24.27
CA SER D 276 -1.90 12.76 23.24
C SER D 276 -3.24 13.19 22.67
N ILE D 277 -3.52 12.71 21.46
CA ILE D 277 -4.76 13.04 20.77
C ILE D 277 -4.97 11.95 19.72
N ARG D 278 -6.22 11.78 19.30
CA ARG D 278 -6.59 10.69 18.41
C ARG D 278 -7.19 11.29 17.15
N ILE D 279 -6.44 11.26 16.06
CA ILE D 279 -6.85 11.99 14.85
C ILE D 279 -7.90 11.21 14.08
N GLY D 280 -7.86 9.88 14.17
CA GLY D 280 -8.78 9.05 13.43
C GLY D 280 -8.99 7.72 14.10
N PRO D 281 -9.60 6.79 13.39
CA PRO D 281 -9.80 5.45 13.96
C PRO D 281 -8.50 4.69 14.11
N GLY D 282 -8.07 4.49 15.36
CA GLY D 282 -6.92 3.71 15.69
C GLY D 282 -5.61 4.47 15.71
N GLN D 283 -5.51 5.55 14.95
CA GLN D 283 -4.26 6.27 14.86
C GLN D 283 -4.04 7.13 16.10
N ALA D 284 -2.80 7.55 16.31
CA ALA D 284 -2.44 8.34 17.48
C ALA D 284 -1.44 9.40 17.07
N PHE D 285 -1.50 10.55 17.74
CA PHE D 285 -0.61 11.66 17.46
C PHE D 285 -0.11 12.27 18.75
N TYR D 286 1.20 12.47 18.84
CA TYR D 286 1.82 13.12 19.99
C TYR D 286 2.24 14.52 19.61
N TYR D 287 2.34 15.39 20.60
CA TYR D 287 2.76 16.76 20.36
C TYR D 287 3.40 17.32 21.61
N PHE D 288 3.96 18.52 21.46
CA PHE D 288 4.74 19.13 22.52
C PHE D 288 3.82 19.86 23.48
N GLY D 289 4.11 19.76 24.78
CA GLY D 289 3.19 20.26 25.77
C GLY D 289 3.48 21.68 26.20
N ASP D 290 4.03 21.84 27.40
CA ASP D 290 4.47 23.16 27.85
C ASP D 290 5.80 23.06 28.60
N ILE D 291 6.17 24.13 29.29
CA ILE D 291 7.45 24.21 29.97
C ILE D 291 7.19 24.37 31.45
N ILE D 292 7.71 23.45 32.24
CA ILE D 292 7.65 23.54 33.69
C ILE D 292 9.06 23.80 34.18
N GLY D 293 9.30 25.00 34.68
CA GLY D 293 10.62 25.33 35.18
C GLY D 293 11.17 26.62 34.61
N ASP D 294 12.30 26.54 33.91
CA ASP D 294 13.01 27.72 33.46
C ASP D 294 13.31 27.61 31.97
N ILE D 295 13.01 28.68 31.23
CA ILE D 295 13.40 28.74 29.83
C ILE D 295 14.92 28.86 29.75
N ARG D 296 15.55 27.88 29.13
CA ARG D 296 16.99 27.90 28.98
C ARG D 296 17.31 27.64 27.51
N MET D 297 18.59 27.47 27.19
CA MET D 297 19.01 27.20 25.82
C MET D 297 20.00 26.04 25.82
N ALA D 298 19.78 25.08 24.94
CA ALA D 298 20.63 23.91 24.89
C ALA D 298 22.01 24.26 24.35
N HIS D 299 23.03 23.63 24.92
CA HIS D 299 24.39 24.02 24.66
C HIS D 299 25.32 22.81 24.76
N CYS D 300 26.58 23.02 24.41
CA CYS D 300 27.60 21.98 24.49
C CYS D 300 28.89 22.56 25.04
N ASN D 301 29.51 21.84 25.97
CA ASN D 301 30.80 22.22 26.52
C ASN D 301 31.91 21.35 25.96
N VAL D 302 33.14 21.85 26.10
CA VAL D 302 34.34 21.11 25.74
C VAL D 302 35.48 21.66 26.58
N SER D 303 36.37 20.77 27.01
CA SER D 303 37.54 21.19 27.77
C SER D 303 38.49 22.01 26.90
N LYS D 304 38.87 23.17 27.41
CA LYS D 304 39.55 24.18 26.60
C LYS D 304 41.00 23.81 26.32
N ALA D 305 41.73 23.36 27.33
CA ALA D 305 43.17 23.20 27.20
C ALA D 305 43.51 22.01 26.29
N THR D 306 42.78 20.92 26.43
CA THR D 306 43.11 19.73 25.64
C THR D 306 42.67 19.88 24.19
N TRP D 307 41.73 20.77 23.91
CA TRP D 307 41.37 21.03 22.52
C TRP D 307 42.44 21.84 21.82
N ASN D 308 42.98 22.84 22.53
CA ASN D 308 44.08 23.64 22.00
C ASN D 308 45.30 22.76 21.76
N GLU D 309 45.59 21.84 22.67
CA GLU D 309 46.74 20.97 22.50
C GLU D 309 46.52 20.01 21.33
N THR D 310 45.27 19.66 21.07
CA THR D 310 44.96 18.77 19.96
C THR D 310 45.14 19.48 18.63
N LEU D 311 44.74 20.75 18.58
CA LEU D 311 44.97 21.55 17.38
C LEU D 311 46.45 21.80 17.16
N GLY D 312 47.20 21.98 18.25
CA GLY D 312 48.63 22.20 18.11
C GLY D 312 49.35 20.96 17.66
N LYS D 313 48.79 19.80 17.96
CA LYS D 313 49.40 18.56 17.49
C LYS D 313 49.11 18.34 16.01
N VAL D 314 47.90 18.69 15.57
CA VAL D 314 47.51 18.35 14.20
C VAL D 314 48.13 19.32 13.22
N VAL D 315 48.51 20.51 13.67
CA VAL D 315 49.19 21.41 12.75
C VAL D 315 50.65 21.03 12.59
N LYS D 316 51.21 20.33 13.58
CA LYS D 316 52.58 19.86 13.43
C LYS D 316 52.67 18.74 12.40
N GLN D 317 51.68 17.86 12.39
CA GLN D 317 51.60 16.84 11.37
C GLN D 317 51.29 17.42 9.99
N LEU D 318 50.59 18.56 9.95
CA LEU D 318 50.19 19.12 8.68
C LEU D 318 51.35 19.82 7.97
N ARG D 319 52.36 20.26 8.70
CA ARG D 319 53.43 21.05 8.10
C ARG D 319 54.38 20.24 7.23
N LYS D 320 54.25 18.92 7.20
CA LYS D 320 55.17 18.10 6.41
C LYS D 320 54.93 18.21 4.91
N HIS D 321 53.90 18.92 4.46
CA HIS D 321 53.64 19.09 3.04
C HIS D 321 53.78 20.52 2.57
N PHE D 322 54.14 21.46 3.46
CA PHE D 322 54.10 22.86 3.08
C PHE D 322 55.32 23.61 3.62
N GLY D 323 56.49 22.97 3.59
CA GLY D 323 57.70 23.58 4.09
C GLY D 323 57.70 23.72 5.60
N ASN D 324 58.64 24.51 6.09
CA ASN D 324 58.63 24.78 7.53
C ASN D 324 57.76 25.99 7.86
N ASN D 325 57.96 27.11 7.18
CA ASN D 325 57.33 28.36 7.60
C ASN D 325 56.31 28.79 6.57
N THR D 326 55.05 28.42 6.78
CA THR D 326 53.90 28.99 6.10
C THR D 326 52.83 29.26 7.13
N ILE D 327 52.07 30.34 6.94
CA ILE D 327 51.07 30.75 7.92
C ILE D 327 49.87 29.85 7.79
N ILE D 328 49.51 29.19 8.88
CA ILE D 328 48.34 28.31 8.93
C ILE D 328 47.24 29.02 9.70
N ARG D 329 46.07 29.14 9.09
CA ARG D 329 44.96 29.83 9.72
C ARG D 329 43.69 29.01 9.57
N PHE D 330 42.94 28.90 10.66
CA PHE D 330 41.62 28.27 10.65
C PHE D 330 40.55 29.34 10.54
N ALA D 331 39.38 28.93 10.05
CA ALA D 331 38.29 29.86 9.83
C ALA D 331 36.97 29.13 9.95
N GLN D 332 35.88 29.90 9.92
CA GLN D 332 34.55 29.34 10.07
C GLN D 332 34.07 28.73 8.77
N SER D 333 32.83 28.26 8.74
CA SER D 333 32.28 27.65 7.54
C SER D 333 31.93 28.71 6.51
N SER D 334 31.51 28.25 5.32
CA SER D 334 31.32 29.13 4.18
C SER D 334 29.86 29.46 3.94
N GLY D 335 29.02 28.45 3.78
CA GLY D 335 27.62 28.68 3.48
C GLY D 335 26.80 27.42 3.46
N GLY D 336 25.91 27.28 2.48
CA GLY D 336 25.09 26.09 2.37
C GLY D 336 23.97 26.08 3.38
N ASP D 337 23.27 24.95 3.41
CA ASP D 337 22.15 24.81 4.32
C ASP D 337 22.63 24.51 5.73
N LEU D 338 21.65 24.43 6.64
CA LEU D 338 21.89 24.22 8.06
C LEU D 338 22.55 22.89 8.37
N GLU D 339 22.33 21.88 7.52
CA GLU D 339 22.94 20.56 7.62
C GLU D 339 24.46 20.59 7.70
N VAL D 340 25.12 21.52 7.03
CA VAL D 340 26.57 21.51 6.88
C VAL D 340 27.21 22.67 7.63
N THR D 341 26.61 23.86 7.55
CA THR D 341 27.22 25.06 8.11
C THR D 341 27.29 25.04 9.63
N THR D 342 26.55 24.16 10.29
CA THR D 342 26.67 23.98 11.73
C THR D 342 27.04 22.53 11.99
N HIS D 343 27.14 22.15 13.25
CA HIS D 343 27.40 20.76 13.64
C HIS D 343 26.08 20.13 14.03
N SER D 344 25.85 18.90 13.58
CA SER D 344 24.56 18.24 13.74
C SER D 344 24.75 16.77 14.05
N PHE D 345 23.94 16.28 14.98
CA PHE D 345 23.91 14.88 15.36
C PHE D 345 22.62 14.61 16.12
N ASN D 346 22.45 13.37 16.55
CA ASN D 346 21.34 12.99 17.39
C ASN D 346 21.87 12.50 18.73
N CYS D 347 21.44 13.17 19.79
CA CYS D 347 21.64 12.72 21.16
C CYS D 347 20.34 12.15 21.66
N GLY D 348 20.23 10.83 21.64
CA GLY D 348 19.21 10.12 22.40
C GLY D 348 17.79 10.24 21.91
N GLY D 349 17.55 10.88 20.77
CA GLY D 349 16.22 10.95 20.21
C GLY D 349 15.76 12.32 19.76
N GLU D 350 16.41 13.41 20.16
CA GLU D 350 16.06 14.71 19.61
C GLU D 350 17.32 15.30 18.96
N PHE D 351 17.11 16.10 17.93
CA PHE D 351 18.13 16.39 16.93
C PHE D 351 18.72 17.77 17.20
N PHE D 352 20.03 17.90 17.03
CA PHE D 352 20.75 19.11 17.40
C PHE D 352 21.33 19.81 16.18
N TYR D 353 21.58 21.10 16.34
CA TYR D 353 22.31 21.92 15.36
C TYR D 353 23.12 22.95 16.15
N CYS D 354 24.41 22.66 16.36
CA CYS D 354 25.27 23.50 17.17
C CYS D 354 26.22 24.31 16.27
N ASN D 355 26.46 25.56 16.67
CA ASN D 355 27.11 26.54 15.80
C ASN D 355 28.58 26.21 15.52
N THR D 356 29.32 25.74 16.54
CA THR D 356 30.75 25.44 16.54
C THR D 356 31.65 26.44 15.80
N SER D 357 31.29 27.72 15.86
CA SER D 357 32.14 28.78 15.33
C SER D 357 33.30 29.10 16.27
N GLY D 358 33.24 28.66 17.51
CA GLY D 358 34.28 28.91 18.47
C GLY D 358 35.37 27.86 18.54
N LEU D 359 35.51 27.04 17.51
CA LEU D 359 36.55 26.03 17.51
C LEU D 359 37.50 26.12 16.32
N PHE D 360 37.37 27.14 15.48
CA PHE D 360 38.25 27.23 14.32
C PHE D 360 38.77 28.64 14.21
N ASN D 361 39.18 29.17 15.35
CA ASN D 361 39.69 30.53 15.49
C ASN D 361 41.21 30.50 15.35
N SER D 362 41.96 31.41 15.97
CA SER D 362 43.25 31.98 15.59
C SER D 362 44.34 31.12 14.96
N THR D 363 45.15 31.79 14.16
CA THR D 363 46.20 31.24 13.31
C THR D 363 47.42 30.76 14.07
N TRP D 364 48.46 30.37 13.34
CA TRP D 364 49.66 29.76 13.91
C TRP D 364 50.88 30.15 13.10
N ILE D 365 51.94 30.59 13.79
CA ILE D 365 53.22 30.91 13.20
C ILE D 365 54.25 29.99 13.88
N SER D 366 55.42 29.85 13.26
CA SER D 366 56.42 28.86 13.69
C SER D 366 56.97 29.13 15.08
N ASN D 367 57.12 30.41 15.44
CA ASN D 367 57.60 30.75 16.78
C ASN D 367 56.48 31.25 17.68
N ASN D 379 41.49 25.71 32.81
CA ASN D 379 40.64 25.00 33.75
C ASN D 379 39.18 25.19 33.34
N ASP D 380 38.90 26.28 32.65
CA ASP D 380 37.55 26.60 32.21
C ASP D 380 37.21 25.83 30.94
N SER D 381 36.10 26.19 30.31
CA SER D 381 35.59 25.46 29.17
C SER D 381 35.06 26.44 28.13
N ILE D 382 34.73 25.90 26.96
CA ILE D 382 34.15 26.68 25.87
C ILE D 382 32.71 26.26 25.69
N VAL D 383 31.81 27.22 25.71
CA VAL D 383 30.39 26.97 25.48
C VAL D 383 30.10 27.13 24.01
N LEU D 384 29.01 26.50 23.57
CA LEU D 384 28.59 26.54 22.17
C LEU D 384 27.08 26.66 22.14
N PRO D 385 26.52 27.69 21.49
CA PRO D 385 25.07 27.73 21.33
C PRO D 385 24.63 26.68 20.34
N CYS D 386 23.38 26.23 20.51
CA CYS D 386 22.94 25.05 19.76
C CYS D 386 21.42 25.05 19.71
N ARG D 387 20.87 25.07 18.51
CA ARG D 387 19.42 25.11 18.31
C ARG D 387 18.90 23.74 17.89
N ILE D 388 17.57 23.58 17.97
CA ILE D 388 16.91 22.29 17.81
C ILE D 388 15.82 22.44 16.76
N LYS D 389 15.75 21.49 15.82
CA LYS D 389 14.75 21.48 14.77
C LYS D 389 14.02 20.16 14.80
N GLN D 390 12.73 20.17 14.45
CA GLN D 390 11.94 18.93 14.48
C GLN D 390 11.77 18.31 13.11
N ILE D 391 11.26 19.06 12.14
CA ILE D 391 10.95 18.52 10.82
C ILE D 391 12.24 18.35 10.04
N ILE D 392 12.49 17.13 9.57
CA ILE D 392 13.77 16.75 9.01
C ILE D 392 13.59 16.09 7.66
N ASN D 393 14.41 16.52 6.69
CA ASN D 393 14.66 15.74 5.48
C ASN D 393 16.15 15.39 5.48
N MET D 394 16.51 14.29 6.13
CA MET D 394 17.82 13.75 5.86
C MET D 394 17.80 13.00 4.55
N TRP D 395 18.99 12.75 4.02
CA TRP D 395 19.27 12.05 2.77
C TRP D 395 18.67 12.73 1.54
N GLN D 396 18.27 13.99 1.65
CA GLN D 396 18.04 14.94 0.56
C GLN D 396 16.94 14.53 -0.40
N ARG D 397 16.16 13.49 -0.10
CA ARG D 397 15.23 12.97 -1.07
C ARG D 397 13.96 13.80 -1.11
N ILE D 398 13.56 14.21 -2.32
CA ILE D 398 12.38 15.02 -2.52
C ILE D 398 11.16 14.14 -2.32
N GLY D 399 10.07 14.72 -1.85
CA GLY D 399 8.80 14.03 -1.71
C GLY D 399 8.47 13.56 -0.32
N GLN D 400 9.45 13.33 0.55
CA GLN D 400 9.17 12.80 1.87
C GLN D 400 9.93 13.61 2.92
N ALA D 401 9.44 13.54 4.15
CA ALA D 401 10.05 14.16 5.32
C ALA D 401 9.39 13.53 6.55
N MET D 402 10.13 13.48 7.65
CA MET D 402 9.67 12.80 8.84
C MET D 402 9.50 13.76 10.01
N TYR D 403 8.68 13.35 10.97
CA TYR D 403 8.45 14.07 12.20
C TYR D 403 9.23 13.38 13.32
N ALA D 404 9.45 14.08 14.42
CA ALA D 404 10.11 13.45 15.55
C ALA D 404 9.43 13.87 16.83
N PRO D 405 8.90 12.93 17.61
CA PRO D 405 8.10 13.32 18.76
C PRO D 405 9.01 13.78 19.89
N PRO D 406 8.52 14.65 20.77
CA PRO D 406 9.35 15.15 21.86
C PRO D 406 9.59 14.09 22.92
N ILE D 407 10.56 14.36 23.78
CA ILE D 407 11.00 13.42 24.80
C ILE D 407 10.76 14.03 26.16
N GLN D 408 10.04 13.32 27.01
CA GLN D 408 9.79 13.79 28.37
C GLN D 408 11.07 13.65 29.19
N GLY D 409 11.38 14.70 29.96
CA GLY D 409 12.55 14.69 30.81
C GLY D 409 13.77 15.33 30.16
N VAL D 410 14.77 15.59 30.99
CA VAL D 410 15.99 16.23 30.52
C VAL D 410 16.87 15.20 29.82
N ILE D 411 17.80 15.67 28.99
CA ILE D 411 18.60 14.83 28.12
C ILE D 411 20.07 15.16 28.35
N ARG D 412 20.91 14.12 28.46
CA ARG D 412 22.35 14.30 28.59
C ARG D 412 23.07 13.35 27.66
N CYS D 413 24.22 13.77 27.13
CA CYS D 413 25.10 12.89 26.35
C CYS D 413 26.56 13.23 26.63
N VAL D 414 27.38 12.18 26.75
CA VAL D 414 28.83 12.29 26.67
C VAL D 414 29.25 11.53 25.43
N SER D 415 30.44 11.82 24.92
CA SER D 415 30.92 11.18 23.70
C SER D 415 32.42 11.37 23.57
N ASN D 416 32.98 10.77 22.52
CA ASN D 416 34.35 10.99 22.12
C ASN D 416 34.39 11.63 20.75
N ILE D 417 35.21 12.65 20.57
CA ILE D 417 35.48 13.22 19.25
C ILE D 417 36.74 12.56 18.72
N THR D 418 36.61 11.84 17.61
CA THR D 418 37.74 11.16 16.99
C THR D 418 37.74 11.50 15.51
N GLY D 419 38.36 12.60 15.15
CA GLY D 419 38.54 12.85 13.73
C GLY D 419 37.69 13.99 13.21
N LEU D 420 38.29 14.79 12.33
CA LEU D 420 37.66 15.97 11.80
C LEU D 420 37.66 15.90 10.29
N ILE D 421 36.88 16.79 9.67
CA ILE D 421 36.78 16.88 8.22
C ILE D 421 37.18 18.28 7.82
N LEU D 422 38.30 18.41 7.10
CA LEU D 422 38.80 19.71 6.74
C LEU D 422 38.92 19.83 5.23
N THR D 423 38.76 21.06 4.75
CA THR D 423 39.08 21.39 3.37
C THR D 423 39.78 22.75 3.33
N ARG D 424 40.50 22.98 2.25
CA ARG D 424 41.30 24.19 2.08
C ARG D 424 40.66 25.08 1.03
N ASP D 425 41.28 26.23 0.82
CA ASP D 425 40.84 27.15 -0.21
C ASP D 425 41.93 27.30 -1.26
N GLY D 426 41.65 28.15 -2.25
CA GLY D 426 42.59 28.35 -3.34
C GLY D 426 43.62 29.40 -3.02
N GLY D 427 43.73 30.41 -3.86
CA GLY D 427 44.67 31.48 -3.63
C GLY D 427 45.57 31.75 -4.82
N SER D 428 46.34 32.82 -4.77
CA SER D 428 47.25 33.15 -5.84
C SER D 428 48.51 32.29 -5.75
N THR D 429 49.46 32.57 -6.64
CA THR D 429 50.73 31.84 -6.63
C THR D 429 51.60 32.27 -5.46
N ASN D 430 51.84 33.57 -5.33
CA ASN D 430 52.54 34.12 -4.18
C ASN D 430 51.60 34.15 -2.98
N SER D 431 51.74 33.16 -2.10
CA SER D 431 50.88 33.08 -0.93
C SER D 431 51.64 32.42 0.20
N THR D 432 51.43 32.95 1.40
CA THR D 432 51.96 32.33 2.61
C THR D 432 50.89 31.92 3.60
N THR D 433 49.64 32.32 3.40
CA THR D 433 48.54 31.99 4.28
C THR D 433 47.66 30.96 3.58
N GLU D 434 47.63 29.76 4.12
CA GLU D 434 46.83 28.67 3.57
C GLU D 434 45.78 28.27 4.59
N THR D 435 44.52 28.46 4.24
CA THR D 435 43.43 28.42 5.19
C THR D 435 42.81 27.04 5.23
N PHE D 436 41.99 26.82 6.26
CA PHE D 436 41.25 25.57 6.39
C PHE D 436 39.89 25.87 6.97
N ARG D 437 38.86 25.29 6.36
CA ARG D 437 37.49 25.45 6.81
C ARG D 437 36.88 24.07 6.98
N PRO D 438 36.17 23.82 8.06
CA PRO D 438 35.58 22.50 8.28
C PRO D 438 34.36 22.29 7.40
N GLY D 439 34.52 21.46 6.37
CA GLY D 439 33.44 21.21 5.43
C GLY D 439 32.82 19.84 5.62
N GLY D 440 32.83 19.03 4.57
CA GLY D 440 32.27 17.69 4.65
C GLY D 440 30.85 17.66 4.12
N GLY D 441 29.93 17.17 4.93
CA GLY D 441 28.53 17.15 4.56
C GLY D 441 28.10 15.93 3.80
N ASP D 442 28.89 15.51 2.82
CA ASP D 442 28.60 14.28 2.10
C ASP D 442 28.80 13.10 3.02
N MET D 443 27.73 12.33 3.22
CA MET D 443 27.70 11.35 4.29
C MET D 443 28.58 10.14 4.04
N ARG D 444 29.10 9.97 2.82
CA ARG D 444 29.88 8.77 2.52
C ARG D 444 31.20 8.73 3.27
N ASP D 445 31.75 9.88 3.63
CA ASP D 445 33.05 9.89 4.28
C ASP D 445 32.96 9.46 5.74
N ASN D 446 31.76 9.44 6.30
CA ASN D 446 31.56 8.95 7.66
C ASN D 446 31.86 7.47 7.78
N TRP D 447 31.82 6.72 6.68
CA TRP D 447 32.18 5.32 6.72
C TRP D 447 33.52 5.01 6.07
N ARG D 448 34.05 5.93 5.27
CA ARG D 448 35.41 5.74 4.79
C ARG D 448 36.44 5.86 5.89
N SER D 449 36.13 6.56 6.97
CA SER D 449 37.02 6.65 8.12
C SER D 449 37.09 5.36 8.90
N GLU D 450 36.15 4.44 8.68
CA GLU D 450 36.08 3.25 9.50
C GLU D 450 36.29 1.98 8.69
N LEU D 451 35.93 1.97 7.41
CA LEU D 451 36.03 0.77 6.60
C LEU D 451 37.19 0.88 5.62
N TYR D 452 38.29 1.48 6.05
CA TYR D 452 39.43 1.64 5.15
C TYR D 452 40.32 0.40 5.09
N LYS D 453 40.40 -0.38 6.17
CA LYS D 453 41.36 -1.46 6.28
C LYS D 453 40.81 -2.80 5.79
N TYR D 454 39.88 -2.78 4.85
CA TYR D 454 39.28 -4.01 4.36
C TYR D 454 39.14 -3.96 2.85
N LYS D 455 39.07 -5.15 2.25
CA LYS D 455 38.97 -5.27 0.80
C LYS D 455 38.38 -6.61 0.46
N VAL D 456 37.34 -6.61 -0.36
CA VAL D 456 36.69 -7.86 -0.76
C VAL D 456 37.52 -8.51 -1.85
N VAL D 457 37.45 -9.84 -1.93
CA VAL D 457 38.33 -10.60 -2.82
C VAL D 457 37.66 -11.94 -3.12
N LYS D 458 37.98 -12.52 -4.28
CA LYS D 458 37.36 -13.76 -4.74
C LYS D 458 38.41 -14.83 -4.97
N ILE D 459 38.16 -16.02 -4.45
CA ILE D 459 39.07 -17.15 -4.60
C ILE D 459 38.74 -17.88 -5.88
N GLU D 460 39.77 -18.27 -6.63
CA GLU D 460 39.60 -19.10 -7.82
C GLU D 460 40.51 -20.32 -7.66
N PRO D 461 39.95 -21.49 -7.47
CA PRO D 461 40.75 -22.63 -7.00
C PRO D 461 41.38 -23.49 -8.09
N LEU D 462 41.45 -23.03 -9.33
CA LEU D 462 41.93 -23.87 -10.43
C LEU D 462 43.14 -23.22 -11.08
N GLY D 463 44.27 -23.94 -11.10
CA GLY D 463 45.50 -23.41 -11.61
C GLY D 463 46.19 -24.39 -12.55
N VAL D 464 47.13 -23.86 -13.33
CA VAL D 464 47.82 -24.60 -14.37
C VAL D 464 49.32 -24.36 -14.24
N ALA D 465 50.09 -25.44 -14.19
CA ALA D 465 51.53 -25.36 -14.08
C ALA D 465 52.16 -26.63 -14.63
N PRO D 466 53.35 -26.57 -15.20
CA PRO D 466 53.97 -27.76 -15.78
C PRO D 466 54.86 -28.51 -14.81
N THR D 467 55.06 -29.79 -15.14
CA THR D 467 56.04 -30.66 -14.49
C THR D 467 56.37 -31.81 -15.45
N ARG D 468 57.12 -32.78 -14.95
CA ARG D 468 57.59 -33.89 -15.77
C ARG D 468 56.64 -35.07 -15.79
N CYS D 469 55.43 -34.92 -15.24
CA CYS D 469 54.52 -36.05 -15.17
C CYS D 469 53.92 -36.34 -16.55
N LYS D 470 53.47 -37.58 -16.72
CA LYS D 470 52.82 -38.01 -17.95
C LYS D 470 51.92 -39.18 -17.61
N ARG D 471 50.63 -39.08 -17.94
CA ARG D 471 49.67 -40.09 -17.51
C ARG D 471 49.85 -41.37 -18.29
N ARG D 472 49.20 -42.43 -17.82
CA ARG D 472 49.32 -43.74 -18.40
C ARG D 472 48.42 -43.87 -19.62
N VAL D 473 48.37 -45.08 -20.18
CA VAL D 473 47.61 -45.32 -21.38
C VAL D 473 46.39 -46.18 -21.09
N VAL E 7 13.02 -58.86 -3.88
CA VAL E 7 12.11 -57.78 -4.22
C VAL E 7 12.49 -56.54 -3.40
N SER E 8 12.31 -55.36 -3.99
CA SER E 8 12.61 -54.10 -3.30
C SER E 8 11.55 -53.86 -2.24
N LEU E 9 11.99 -53.64 -0.99
CA LEU E 9 11.04 -53.35 0.08
C LEU E 9 10.42 -51.98 -0.09
N GLY E 10 11.20 -51.03 -0.59
CA GLY E 10 10.78 -49.66 -0.76
C GLY E 10 11.72 -48.72 -0.04
N PHE E 11 11.29 -47.47 0.10
CA PHE E 11 12.12 -46.48 0.75
C PHE E 11 12.18 -46.75 2.25
N LEU E 12 13.41 -46.76 2.77
CA LEU E 12 13.73 -47.09 4.18
C LEU E 12 13.20 -48.46 4.57
N GLY E 13 13.26 -49.41 3.66
CA GLY E 13 12.67 -50.72 3.93
C GLY E 13 13.46 -51.53 4.94
N ALA E 14 14.79 -51.49 4.85
CA ALA E 14 15.63 -52.29 5.72
C ALA E 14 16.04 -51.56 6.99
N ALA E 15 15.21 -50.63 7.46
CA ALA E 15 15.57 -49.79 8.59
C ALA E 15 15.63 -50.56 9.90
N GLY E 16 15.05 -51.73 9.98
CA GLY E 16 15.11 -52.51 11.20
C GLY E 16 15.91 -53.78 11.03
N SER E 17 16.43 -54.00 9.83
CA SER E 17 17.11 -55.26 9.55
C SER E 17 18.59 -55.16 9.91
N THR E 18 19.27 -56.28 9.76
CA THR E 18 20.69 -56.42 10.01
C THR E 18 21.49 -55.58 9.01
N MET E 19 22.60 -55.01 9.50
CA MET E 19 23.54 -54.27 8.67
C MET E 19 24.00 -55.07 7.46
N GLY E 20 24.29 -56.36 7.66
CA GLY E 20 24.66 -57.22 6.56
C GLY E 20 23.54 -57.43 5.55
N ALA E 21 22.29 -57.40 6.01
CA ALA E 21 21.15 -57.44 5.11
C ALA E 21 20.83 -56.09 4.50
N ALA E 22 21.01 -55.01 5.26
CA ALA E 22 20.77 -53.67 4.74
C ALA E 22 21.80 -53.25 3.72
N SER E 23 23.01 -53.77 3.82
CA SER E 23 24.06 -53.48 2.84
C SER E 23 23.76 -54.07 1.47
N MET E 24 22.87 -55.06 1.38
CA MET E 24 22.47 -55.60 0.09
C MET E 24 21.73 -54.57 -0.74
N THR E 25 20.93 -53.71 -0.10
CA THR E 25 20.12 -52.74 -0.81
C THR E 25 20.46 -51.33 -0.30
N LEU E 26 21.17 -50.57 -1.13
CA LEU E 26 21.59 -49.24 -0.77
C LEU E 26 21.07 -48.17 -1.72
N THR E 27 20.80 -48.53 -2.96
CA THR E 27 20.58 -47.53 -4.00
C THR E 27 19.23 -46.87 -3.88
N VAL E 28 18.24 -47.59 -3.32
CA VAL E 28 16.89 -47.04 -3.23
C VAL E 28 16.84 -45.89 -2.23
N GLN E 29 17.74 -45.88 -1.26
CA GLN E 29 17.84 -44.74 -0.37
C GLN E 29 18.51 -43.56 -1.05
N ALA E 30 19.31 -43.80 -2.07
CA ALA E 30 20.01 -42.74 -2.77
C ALA E 30 19.18 -42.12 -3.88
N ARG E 31 18.37 -42.91 -4.56
CA ARG E 31 17.65 -42.41 -5.73
C ARG E 31 16.53 -41.46 -5.35
N ASN E 32 15.98 -41.57 -4.13
CA ASN E 32 14.92 -40.68 -3.68
C ASN E 32 15.46 -39.41 -3.04
N LEU E 33 16.76 -39.21 -3.05
CA LEU E 33 17.34 -38.10 -2.32
C LEU E 33 17.14 -36.76 -3.02
N LEU E 34 17.10 -36.73 -4.35
CA LEU E 34 16.96 -35.46 -5.05
C LEU E 34 15.60 -35.27 -5.72
N SER E 35 14.60 -36.06 -5.34
CA SER E 35 13.27 -35.91 -5.92
C SER E 35 12.59 -34.66 -5.40
N HIS E 59 4.57 -13.96 -2.98
CA HIS E 59 5.27 -14.02 -1.69
C HIS E 59 5.43 -15.46 -1.24
N TRP E 60 4.46 -16.31 -1.57
CA TRP E 60 4.52 -17.70 -1.17
C TRP E 60 5.47 -18.52 -2.00
N GLY E 61 6.00 -17.98 -3.10
CA GLY E 61 7.02 -18.68 -3.86
C GLY E 61 8.35 -18.79 -3.15
N ILE E 62 8.57 -17.96 -2.13
CA ILE E 62 9.80 -18.01 -1.35
C ILE E 62 9.91 -19.34 -0.61
N LYS E 63 8.78 -19.81 -0.10
CA LYS E 63 8.72 -21.07 0.64
C LYS E 63 8.93 -22.26 -0.27
N GLN E 64 8.64 -22.11 -1.55
CA GLN E 64 8.90 -23.15 -2.53
C GLN E 64 10.27 -23.00 -3.15
N LEU E 65 11.04 -22.04 -2.68
CA LEU E 65 12.44 -21.91 -3.04
C LEU E 65 13.38 -21.90 -1.85
N GLN E 66 12.91 -21.46 -0.68
CA GLN E 66 13.71 -21.68 0.52
C GLN E 66 13.85 -23.15 0.86
N ALA E 67 12.89 -23.99 0.47
CA ALA E 67 13.06 -25.41 0.65
C ALA E 67 13.78 -26.08 -0.51
N ARG E 68 13.56 -25.58 -1.73
CA ARG E 68 14.15 -26.22 -2.89
C ARG E 68 15.65 -26.00 -2.94
N VAL E 69 16.10 -24.83 -2.48
CA VAL E 69 17.53 -24.58 -2.41
C VAL E 69 18.16 -25.37 -1.27
N LEU E 70 17.41 -25.54 -0.17
CA LEU E 70 17.96 -26.19 1.03
C LEU E 70 18.23 -27.67 0.82
N ALA E 71 17.60 -28.28 -0.19
CA ALA E 71 17.92 -29.67 -0.49
C ALA E 71 19.28 -29.78 -1.17
N VAL E 72 19.71 -28.72 -1.83
CA VAL E 72 20.79 -28.85 -2.81
C VAL E 72 22.14 -28.99 -2.14
N GLU E 73 22.49 -28.04 -1.27
CA GLU E 73 23.83 -28.07 -0.69
C GLU E 73 23.94 -29.14 0.38
N HIS E 74 22.80 -29.60 0.91
CA HIS E 74 22.81 -30.78 1.76
C HIS E 74 23.22 -32.00 0.97
N TYR E 75 22.82 -32.06 -0.30
CA TYR E 75 23.39 -33.06 -1.19
C TYR E 75 24.83 -32.72 -1.53
N LEU E 76 25.11 -31.45 -1.79
CA LEU E 76 26.41 -31.08 -2.32
C LEU E 76 27.51 -31.14 -1.26
N ARG E 77 27.16 -30.96 0.01
CA ARG E 77 28.17 -31.02 1.05
C ARG E 77 28.72 -32.43 1.19
N ASP E 78 27.81 -33.41 1.31
CA ASP E 78 28.25 -34.78 1.51
C ASP E 78 28.80 -35.37 0.23
N GLN E 79 28.41 -34.81 -0.92
CA GLN E 79 29.01 -35.23 -2.17
C GLN E 79 30.46 -34.78 -2.23
N GLN E 80 30.72 -33.55 -1.81
CA GLN E 80 32.08 -33.01 -1.83
C GLN E 80 32.94 -33.65 -0.76
N LEU E 81 32.36 -33.96 0.39
CA LEU E 81 33.10 -34.65 1.44
C LEU E 81 33.48 -36.05 1.01
N LEU E 82 32.59 -36.74 0.32
CA LEU E 82 32.90 -38.06 -0.18
C LEU E 82 33.85 -38.01 -1.36
N GLY E 83 33.92 -36.88 -2.05
CA GLY E 83 34.84 -36.72 -3.14
C GLY E 83 36.28 -36.59 -2.67
N ILE E 84 36.48 -35.93 -1.53
CA ILE E 84 37.83 -35.61 -1.08
C ILE E 84 38.46 -36.82 -0.43
N TRP E 85 37.68 -37.87 -0.17
CA TRP E 85 38.19 -39.10 0.41
C TRP E 85 38.66 -40.10 -0.64
N GLY E 86 38.91 -39.63 -1.87
CA GLY E 86 39.56 -40.43 -2.88
C GLY E 86 38.67 -41.43 -3.60
N CYS E 87 37.43 -41.59 -3.19
CA CYS E 87 36.56 -42.63 -3.73
C CYS E 87 35.17 -42.08 -4.03
N SER E 88 35.13 -40.98 -4.79
CA SER E 88 33.87 -40.31 -5.12
C SER E 88 32.94 -41.19 -5.93
N GLY E 89 33.49 -41.99 -6.84
CA GLY E 89 32.67 -42.75 -7.75
C GLY E 89 31.94 -43.92 -7.12
N LYS E 90 32.62 -44.66 -6.26
CA LYS E 90 32.07 -45.91 -5.76
C LYS E 90 31.02 -45.65 -4.68
N LEU E 91 30.55 -46.74 -4.07
CA LEU E 91 29.73 -46.67 -2.88
C LEU E 91 30.39 -47.40 -1.72
N ILE E 92 30.88 -48.61 -1.94
CA ILE E 92 31.57 -49.36 -0.88
C ILE E 92 33.05 -49.03 -1.03
N CYS E 93 33.43 -47.92 -0.42
CA CYS E 93 34.81 -47.47 -0.46
C CYS E 93 35.66 -48.25 0.53
N CYS E 94 36.94 -48.37 0.24
CA CYS E 94 37.90 -49.00 1.15
C CYS E 94 39.13 -48.12 1.27
N THR E 95 39.65 -47.99 2.48
CA THR E 95 40.83 -47.19 2.78
C THR E 95 41.71 -47.93 3.75
N ASN E 96 42.97 -47.51 3.84
CA ASN E 96 43.91 -48.11 4.78
C ASN E 96 44.15 -47.20 5.98
N VAL E 97 43.22 -47.23 6.94
CA VAL E 97 43.37 -46.55 8.22
C VAL E 97 42.99 -47.56 9.30
N PRO E 98 43.85 -47.82 10.28
CA PRO E 98 43.54 -48.81 11.31
C PRO E 98 42.40 -48.37 12.21
N TRP E 99 41.68 -49.35 12.75
CA TRP E 99 40.42 -49.08 13.44
C TRP E 99 40.66 -48.57 14.85
N ASN E 100 41.72 -49.09 15.50
CA ASN E 100 42.12 -48.71 16.86
C ASN E 100 40.99 -48.90 17.86
N SER E 101 40.73 -50.17 18.23
CA SER E 101 39.58 -50.64 19.00
C SER E 101 39.34 -49.95 20.35
N SER E 102 40.22 -49.04 20.77
CA SER E 102 39.94 -48.12 21.88
C SER E 102 38.68 -47.31 21.68
N TRP E 103 38.30 -47.04 20.43
CA TRP E 103 37.07 -46.30 20.15
C TRP E 103 35.84 -47.13 20.52
N SER E 104 35.72 -48.31 19.93
CA SER E 104 34.73 -49.29 20.35
C SER E 104 35.35 -50.67 20.21
N ASN E 105 34.95 -51.57 21.10
CA ASN E 105 35.55 -52.90 21.20
C ASN E 105 34.48 -53.98 21.02
N ARG E 106 34.23 -54.33 19.77
CA ARG E 106 33.32 -55.42 19.45
C ARG E 106 34.01 -56.34 18.45
N ASN E 107 33.47 -57.54 18.28
CA ASN E 107 34.07 -58.50 17.37
C ASN E 107 33.42 -58.33 16.01
N LEU E 108 33.85 -59.13 15.04
CA LEU E 108 33.28 -59.04 13.70
C LEU E 108 31.87 -59.58 13.68
N SER E 109 31.60 -60.61 14.47
CA SER E 109 30.30 -61.27 14.41
C SER E 109 29.21 -60.45 15.08
N GLU E 110 29.48 -59.87 16.25
CA GLU E 110 28.43 -59.18 16.99
C GLU E 110 28.14 -57.77 16.47
N ILE E 111 28.71 -57.41 15.32
CA ILE E 111 28.35 -56.17 14.65
C ILE E 111 27.46 -56.50 13.46
N TRP E 112 27.88 -57.46 12.65
CA TRP E 112 27.27 -57.72 11.37
C TRP E 112 26.21 -58.81 11.41
N ASP E 113 25.66 -59.11 12.59
CA ASP E 113 24.67 -60.19 12.61
C ASP E 113 23.40 -59.77 13.35
N ASN E 114 23.52 -58.95 14.39
CA ASN E 114 22.41 -58.74 15.30
C ASN E 114 21.90 -57.29 15.33
N MET E 115 22.76 -56.32 15.57
CA MET E 115 22.26 -54.96 15.75
C MET E 115 22.00 -54.30 14.40
N THR E 116 21.34 -53.15 14.46
CA THR E 116 21.06 -52.36 13.27
C THR E 116 21.90 -51.10 13.30
N TRP E 117 21.71 -50.28 12.28
CA TRP E 117 22.51 -49.06 12.14
C TRP E 117 22.13 -48.02 13.18
N LEU E 118 20.88 -48.06 13.64
CA LEU E 118 20.42 -47.07 14.62
C LEU E 118 21.13 -47.27 15.95
N GLN E 119 21.38 -48.52 16.32
CA GLN E 119 22.19 -48.77 17.52
C GLN E 119 23.64 -48.45 17.23
N TRP E 120 24.08 -48.62 15.99
CA TRP E 120 25.46 -48.35 15.64
C TRP E 120 25.80 -46.87 15.69
N ASP E 121 24.80 -46.01 15.53
CA ASP E 121 25.03 -44.57 15.48
C ASP E 121 25.50 -44.01 16.82
N LYS E 122 25.16 -44.67 17.93
CA LYS E 122 25.40 -44.09 19.24
C LYS E 122 26.86 -44.16 19.66
N GLU E 123 27.48 -45.33 19.56
CA GLU E 123 28.84 -45.51 20.06
C GLU E 123 29.88 -44.85 19.17
N ILE E 124 29.50 -44.43 17.96
CA ILE E 124 30.42 -43.79 17.04
C ILE E 124 30.30 -42.29 17.08
N SER E 125 29.20 -41.76 17.61
CA SER E 125 28.82 -40.35 17.53
C SER E 125 29.79 -39.39 18.20
N ASN E 126 30.72 -39.87 19.03
CA ASN E 126 31.70 -38.98 19.63
C ASN E 126 33.04 -38.97 18.91
N TYR E 127 33.32 -39.95 18.06
CA TYR E 127 34.60 -40.04 17.37
C TYR E 127 34.55 -39.50 15.95
N THR E 128 33.43 -38.89 15.57
CA THR E 128 33.15 -38.62 14.16
C THR E 128 34.10 -37.58 13.59
N GLN E 129 34.33 -36.49 14.32
CA GLN E 129 35.21 -35.45 13.83
C GLN E 129 36.66 -35.91 13.81
N ILE E 130 37.01 -36.83 14.71
CA ILE E 130 38.33 -37.43 14.69
C ILE E 130 38.49 -38.32 13.47
N ILE E 131 37.47 -39.13 13.19
CA ILE E 131 37.54 -40.06 12.07
C ILE E 131 37.48 -39.30 10.75
N TYR E 132 36.66 -38.26 10.69
CA TYR E 132 36.57 -37.45 9.47
C TYR E 132 37.85 -36.69 9.21
N GLY E 133 38.59 -36.37 10.28
CA GLY E 133 39.84 -35.66 10.09
C GLY E 133 40.92 -36.54 9.49
N LEU E 134 41.37 -37.54 10.25
CA LEU E 134 42.62 -38.24 9.93
C LEU E 134 42.46 -39.15 8.72
N LEU E 135 41.23 -39.54 8.40
CA LEU E 135 40.98 -40.16 7.10
C LEU E 135 41.28 -39.18 5.99
N GLU E 136 40.84 -37.95 6.16
CA GLU E 136 40.92 -36.99 5.06
C GLU E 136 42.31 -36.38 4.95
N GLU E 137 42.84 -35.85 6.05
CA GLU E 137 44.06 -35.04 5.97
C GLU E 137 45.29 -35.89 5.68
N SER E 138 45.27 -37.16 6.07
CA SER E 138 46.45 -38.00 5.90
C SER E 138 46.50 -38.64 4.52
N GLN E 139 45.48 -39.43 4.19
CA GLN E 139 45.66 -40.54 3.26
C GLN E 139 45.79 -40.06 1.82
N ASN E 140 44.86 -39.22 1.36
CA ASN E 140 44.96 -38.71 -0.01
C ASN E 140 46.12 -37.75 -0.18
N GLN E 141 46.60 -37.16 0.90
CA GLN E 141 47.84 -36.41 0.81
C GLN E 141 49.04 -37.35 0.74
N GLN E 142 48.95 -38.51 1.41
CA GLN E 142 50.02 -39.50 1.32
C GLN E 142 49.97 -40.21 -0.03
N GLU E 143 48.80 -40.32 -0.63
CA GLU E 143 48.68 -41.00 -1.91
C GLU E 143 49.33 -40.20 -3.02
N LYS E 144 49.04 -38.90 -3.09
CA LYS E 144 49.36 -38.12 -4.27
C LYS E 144 50.84 -37.79 -4.35
N ASN E 145 51.58 -38.04 -3.28
CA ASN E 145 53.03 -38.00 -3.35
C ASN E 145 53.55 -39.13 -4.24
N GLU E 146 52.84 -40.26 -4.27
CA GLU E 146 53.42 -41.47 -4.82
C GLU E 146 53.37 -41.48 -6.34
N GLN E 147 52.21 -41.21 -6.94
CA GLN E 147 52.13 -41.22 -8.40
C GLN E 147 52.81 -40.00 -9.00
N ASP E 148 53.04 -38.96 -8.19
CA ASP E 148 53.88 -37.87 -8.65
C ASP E 148 55.32 -38.34 -8.80
N LEU E 149 55.76 -39.22 -7.91
CA LEU E 149 57.12 -39.75 -7.99
C LEU E 149 57.23 -40.93 -8.94
N LEU E 150 56.17 -41.73 -9.07
CA LEU E 150 56.25 -42.91 -9.91
C LEU E 150 56.20 -42.53 -11.39
N ALA E 151 55.29 -41.62 -11.75
CA ALA E 151 55.22 -41.17 -13.14
C ALA E 151 56.35 -40.22 -13.51
N LEU E 152 57.12 -39.74 -12.53
CA LEU E 152 58.38 -39.06 -12.84
C LEU E 152 59.37 -40.01 -13.50
N ASP E 153 59.36 -41.27 -13.09
CA ASP E 153 60.31 -42.26 -13.60
C ASP E 153 59.66 -43.20 -14.59
N ALA F 1 43.63 -59.79 8.68
CA ALA F 1 42.21 -60.07 8.91
C ALA F 1 41.80 -59.65 10.31
N GLU F 2 42.79 -59.50 11.18
CA GLU F 2 42.53 -59.07 12.55
C GLU F 2 42.67 -57.57 12.73
N ASN F 3 43.69 -56.96 12.15
CA ASN F 3 43.86 -55.51 12.20
C ASN F 3 42.79 -54.90 11.29
N LEU F 4 41.68 -54.53 11.90
CA LEU F 4 40.53 -54.05 11.15
C LEU F 4 40.79 -52.64 10.63
N TRP F 5 40.24 -52.35 9.47
CA TRP F 5 40.34 -51.02 8.91
C TRP F 5 38.94 -50.44 8.78
N VAL F 6 38.87 -49.20 8.31
CA VAL F 6 37.63 -48.45 8.27
C VAL F 6 37.15 -48.35 6.83
N THR F 7 35.84 -48.45 6.64
CA THR F 7 35.19 -48.19 5.37
C THR F 7 34.05 -47.23 5.58
N VAL F 8 33.62 -46.59 4.51
CA VAL F 8 32.45 -45.73 4.58
C VAL F 8 31.34 -46.40 3.78
N TYR F 9 30.12 -45.90 3.97
CA TYR F 9 28.96 -46.46 3.30
C TYR F 9 28.03 -45.34 2.92
N TYR F 10 27.63 -45.30 1.66
CA TYR F 10 26.71 -44.28 1.18
C TYR F 10 25.31 -44.87 1.10
N GLY F 11 24.32 -44.06 1.48
CA GLY F 11 22.94 -44.50 1.43
C GLY F 11 22.58 -45.50 2.50
N VAL F 12 22.60 -45.04 3.75
CA VAL F 12 22.36 -45.91 4.89
C VAL F 12 21.11 -45.43 5.62
N PRO F 13 20.17 -46.32 5.94
CA PRO F 13 18.93 -45.88 6.59
C PRO F 13 19.14 -45.48 8.05
N VAL F 14 19.52 -44.22 8.27
CA VAL F 14 19.67 -43.67 9.61
C VAL F 14 19.12 -42.25 9.58
N TRP F 15 18.62 -41.76 10.71
CA TRP F 15 17.95 -40.48 10.73
C TRP F 15 18.24 -39.73 12.03
N LYS F 16 17.83 -38.47 12.05
CA LYS F 16 17.90 -37.64 13.24
C LYS F 16 16.68 -36.74 13.30
N ASP F 17 16.52 -36.05 14.42
CA ASP F 17 15.41 -35.13 14.60
C ASP F 17 15.87 -33.70 14.35
N ALA F 18 15.05 -32.95 13.65
CA ALA F 18 15.34 -31.56 13.30
C ALA F 18 14.02 -30.86 13.00
N GLU F 19 14.10 -29.69 12.37
CA GLU F 19 12.90 -28.96 11.99
C GLU F 19 13.18 -28.06 10.81
N THR F 20 12.35 -28.19 9.77
CA THR F 20 12.42 -27.35 8.57
C THR F 20 11.00 -26.96 8.21
N THR F 21 10.82 -26.46 6.99
CA THR F 21 9.53 -25.93 6.57
C THR F 21 8.77 -26.96 5.77
N LEU F 22 7.51 -26.66 5.50
CA LEU F 22 6.57 -27.53 4.79
C LEU F 22 5.95 -26.73 3.65
N PHE F 23 5.05 -27.38 2.89
CA PHE F 23 4.26 -26.68 1.88
C PHE F 23 2.97 -27.45 1.63
N CYS F 24 2.14 -26.92 0.73
CA CYS F 24 0.81 -27.46 0.44
C CYS F 24 0.83 -28.85 -0.15
N ALA F 25 -0.36 -29.46 -0.17
CA ALA F 25 -0.73 -30.50 -1.12
C ALA F 25 -2.25 -30.56 -1.08
N SER F 26 -2.89 -30.25 -2.19
CA SER F 26 -4.35 -30.16 -2.21
C SER F 26 -4.87 -30.39 -3.62
N ASP F 27 -6.03 -31.03 -3.70
CA ASP F 27 -6.71 -31.18 -4.98
C ASP F 27 -8.18 -30.79 -4.87
N HIS F 36 -16.02 -20.41 -5.58
CA HIS F 36 -15.03 -19.53 -6.18
C HIS F 36 -13.67 -19.78 -5.55
N ASN F 37 -13.37 -19.03 -4.51
CA ASN F 37 -12.15 -19.21 -3.75
C ASN F 37 -12.45 -19.37 -2.28
N VAL F 38 -11.54 -20.06 -1.60
CA VAL F 38 -11.48 -20.00 -0.16
C VAL F 38 -10.24 -19.21 0.17
N TRP F 39 -10.04 -18.93 1.45
CA TRP F 39 -8.90 -18.13 1.86
C TRP F 39 -7.60 -18.91 1.77
N ALA F 40 -7.67 -20.24 1.71
CA ALA F 40 -6.48 -21.06 1.79
C ALA F 40 -5.98 -21.53 0.42
N THR F 41 -6.81 -22.29 -0.29
CA THR F 41 -6.37 -22.95 -1.52
C THR F 41 -6.55 -21.99 -2.69
N HIS F 42 -5.46 -21.33 -3.07
CA HIS F 42 -5.46 -20.55 -4.29
C HIS F 42 -4.49 -21.11 -5.31
N ALA F 43 -3.21 -21.26 -4.95
CA ALA F 43 -2.20 -21.69 -5.91
C ALA F 43 -1.10 -22.41 -5.14
N CYS F 44 -1.23 -23.73 -5.03
CA CYS F 44 -0.15 -24.59 -4.56
C CYS F 44 -0.40 -26.00 -5.10
N VAL F 45 0.58 -26.87 -4.87
CA VAL F 45 0.84 -28.00 -5.78
C VAL F 45 -0.22 -29.07 -5.60
N PRO F 46 -0.76 -29.63 -6.69
CA PRO F 46 -1.68 -30.77 -6.56
C PRO F 46 -0.98 -32.03 -6.10
N THR F 47 -1.78 -32.94 -5.54
CA THR F 47 -1.25 -34.21 -5.05
C THR F 47 -0.93 -35.18 -6.17
N PRO F 51 -1.45 -41.06 -1.37
CA PRO F 51 -1.18 -42.21 -0.49
C PRO F 51 0.26 -42.69 -0.60
N GLN F 52 0.44 -43.94 -1.05
CA GLN F 52 1.74 -44.55 -1.32
C GLN F 52 2.60 -44.62 -0.06
N GLU F 53 2.03 -45.24 0.97
CA GLU F 53 2.73 -45.43 2.22
C GLU F 53 3.64 -46.64 2.15
N ILE F 54 4.56 -46.74 3.10
CA ILE F 54 5.51 -47.84 3.16
C ILE F 54 5.54 -48.35 4.59
N HIS F 55 5.30 -49.64 4.76
CA HIS F 55 5.24 -50.23 6.08
C HIS F 55 6.62 -50.60 6.58
N LEU F 56 6.83 -50.49 7.89
CA LEU F 56 8.10 -50.80 8.52
C LEU F 56 7.91 -51.93 9.52
N GLU F 57 9.01 -52.35 10.14
CA GLU F 57 8.97 -53.47 11.06
C GLU F 57 10.13 -53.35 12.02
N ASN F 58 9.89 -53.79 13.27
CA ASN F 58 10.88 -54.03 14.33
C ASN F 58 11.47 -52.76 14.91
N VAL F 59 11.14 -51.59 14.37
CA VAL F 59 11.78 -50.34 14.75
C VAL F 59 10.86 -49.59 15.70
N THR F 60 11.42 -49.06 16.78
CA THR F 60 10.69 -48.26 17.75
C THR F 60 11.20 -46.83 17.72
N GLU F 61 10.33 -45.91 18.14
CA GLU F 61 10.70 -44.50 18.20
C GLU F 61 9.95 -43.86 19.34
N GLU F 62 10.63 -42.93 20.02
CA GLU F 62 10.04 -42.20 21.14
C GLU F 62 9.37 -40.95 20.59
N PHE F 63 8.09 -41.05 20.31
CA PHE F 63 7.29 -39.89 19.92
C PHE F 63 7.10 -38.96 21.10
N ASN F 64 6.80 -37.70 20.79
CA ASN F 64 6.52 -36.72 21.84
C ASN F 64 5.63 -35.64 21.24
N MET F 65 4.33 -35.72 21.49
CA MET F 65 3.46 -34.60 21.18
C MET F 65 3.58 -33.60 22.34
N TRP F 66 2.92 -32.44 22.16
CA TRP F 66 2.95 -31.24 23.01
C TRP F 66 4.30 -30.54 22.99
N LYS F 67 5.27 -31.10 22.28
CA LYS F 67 6.53 -30.44 21.97
C LYS F 67 6.83 -30.51 20.49
N ASN F 68 5.85 -30.89 19.67
CA ASN F 68 6.02 -30.97 18.23
C ASN F 68 6.27 -29.58 17.66
N ASN F 69 7.06 -29.55 16.60
CA ASN F 69 7.39 -28.30 15.94
C ASN F 69 6.56 -28.08 14.70
N MET F 70 5.81 -29.09 14.26
CA MET F 70 4.88 -28.91 13.15
C MET F 70 3.70 -28.03 13.50
N VAL F 71 3.30 -27.99 14.77
CA VAL F 71 2.19 -27.14 15.15
C VAL F 71 2.61 -25.68 15.22
N GLU F 72 3.90 -25.41 15.45
CA GLU F 72 4.33 -24.01 15.52
C GLU F 72 4.34 -23.38 14.15
N GLN F 73 4.70 -24.14 13.11
CA GLN F 73 4.77 -23.57 11.77
C GLN F 73 3.40 -23.29 11.21
N MET F 74 2.47 -24.24 11.35
CA MET F 74 1.17 -24.09 10.70
C MET F 74 0.31 -23.05 11.43
N HIS F 75 0.60 -22.82 12.70
CA HIS F 75 -0.12 -21.79 13.45
C HIS F 75 0.20 -20.41 12.91
N GLU F 76 1.40 -20.23 12.40
CA GLU F 76 1.73 -18.98 11.75
C GLU F 76 1.18 -18.96 10.33
N ASP F 77 1.09 -20.13 9.69
CA ASP F 77 0.69 -20.15 8.29
C ASP F 77 -0.81 -19.99 8.13
N ILE F 78 -1.58 -20.11 9.20
CA ILE F 78 -2.97 -19.72 9.10
C ILE F 78 -3.09 -18.20 9.10
N ILE F 79 -2.46 -17.55 10.07
CA ILE F 79 -2.73 -16.14 10.31
C ILE F 79 -2.09 -15.28 9.23
N SER F 80 -1.04 -15.78 8.60
CA SER F 80 -0.50 -15.05 7.46
C SER F 80 -1.39 -15.22 6.24
N LEU F 81 -2.08 -16.35 6.16
CA LEU F 81 -2.95 -16.60 5.02
C LEU F 81 -4.33 -16.03 5.27
N TRP F 82 -4.62 -15.73 6.52
CA TRP F 82 -5.93 -15.17 6.87
C TRP F 82 -6.02 -13.71 6.46
N ASP F 83 -5.10 -12.88 6.96
CA ASP F 83 -5.21 -11.45 6.74
C ASP F 83 -4.77 -11.05 5.34
N GLN F 84 -4.08 -11.95 4.65
CA GLN F 84 -3.69 -11.69 3.27
C GLN F 84 -4.91 -11.62 2.37
N SER F 85 -5.96 -12.36 2.70
CA SER F 85 -7.19 -12.30 1.92
C SER F 85 -8.02 -11.07 2.19
N LEU F 86 -7.59 -10.15 3.06
CA LEU F 86 -8.32 -8.92 3.30
C LEU F 86 -7.56 -7.70 2.83
N LYS F 87 -6.42 -7.88 2.21
CA LYS F 87 -5.68 -6.75 1.65
C LYS F 87 -6.41 -6.03 0.51
N PRO F 88 -6.97 -6.69 -0.53
CA PRO F 88 -7.60 -5.90 -1.58
C PRO F 88 -9.02 -5.45 -1.28
N CYS F 89 -9.61 -5.89 -0.17
CA CYS F 89 -11.02 -5.59 0.07
C CYS F 89 -11.18 -4.14 0.52
N VAL F 90 -12.45 -3.75 0.69
CA VAL F 90 -12.78 -2.36 0.93
C VAL F 90 -12.45 -1.98 2.37
N LYS F 91 -11.81 -0.83 2.53
CA LYS F 91 -11.48 -0.30 3.85
C LYS F 91 -12.65 0.55 4.34
N LEU F 92 -13.22 0.17 5.47
CA LEU F 92 -14.44 0.82 5.97
C LEU F 92 -14.08 1.89 7.01
N THR F 93 -13.29 2.85 6.57
CA THR F 93 -13.01 3.98 7.45
C THR F 93 -14.13 5.02 7.63
N PRO F 94 -15.00 5.40 6.63
CA PRO F 94 -15.82 6.58 6.88
C PRO F 94 -17.12 6.24 7.59
N LEU F 95 -17.20 5.08 8.23
CA LEU F 95 -18.47 4.65 8.81
C LEU F 95 -18.62 5.07 10.27
N CYS F 96 -17.54 5.39 10.96
CA CYS F 96 -17.62 5.73 12.39
C CYS F 96 -18.23 7.12 12.55
N VAL F 97 -19.55 7.15 12.43
CA VAL F 97 -20.37 8.35 12.45
C VAL F 97 -21.27 8.22 13.68
N THR F 98 -21.75 9.34 14.19
CA THR F 98 -22.74 9.30 15.26
C THR F 98 -24.05 8.67 14.79
N LEU F 99 -24.45 7.58 15.42
CA LEU F 99 -25.70 6.93 15.05
C LEU F 99 -26.84 7.41 15.94
N GLN F 100 -27.89 7.93 15.32
CA GLN F 100 -29.16 8.13 15.99
C GLN F 100 -29.97 6.85 15.83
N CYS F 101 -30.45 6.30 16.93
CA CYS F 101 -30.89 4.91 16.92
C CYS F 101 -31.98 4.68 17.96
N THR F 102 -32.73 3.59 17.78
CA THR F 102 -33.79 3.21 18.71
C THR F 102 -34.01 1.71 18.61
N ASN F 103 -34.88 1.20 19.49
CA ASN F 103 -35.19 -0.22 19.47
C ASN F 103 -36.14 -0.54 18.34
N TYR F 104 -35.85 -1.63 17.65
CA TYR F 104 -36.72 -2.16 16.61
C TYR F 104 -37.62 -3.22 17.23
N ALA F 105 -38.81 -3.34 16.65
CA ALA F 105 -39.88 -4.20 17.15
C ALA F 105 -40.20 -3.96 18.62
N PRO F 106 -40.87 -2.84 18.95
CA PRO F 106 -41.28 -2.64 20.34
C PRO F 106 -42.49 -3.51 20.70
N ASN F 107 -42.98 -3.33 21.93
CA ASN F 107 -44.04 -4.06 22.63
C ASN F 107 -44.06 -5.55 22.36
N LEU F 108 -42.87 -6.15 22.29
CA LEU F 108 -42.71 -7.57 22.04
C LEU F 108 -42.50 -8.28 23.38
N LEU F 109 -43.24 -9.36 23.59
CA LEU F 109 -43.25 -10.03 24.88
C LEU F 109 -42.46 -11.33 24.88
N SER F 110 -41.71 -11.59 23.81
CA SER F 110 -40.95 -12.83 23.69
C SER F 110 -39.63 -12.71 24.43
N ASN F 111 -38.73 -13.66 24.19
CA ASN F 111 -37.41 -13.61 24.80
C ASN F 111 -36.55 -12.54 24.15
N MET F 112 -36.45 -12.57 22.83
CA MET F 112 -35.57 -11.64 22.13
C MET F 112 -36.15 -10.23 22.11
N ARG F 113 -35.74 -9.41 23.06
CA ARG F 113 -36.19 -8.03 23.14
C ARG F 113 -35.03 -7.05 23.03
N GLY F 114 -33.99 -7.24 23.83
CA GLY F 114 -32.92 -6.26 23.93
C GLY F 114 -32.00 -6.22 22.73
N GLU F 115 -32.10 -7.19 21.83
CA GLU F 115 -31.37 -7.14 20.59
C GLU F 115 -32.14 -6.30 19.58
N LEU F 116 -31.61 -6.26 18.35
CA LEU F 116 -32.28 -5.71 17.17
C LEU F 116 -32.62 -4.23 17.34
N LYS F 117 -31.57 -3.41 17.36
CA LYS F 117 -31.74 -1.98 17.33
C LYS F 117 -31.71 -1.45 15.90
N GLN F 118 -32.64 -0.57 15.57
CA GLN F 118 -32.73 0.04 14.24
C GLN F 118 -32.20 1.46 14.30
N CYS F 119 -31.19 1.75 13.48
CA CYS F 119 -30.47 3.00 13.58
C CYS F 119 -30.54 3.74 12.26
N SER F 120 -29.95 4.94 12.23
CA SER F 120 -29.92 5.76 11.04
C SER F 120 -28.73 6.70 11.10
N PHE F 121 -28.14 7.00 9.93
CA PHE F 121 -26.95 7.83 9.88
C PHE F 121 -26.84 8.46 8.49
N ASN F 122 -25.94 9.43 8.36
CA ASN F 122 -25.55 10.00 7.08
C ASN F 122 -24.32 9.29 6.56
N MET F 123 -24.12 9.36 5.25
CA MET F 123 -23.01 8.68 4.60
C MET F 123 -22.76 9.30 3.23
N THR F 124 -21.47 9.50 2.92
CA THR F 124 -21.06 10.09 1.66
C THR F 124 -21.25 9.11 0.51
N THR F 125 -21.61 9.65 -0.65
CA THR F 125 -21.90 8.91 -1.86
C THR F 125 -20.74 8.99 -2.84
N GLU F 126 -20.98 8.52 -4.07
CA GLU F 126 -20.02 8.59 -5.17
C GLU F 126 -19.53 10.01 -5.41
N LEU F 127 -20.45 10.93 -5.64
CA LEU F 127 -20.09 12.33 -5.77
C LEU F 127 -19.64 12.87 -4.43
N ARG F 128 -18.58 13.68 -4.46
CA ARG F 128 -17.94 14.09 -3.22
C ARG F 128 -18.79 15.07 -2.43
N ASP F 129 -19.51 15.94 -3.11
CA ASP F 129 -20.29 16.98 -2.43
C ASP F 129 -21.77 16.67 -2.39
N LYS F 130 -22.12 15.40 -2.28
CA LYS F 130 -23.48 15.00 -1.96
C LYS F 130 -23.45 13.99 -0.83
N LYS F 131 -24.55 13.89 -0.11
CA LYS F 131 -24.66 12.99 1.01
C LYS F 131 -25.91 12.14 0.85
N GLN F 132 -26.07 11.17 1.73
CA GLN F 132 -27.10 10.16 1.55
C GLN F 132 -27.59 9.67 2.90
N LYS F 133 -28.90 9.56 3.03
CA LYS F 133 -29.51 9.01 4.23
C LYS F 133 -29.85 7.55 3.99
N VAL F 134 -29.79 6.74 5.06
CA VAL F 134 -29.98 5.31 4.95
C VAL F 134 -30.52 4.79 6.27
N TYR F 135 -31.34 3.74 6.20
CA TYR F 135 -31.84 3.03 7.38
C TYR F 135 -31.24 1.64 7.44
N SER F 136 -30.88 1.22 8.65
CA SER F 136 -30.27 -0.09 8.82
C SER F 136 -30.49 -0.57 10.25
N LEU F 137 -30.13 -1.84 10.48
CA LEU F 137 -30.33 -2.49 11.77
C LEU F 137 -29.02 -3.14 12.21
N PHE F 138 -28.88 -3.30 13.53
CA PHE F 138 -27.71 -3.97 14.10
C PHE F 138 -28.13 -4.71 15.36
N TYR F 139 -27.31 -5.68 15.74
CA TYR F 139 -27.54 -6.42 16.97
C TYR F 139 -27.03 -5.63 18.15
N ARG F 140 -27.32 -6.13 19.35
CA ARG F 140 -27.01 -5.42 20.58
C ARG F 140 -25.52 -5.43 20.90
N LEU F 141 -24.81 -6.48 20.55
CA LEU F 141 -23.42 -6.63 20.94
C LEU F 141 -22.45 -5.89 20.03
N ASP F 142 -22.91 -4.87 19.33
CA ASP F 142 -22.05 -4.14 18.42
C ASP F 142 -22.18 -2.63 18.56
N VAL F 143 -23.17 -2.12 19.28
CA VAL F 143 -23.33 -0.68 19.45
C VAL F 143 -23.21 -0.36 20.93
N VAL F 144 -22.67 0.82 21.22
CA VAL F 144 -22.44 1.29 22.57
C VAL F 144 -22.91 2.73 22.65
N GLN F 145 -23.72 3.04 23.65
CA GLN F 145 -24.17 4.41 23.83
C GLN F 145 -23.04 5.29 24.33
N ILE F 146 -23.12 6.57 24.01
CA ILE F 146 -22.12 7.55 24.40
C ILE F 146 -22.82 8.64 25.19
N ASN F 147 -22.10 9.23 26.14
CA ASN F 147 -22.67 10.30 26.95
C ASN F 147 -21.87 11.58 26.78
N SER F 157 -37.02 10.55 23.60
CA SER F 157 -36.23 10.87 22.42
C SER F 157 -35.31 9.71 22.06
N ASN F 158 -34.36 9.97 21.17
CA ASN F 158 -33.41 8.95 20.74
C ASN F 158 -32.06 9.16 21.42
N LYS F 159 -31.34 8.05 21.57
CA LYS F 159 -30.00 8.08 22.11
C LYS F 159 -29.00 8.06 20.96
N GLU F 160 -27.72 8.14 21.31
CA GLU F 160 -26.66 8.28 20.32
C GLU F 160 -25.65 7.15 20.53
N TYR F 161 -25.60 6.22 19.59
CA TYR F 161 -24.72 5.08 19.65
C TYR F 161 -23.56 5.25 18.66
N ARG F 162 -22.55 4.40 18.82
CA ARG F 162 -21.47 4.28 17.86
C ARG F 162 -21.02 2.82 17.84
N LEU F 163 -20.11 2.51 16.92
CA LEU F 163 -19.65 1.14 16.79
C LEU F 163 -18.70 0.79 17.91
N ILE F 164 -18.59 -0.51 18.21
CA ILE F 164 -17.96 -0.92 19.46
C ILE F 164 -16.43 -0.87 19.40
N ASN F 165 -15.82 -1.05 18.23
CA ASN F 165 -14.37 -1.12 18.17
C ASN F 165 -13.83 -0.23 17.07
N CYS F 166 -14.30 1.01 17.03
CA CYS F 166 -13.53 1.97 16.27
C CYS F 166 -13.23 3.23 17.08
N ASN F 167 -13.14 3.14 18.40
CA ASN F 167 -12.39 4.14 19.15
C ASN F 167 -10.95 3.73 19.31
N THR F 168 -10.61 2.52 18.87
CA THR F 168 -9.26 1.99 19.09
C THR F 168 -8.65 1.34 17.85
N SER F 169 -9.46 0.96 16.87
CA SER F 169 -8.97 0.12 15.79
C SER F 169 -9.76 0.35 14.52
N ALA F 170 -9.06 0.22 13.38
CA ALA F 170 -9.70 0.33 12.08
C ALA F 170 -10.33 -1.00 11.71
N ILE F 171 -11.42 -0.94 10.96
CA ILE F 171 -12.17 -2.13 10.57
C ILE F 171 -12.18 -2.24 9.05
N THR F 172 -12.23 -3.47 8.55
CA THR F 172 -12.31 -3.74 7.13
C THR F 172 -13.44 -4.73 6.86
N GLN F 173 -14.14 -4.50 5.75
CA GLN F 173 -15.20 -5.39 5.32
C GLN F 173 -14.62 -6.52 4.49
N ALA F 174 -15.04 -7.75 4.78
CA ALA F 174 -14.61 -8.87 3.96
C ALA F 174 -15.28 -8.81 2.60
N CYS F 175 -14.59 -9.35 1.60
CA CYS F 175 -15.16 -9.40 0.27
C CYS F 175 -16.25 -10.46 0.22
N PRO F 176 -17.44 -10.13 -0.29
CA PRO F 176 -18.60 -10.99 -0.08
C PRO F 176 -18.64 -12.21 -0.98
N LYS F 177 -17.72 -12.33 -1.93
CA LYS F 177 -17.76 -13.47 -2.82
C LYS F 177 -17.04 -14.69 -2.25
N VAL F 178 -15.94 -14.47 -1.54
CA VAL F 178 -15.13 -15.58 -1.03
C VAL F 178 -15.83 -16.22 0.17
N SER F 179 -15.44 -17.46 0.45
CA SER F 179 -16.12 -18.29 1.42
C SER F 179 -15.22 -18.61 2.61
N PHE F 180 -15.77 -19.37 3.55
CA PHE F 180 -15.06 -19.70 4.78
C PHE F 180 -15.17 -21.16 5.17
N GLU F 181 -15.77 -22.00 4.35
CA GLU F 181 -15.84 -23.41 4.68
C GLU F 181 -14.46 -24.04 4.50
N PRO F 182 -14.06 -24.98 5.34
CA PRO F 182 -12.71 -25.52 5.25
C PRO F 182 -12.58 -26.50 4.09
N ILE F 183 -11.42 -26.47 3.45
CA ILE F 183 -11.06 -27.43 2.41
C ILE F 183 -9.98 -28.33 2.97
N PRO F 184 -10.07 -29.65 2.78
CA PRO F 184 -9.03 -30.54 3.31
C PRO F 184 -7.72 -30.34 2.59
N ILE F 185 -6.65 -30.18 3.37
CA ILE F 185 -5.32 -29.94 2.84
C ILE F 185 -4.36 -30.96 3.43
N HIS F 186 -3.21 -31.09 2.78
CA HIS F 186 -2.14 -31.96 3.24
C HIS F 186 -0.89 -31.13 3.45
N TYR F 187 -0.07 -31.52 4.41
CA TYR F 187 1.23 -30.90 4.61
C TYR F 187 2.30 -31.85 4.09
N CYS F 188 3.13 -31.36 3.18
CA CYS F 188 4.05 -32.24 2.47
C CYS F 188 5.46 -31.67 2.51
N ALA F 189 6.42 -32.52 2.81
CA ALA F 189 7.83 -32.41 3.18
C ALA F 189 8.71 -32.37 1.93
N PRO F 190 9.76 -31.55 1.94
CA PRO F 190 10.66 -31.49 0.79
C PRO F 190 11.60 -32.68 0.75
N ALA F 191 12.47 -32.71 -0.26
CA ALA F 191 13.40 -33.82 -0.41
C ALA F 191 14.44 -33.81 0.70
N GLY F 192 15.04 -34.97 0.94
CA GLY F 192 15.96 -35.13 2.04
C GLY F 192 15.32 -35.29 3.39
N PHE F 193 14.00 -35.50 3.45
CA PHE F 193 13.29 -35.62 4.70
C PHE F 193 12.23 -36.70 4.55
N ALA F 194 11.59 -37.04 5.67
CA ALA F 194 10.50 -38.00 5.66
C ALA F 194 9.55 -37.66 6.79
N ILE F 195 8.46 -38.40 6.88
CA ILE F 195 7.47 -38.22 7.94
C ILE F 195 7.17 -39.59 8.51
N LEU F 196 7.32 -39.75 9.82
CA LEU F 196 6.99 -41.00 10.48
C LEU F 196 5.54 -40.95 10.96
N LYS F 197 4.92 -42.12 11.07
CA LYS F 197 3.50 -42.22 11.40
C LYS F 197 3.27 -43.43 12.28
N CYS F 198 3.00 -43.19 13.57
CA CYS F 198 2.69 -44.25 14.51
C CYS F 198 1.32 -44.84 14.20
N LYS F 199 1.28 -46.15 13.96
CA LYS F 199 0.04 -46.85 13.66
C LYS F 199 -0.40 -47.72 14.83
N ASP F 200 -0.28 -47.19 16.05
CA ASP F 200 -0.70 -47.95 17.22
C ASP F 200 -2.19 -47.77 17.47
N LYS F 201 -2.79 -48.77 18.11
CA LYS F 201 -4.20 -48.72 18.43
C LYS F 201 -4.47 -47.75 19.56
N LYS F 202 -3.91 -48.02 20.73
CA LYS F 202 -4.02 -47.12 21.87
C LYS F 202 -2.68 -46.41 22.05
N PHE F 203 -2.76 -45.11 22.32
CA PHE F 203 -1.56 -44.28 22.38
C PHE F 203 -1.89 -43.06 23.21
N ASN F 204 -1.35 -42.97 24.41
CA ASN F 204 -1.77 -41.93 25.32
C ASN F 204 -1.10 -40.60 24.99
N GLY F 205 -0.10 -40.62 24.11
CA GLY F 205 0.47 -39.38 23.65
C GLY F 205 1.97 -39.33 23.71
N THR F 206 2.56 -39.95 24.72
CA THR F 206 4.00 -39.89 24.93
C THR F 206 4.51 -41.26 25.32
N GLY F 207 5.56 -41.71 24.63
CA GLY F 207 6.11 -43.02 24.85
C GLY F 207 6.59 -43.61 23.55
N PRO F 208 7.08 -44.84 23.59
CA PRO F 208 7.43 -45.52 22.34
C PRO F 208 6.19 -46.00 21.60
N CYS F 209 6.41 -46.40 20.35
CA CYS F 209 5.37 -46.89 19.46
C CYS F 209 6.02 -47.96 18.59
N PRO F 210 5.59 -49.20 18.69
CA PRO F 210 6.31 -50.29 18.01
C PRO F 210 5.90 -50.46 16.55
N SER F 211 4.90 -49.71 16.09
CA SER F 211 4.39 -49.86 14.72
C SER F 211 4.38 -48.49 14.05
N VAL F 212 5.43 -48.20 13.30
CA VAL F 212 5.55 -46.95 12.58
C VAL F 212 5.52 -47.22 11.08
N SER F 213 5.31 -46.17 10.32
CA SER F 213 5.35 -46.27 8.86
C SER F 213 5.78 -44.93 8.29
N THR F 214 6.35 -44.97 7.11
CA THR F 214 6.82 -43.77 6.43
C THR F 214 5.82 -43.37 5.36
N VAL F 215 5.34 -42.13 5.45
CA VAL F 215 4.41 -41.58 4.48
C VAL F 215 5.03 -40.30 3.94
N GLN F 216 4.94 -40.10 2.62
CA GLN F 216 5.47 -38.90 2.01
C GLN F 216 4.73 -37.66 2.48
N CYS F 217 3.40 -37.69 2.45
CA CYS F 217 2.61 -36.64 3.10
C CYS F 217 1.23 -37.11 3.50
N THR F 218 0.70 -36.41 4.50
CA THR F 218 -0.34 -36.89 5.41
C THR F 218 -1.70 -36.92 4.76
N HIS F 219 -2.69 -37.36 5.55
CA HIS F 219 -4.09 -37.41 5.14
C HIS F 219 -4.69 -36.02 5.28
N GLY F 220 -5.98 -35.91 4.98
CA GLY F 220 -6.61 -34.60 4.93
C GLY F 220 -6.77 -33.99 6.31
N ILE F 221 -6.55 -32.68 6.37
CA ILE F 221 -6.70 -31.91 7.60
C ILE F 221 -7.75 -30.86 7.33
N LYS F 222 -8.75 -30.76 8.20
CA LYS F 222 -9.80 -29.76 8.04
C LYS F 222 -9.61 -28.67 9.08
N PRO F 223 -9.01 -27.55 8.75
CA PRO F 223 -8.71 -26.52 9.76
C PRO F 223 -9.95 -25.71 10.15
N VAL F 224 -10.79 -26.33 10.96
CA VAL F 224 -11.99 -25.68 11.47
C VAL F 224 -11.62 -24.96 12.76
N VAL F 225 -12.21 -23.78 12.97
CA VAL F 225 -11.92 -22.96 14.13
C VAL F 225 -13.09 -23.08 15.10
N SER F 226 -12.79 -23.35 16.37
CA SER F 226 -13.83 -23.63 17.34
C SER F 226 -13.25 -23.49 18.74
N THR F 227 -14.15 -23.29 19.70
CA THR F 227 -13.80 -23.28 21.10
C THR F 227 -14.75 -24.21 21.84
N GLN F 228 -14.22 -24.84 22.89
CA GLN F 228 -14.92 -25.60 23.93
C GLN F 228 -15.44 -26.95 23.42
N LEU F 229 -15.41 -27.18 22.12
CA LEU F 229 -15.76 -28.46 21.53
C LEU F 229 -14.87 -28.70 20.33
N LEU F 230 -14.99 -29.87 19.73
CA LEU F 230 -14.22 -30.21 18.54
C LEU F 230 -15.21 -30.61 17.46
N LEU F 231 -15.52 -29.69 16.56
CA LEU F 231 -16.42 -30.01 15.47
C LEU F 231 -15.66 -30.74 14.37
N ASN F 232 -16.29 -30.82 13.19
CA ASN F 232 -16.39 -32.03 12.37
C ASN F 232 -15.29 -33.06 12.54
N GLY F 233 -14.03 -32.66 12.38
CA GLY F 233 -12.88 -33.42 12.86
C GLY F 233 -12.69 -34.82 12.33
N SER F 234 -12.21 -35.73 13.18
CA SER F 234 -12.01 -37.13 12.83
C SER F 234 -12.54 -37.97 13.98
N LEU F 235 -12.24 -39.26 13.95
CA LEU F 235 -12.71 -40.22 14.94
C LEU F 235 -11.54 -40.89 15.64
N ALA F 236 -11.88 -41.83 16.51
CA ALA F 236 -10.90 -42.67 17.18
C ALA F 236 -11.30 -44.13 17.04
N GLU F 237 -10.61 -45.02 17.73
CA GLU F 237 -10.94 -46.43 17.67
C GLU F 237 -11.86 -46.79 18.84
N GLU F 238 -12.08 -48.08 19.06
CA GLU F 238 -13.24 -48.62 19.77
C GLU F 238 -13.42 -48.21 21.23
N GLU F 239 -12.45 -47.54 21.83
CA GLU F 239 -12.59 -47.08 23.21
C GLU F 239 -12.15 -45.63 23.29
N VAL F 240 -12.89 -44.82 24.05
CA VAL F 240 -12.56 -43.40 24.17
C VAL F 240 -11.30 -43.23 25.00
N ILE F 241 -10.53 -42.19 24.64
CA ILE F 241 -9.16 -42.02 25.12
C ILE F 241 -9.02 -40.63 25.71
N ILE F 242 -8.35 -40.53 26.86
CA ILE F 242 -7.95 -39.25 27.43
C ILE F 242 -6.47 -39.05 27.15
N ARG F 243 -6.08 -37.79 27.02
CA ARG F 243 -4.68 -37.42 26.77
C ARG F 243 -4.38 -36.12 27.49
N SER F 244 -3.26 -36.10 28.20
CA SER F 244 -2.76 -34.89 28.85
C SER F 244 -1.26 -35.04 29.02
N GLU F 245 -0.64 -34.03 29.65
CA GLU F 245 0.78 -34.15 29.88
C GLU F 245 1.14 -34.91 31.15
N ASN F 246 0.95 -34.31 32.31
CA ASN F 246 0.96 -35.04 33.57
C ASN F 246 -0.35 -34.71 34.28
N ILE F 247 -1.10 -35.76 34.61
CA ILE F 247 -2.54 -35.63 34.79
C ILE F 247 -2.88 -35.01 36.14
N THR F 248 -2.00 -35.17 37.14
CA THR F 248 -2.37 -34.65 38.44
C THR F 248 -1.89 -33.21 38.60
N ASN F 249 -1.24 -32.68 37.57
CA ASN F 249 -1.04 -31.24 37.50
C ASN F 249 -2.31 -30.59 36.97
N ASN F 250 -2.79 -29.58 37.69
CA ASN F 250 -4.03 -28.90 37.33
C ASN F 250 -3.82 -27.84 36.25
N ALA F 251 -2.59 -27.65 35.79
CA ALA F 251 -2.28 -26.56 34.89
C ALA F 251 -2.62 -26.87 33.44
N LYS F 252 -2.22 -28.02 32.94
CA LYS F 252 -2.39 -28.32 31.53
C LYS F 252 -3.84 -28.66 31.22
N ASN F 253 -4.14 -28.72 29.92
CA ASN F 253 -5.48 -29.01 29.47
C ASN F 253 -5.68 -30.53 29.44
N ILE F 254 -6.89 -30.95 29.07
CA ILE F 254 -7.20 -32.36 28.93
C ILE F 254 -7.85 -32.57 27.57
N LEU F 255 -7.26 -33.42 26.75
CA LEU F 255 -7.82 -33.77 25.46
C LEU F 255 -8.45 -35.14 25.54
N VAL F 256 -9.75 -35.21 25.26
CA VAL F 256 -10.46 -36.48 25.15
C VAL F 256 -10.91 -36.62 23.70
N GLN F 257 -11.22 -37.85 23.32
CA GLN F 257 -11.59 -38.16 21.94
C GLN F 257 -12.60 -39.28 21.95
N LEU F 258 -13.64 -39.15 21.12
CA LEU F 258 -14.72 -40.10 21.09
C LEU F 258 -14.58 -41.07 19.94
N ASN F 259 -15.35 -42.15 19.99
CA ASN F 259 -15.44 -43.11 18.91
C ASN F 259 -16.75 -43.03 18.15
N THR F 260 -17.87 -43.05 18.85
CA THR F 260 -19.15 -42.87 18.18
C THR F 260 -19.54 -41.40 18.23
N PRO F 261 -19.56 -40.71 17.09
CA PRO F 261 -19.82 -39.27 17.11
C PRO F 261 -21.30 -38.99 17.33
N VAL F 262 -21.58 -38.05 18.21
CA VAL F 262 -22.95 -37.62 18.45
C VAL F 262 -23.24 -36.43 17.56
N GLN F 263 -24.40 -36.46 16.91
CA GLN F 263 -24.71 -35.41 15.96
C GLN F 263 -25.22 -34.18 16.69
N ILE F 264 -25.41 -33.11 15.92
CA ILE F 264 -25.86 -31.84 16.45
C ILE F 264 -26.57 -31.07 15.34
N ASN F 265 -27.67 -30.42 15.71
CA ASN F 265 -28.31 -29.48 14.80
C ASN F 265 -28.11 -28.05 15.28
N CYS F 266 -27.94 -27.12 14.35
CA CYS F 266 -27.92 -25.69 14.64
C CYS F 266 -28.52 -24.95 13.46
N THR F 267 -29.24 -23.87 13.74
CA THR F 267 -29.87 -23.11 12.66
C THR F 267 -30.11 -21.68 13.12
N ARG F 268 -30.57 -20.86 12.17
CA ARG F 268 -31.13 -19.55 12.45
C ARG F 268 -32.31 -19.34 11.52
N PRO F 269 -33.50 -19.15 12.04
CA PRO F 269 -34.70 -19.26 11.19
C PRO F 269 -35.19 -17.94 10.64
N ASN F 270 -34.55 -16.83 10.98
CA ASN F 270 -35.02 -15.52 10.56
C ASN F 270 -34.75 -15.31 9.08
N ASN F 271 -35.80 -14.98 8.33
CA ASN F 271 -35.65 -14.63 6.93
C ASN F 271 -35.05 -13.23 6.83
N ASN F 272 -33.88 -13.12 6.19
CA ASN F 272 -33.21 -11.84 6.04
C ASN F 272 -33.22 -11.42 4.59
N THR F 273 -33.36 -10.12 4.35
CA THR F 273 -33.05 -9.51 3.08
C THR F 273 -31.85 -8.59 3.24
N VAL F 274 -31.16 -8.34 2.13
CA VAL F 274 -29.98 -7.48 2.15
C VAL F 274 -30.17 -6.37 1.14
N LYS F 275 -29.40 -5.31 1.31
CA LYS F 275 -29.39 -4.19 0.40
C LYS F 275 -27.94 -3.78 0.15
N SER F 276 -27.77 -2.78 -0.69
CA SER F 276 -26.44 -2.32 -1.06
C SER F 276 -26.42 -0.81 -1.21
N ILE F 277 -25.22 -0.25 -1.25
CA ILE F 277 -25.05 1.20 -1.35
C ILE F 277 -23.68 1.46 -1.94
N ARG F 278 -23.54 2.56 -2.66
CA ARG F 278 -22.29 2.96 -3.27
C ARG F 278 -21.57 3.90 -2.31
N ILE F 279 -20.50 3.42 -1.71
CA ILE F 279 -19.84 4.15 -0.62
C ILE F 279 -18.91 5.22 -1.18
N GLY F 280 -18.11 4.88 -2.17
CA GLY F 280 -17.21 5.80 -2.80
C GLY F 280 -17.08 5.51 -4.28
N PRO F 281 -16.03 6.01 -4.91
CA PRO F 281 -15.78 5.66 -6.30
C PRO F 281 -15.33 4.21 -6.45
N GLY F 282 -16.21 3.38 -7.02
CA GLY F 282 -15.89 2.01 -7.34
C GLY F 282 -16.04 1.03 -6.20
N GLN F 283 -16.05 1.51 -4.95
CA GLN F 283 -16.13 0.61 -3.80
C GLN F 283 -17.57 0.20 -3.58
N ALA F 284 -17.83 -0.63 -2.57
CA ALA F 284 -19.17 -1.12 -2.32
C ALA F 284 -19.33 -1.42 -0.84
N PHE F 285 -20.57 -1.39 -0.38
CA PHE F 285 -20.88 -1.67 1.02
C PHE F 285 -22.20 -2.41 1.11
N TYR F 286 -22.22 -3.49 1.87
CA TYR F 286 -23.44 -4.23 2.14
C TYR F 286 -23.84 -4.00 3.59
N TYR F 287 -25.14 -4.09 3.87
CA TYR F 287 -25.62 -3.94 5.23
C TYR F 287 -26.84 -4.82 5.43
N PHE F 288 -27.45 -4.68 6.59
CA PHE F 288 -28.52 -5.57 7.01
C PHE F 288 -29.86 -4.94 6.73
N GLY F 289 -30.76 -5.70 6.11
CA GLY F 289 -32.02 -5.15 5.64
C GLY F 289 -33.10 -5.20 6.69
N ASP F 290 -34.19 -5.90 6.41
CA ASP F 290 -35.32 -5.98 7.32
C ASP F 290 -35.69 -7.44 7.57
N ILE F 291 -36.78 -7.65 8.27
CA ILE F 291 -37.23 -8.98 8.68
C ILE F 291 -38.59 -9.22 8.06
N ILE F 292 -38.69 -10.29 7.27
CA ILE F 292 -39.96 -10.69 6.68
C ILE F 292 -40.33 -12.02 7.30
N GLY F 293 -41.27 -12.01 8.24
CA GLY F 293 -41.68 -13.24 8.87
C GLY F 293 -41.88 -13.11 10.37
N ASP F 294 -41.16 -13.91 11.14
CA ASP F 294 -41.35 -13.96 12.58
C ASP F 294 -40.02 -13.77 13.28
N ILE F 295 -40.01 -12.93 14.31
CA ILE F 295 -38.82 -12.77 15.13
C ILE F 295 -38.63 -14.03 15.95
N ARG F 296 -37.50 -14.70 15.76
CA ARG F 296 -37.20 -15.92 16.50
C ARG F 296 -35.81 -15.77 17.08
N MET F 297 -35.27 -16.86 17.64
CA MET F 297 -33.95 -16.83 18.23
C MET F 297 -33.16 -18.05 17.75
N ALA F 298 -31.91 -17.81 17.36
CA ALA F 298 -31.07 -18.89 16.85
C ALA F 298 -30.70 -19.83 17.98
N HIS F 299 -30.89 -21.13 17.72
CA HIS F 299 -30.71 -22.15 18.75
C HIS F 299 -30.00 -23.35 18.16
N CYS F 300 -29.74 -24.33 19.03
CA CYS F 300 -29.09 -25.58 18.65
C CYS F 300 -29.69 -26.74 19.41
N ASN F 301 -30.03 -27.81 18.68
CA ASN F 301 -30.52 -29.03 19.29
C ASN F 301 -29.44 -30.08 19.34
N VAL F 302 -29.61 -31.02 20.27
CA VAL F 302 -28.73 -32.17 20.41
C VAL F 302 -29.54 -33.29 21.04
N SER F 303 -29.23 -34.54 20.69
CA SER F 303 -29.95 -35.69 21.19
C SER F 303 -29.73 -35.88 22.68
N LYS F 304 -30.78 -36.32 23.37
CA LYS F 304 -30.75 -36.39 24.82
C LYS F 304 -30.03 -37.63 25.34
N ALA F 305 -30.49 -38.82 24.92
CA ALA F 305 -30.02 -40.05 25.55
C ALA F 305 -28.59 -40.37 25.14
N THR F 306 -28.22 -40.02 23.90
CA THR F 306 -26.88 -40.34 23.43
C THR F 306 -25.84 -39.48 24.12
N TRP F 307 -26.20 -38.24 24.45
CA TRP F 307 -25.25 -37.35 25.11
C TRP F 307 -25.04 -37.77 26.55
N ASN F 308 -26.10 -38.19 27.21
CA ASN F 308 -25.99 -38.73 28.56
C ASN F 308 -25.14 -39.99 28.58
N GLU F 309 -25.32 -40.86 27.58
CA GLU F 309 -24.57 -42.10 27.55
C GLU F 309 -23.11 -41.84 27.23
N THR F 310 -22.84 -40.79 26.47
CA THR F 310 -21.45 -40.48 26.10
C THR F 310 -20.71 -39.92 27.30
N LEU F 311 -21.39 -39.11 28.11
CA LEU F 311 -20.78 -38.61 29.34
C LEU F 311 -20.55 -39.74 30.33
N GLY F 312 -21.43 -40.73 30.35
CA GLY F 312 -21.24 -41.85 31.26
C GLY F 312 -20.05 -42.71 30.87
N LYS F 313 -19.76 -42.78 29.57
CA LYS F 313 -18.63 -43.57 29.14
C LYS F 313 -17.32 -42.89 29.46
N VAL F 314 -17.26 -41.56 29.32
CA VAL F 314 -16.01 -40.85 29.50
C VAL F 314 -15.66 -40.74 30.98
N VAL F 315 -16.66 -40.88 31.86
CA VAL F 315 -16.38 -40.91 33.29
C VAL F 315 -15.69 -42.22 33.65
N LYS F 316 -16.16 -43.34 33.08
CA LYS F 316 -15.59 -44.64 33.39
C LYS F 316 -14.14 -44.75 32.93
N GLN F 317 -13.83 -44.11 31.80
CA GLN F 317 -12.44 -44.02 31.37
C GLN F 317 -11.64 -43.09 32.27
N LEU F 318 -12.29 -42.10 32.88
CA LEU F 318 -11.57 -41.12 33.68
C LEU F 318 -11.19 -41.67 35.05
N ARG F 319 -11.91 -42.67 35.55
CA ARG F 319 -11.73 -43.11 36.93
C ARG F 319 -10.44 -43.89 37.16
N LYS F 320 -9.70 -44.22 36.10
CA LYS F 320 -8.47 -44.97 36.28
C LYS F 320 -7.34 -44.14 36.88
N HIS F 321 -7.48 -42.82 36.91
CA HIS F 321 -6.44 -41.95 37.44
C HIS F 321 -6.83 -41.28 38.74
N PHE F 322 -8.00 -41.60 39.29
CA PHE F 322 -8.46 -40.96 40.52
C PHE F 322 -9.07 -41.99 41.45
N GLY F 323 -8.62 -43.24 41.34
CA GLY F 323 -9.01 -44.26 42.28
C GLY F 323 -10.43 -44.78 42.12
N ASN F 324 -11.12 -44.85 43.25
CA ASN F 324 -12.43 -45.48 43.37
C ASN F 324 -13.27 -44.72 44.38
N ASN F 325 -14.55 -44.57 44.05
CA ASN F 325 -15.57 -43.90 44.87
C ASN F 325 -15.18 -42.45 45.18
N THR F 326 -14.79 -41.72 44.14
CA THR F 326 -14.54 -40.29 44.23
C THR F 326 -15.60 -39.56 43.40
N ILE F 327 -16.19 -38.53 44.00
CA ILE F 327 -17.35 -37.88 43.40
C ILE F 327 -16.89 -37.01 42.24
N ILE F 328 -17.42 -37.28 41.06
CA ILE F 328 -17.10 -36.54 39.85
C ILE F 328 -18.21 -35.54 39.60
N ARG F 329 -17.85 -34.26 39.47
CA ARG F 329 -18.83 -33.21 39.25
C ARG F 329 -18.46 -32.43 38.00
N PHE F 330 -19.43 -32.18 37.15
CA PHE F 330 -19.28 -31.23 36.05
C PHE F 330 -19.85 -29.88 36.46
N ALA F 331 -19.37 -28.84 35.79
CA ALA F 331 -19.79 -27.48 36.13
C ALA F 331 -19.66 -26.60 34.90
N GLN F 332 -20.21 -25.40 35.01
CA GLN F 332 -20.23 -24.47 33.89
C GLN F 332 -18.87 -23.79 33.75
N SER F 333 -18.78 -22.83 32.84
CA SER F 333 -17.53 -22.12 32.62
C SER F 333 -17.25 -21.14 33.75
N SER F 334 -16.06 -20.56 33.74
CA SER F 334 -15.58 -19.75 34.84
C SER F 334 -15.74 -18.25 34.57
N GLY F 335 -15.13 -17.75 33.50
CA GLY F 335 -15.17 -16.33 33.23
C GLY F 335 -14.55 -15.97 31.90
N GLY F 336 -13.76 -14.90 31.88
CA GLY F 336 -13.15 -14.47 30.64
C GLY F 336 -14.14 -13.79 29.72
N ASP F 337 -13.64 -13.44 28.53
CA ASP F 337 -14.50 -12.81 27.54
C ASP F 337 -15.36 -13.86 26.83
N LEU F 338 -16.10 -13.37 25.83
CA LEU F 338 -17.15 -14.15 25.19
C LEU F 338 -16.64 -15.34 24.40
N GLU F 339 -15.44 -15.26 23.82
CA GLU F 339 -14.94 -16.31 22.93
C GLU F 339 -14.68 -17.64 23.62
N VAL F 340 -14.58 -17.68 24.95
CA VAL F 340 -14.23 -18.88 25.69
C VAL F 340 -15.37 -19.33 26.60
N THR F 341 -16.00 -18.39 27.30
CA THR F 341 -17.06 -18.73 28.23
C THR F 341 -18.30 -19.28 27.57
N THR F 342 -18.43 -19.12 26.25
CA THR F 342 -19.53 -19.68 25.49
C THR F 342 -18.96 -20.63 24.44
N HIS F 343 -19.82 -21.24 23.63
CA HIS F 343 -19.38 -22.06 22.51
C HIS F 343 -19.50 -21.23 21.25
N SER F 344 -18.50 -21.33 20.38
CA SER F 344 -18.39 -20.47 19.22
C SER F 344 -17.86 -21.24 18.02
N PHE F 345 -18.47 -21.01 16.87
CA PHE F 345 -18.03 -21.56 15.60
C PHE F 345 -18.68 -20.74 14.50
N ASN F 346 -18.40 -21.14 13.26
CA ASN F 346 -19.02 -20.51 12.10
C ASN F 346 -19.86 -21.52 11.33
N CYS F 347 -20.87 -21.02 10.64
CA CYS F 347 -21.86 -21.86 9.98
C CYS F 347 -22.20 -21.21 8.65
N GLY F 348 -21.47 -21.59 7.60
CA GLY F 348 -21.77 -21.17 6.25
C GLY F 348 -21.53 -19.70 5.94
N GLY F 349 -20.88 -18.97 6.84
CA GLY F 349 -20.62 -17.57 6.59
C GLY F 349 -21.09 -16.66 7.69
N GLU F 350 -21.77 -17.22 8.68
CA GLU F 350 -22.20 -16.48 9.85
C GLU F 350 -21.53 -17.08 11.07
N PHE F 351 -21.49 -16.34 12.17
CA PHE F 351 -20.71 -16.68 13.35
C PHE F 351 -21.61 -16.73 14.56
N PHE F 352 -21.43 -17.75 15.40
CA PHE F 352 -22.30 -18.02 16.52
C PHE F 352 -21.58 -17.86 17.85
N TYR F 353 -22.36 -17.60 18.90
CA TYR F 353 -21.88 -17.62 20.27
C TYR F 353 -23.00 -18.23 21.11
N CYS F 354 -22.86 -19.49 21.47
CA CYS F 354 -23.95 -20.21 22.09
C CYS F 354 -23.63 -20.56 23.53
N ASN F 355 -24.70 -20.68 24.34
CA ASN F 355 -24.63 -21.23 25.69
C ASN F 355 -24.66 -22.75 25.49
N THR F 356 -24.93 -23.58 26.51
CA THR F 356 -24.15 -24.75 26.96
C THR F 356 -23.68 -24.67 28.40
N SER F 357 -24.30 -23.78 29.17
CA SER F 357 -24.49 -24.08 30.58
C SER F 357 -25.28 -25.37 30.81
N GLY F 358 -26.18 -25.74 29.90
CA GLY F 358 -26.99 -26.92 30.10
C GLY F 358 -26.40 -28.21 29.56
N LEU F 359 -25.08 -28.33 29.57
CA LEU F 359 -24.44 -29.58 29.19
C LEU F 359 -23.41 -30.08 30.18
N PHE F 360 -23.24 -29.43 31.31
CA PHE F 360 -22.23 -29.83 32.28
C PHE F 360 -22.83 -29.82 33.67
N ASN F 361 -24.01 -30.42 33.76
CA ASN F 361 -24.75 -30.60 35.00
C ASN F 361 -24.39 -31.98 35.52
N SER F 362 -25.22 -32.54 36.41
CA SER F 362 -25.32 -33.98 36.64
C SER F 362 -24.08 -34.64 37.24
N THR F 363 -23.88 -34.45 38.55
CA THR F 363 -22.84 -35.15 39.30
C THR F 363 -22.98 -36.68 39.19
N TRP F 364 -21.89 -37.37 39.52
CA TRP F 364 -21.83 -38.82 39.36
C TRP F 364 -21.24 -39.48 40.59
N ILE F 365 -21.93 -40.51 41.08
CA ILE F 365 -21.46 -41.35 42.19
C ILE F 365 -21.34 -42.77 41.63
N SER F 366 -20.60 -43.63 42.34
CA SER F 366 -20.25 -44.96 41.85
C SER F 366 -21.47 -45.85 41.66
N ASN F 367 -22.38 -45.85 42.62
CA ASN F 367 -23.58 -46.67 42.50
C ASN F 367 -24.76 -45.88 41.92
N ASN F 379 -36.06 -39.75 23.95
CA ASN F 379 -36.71 -39.38 22.71
C ASN F 379 -36.70 -37.86 22.58
N ASP F 380 -36.49 -37.19 23.71
CA ASP F 380 -36.49 -35.73 23.76
C ASP F 380 -35.13 -35.19 23.33
N SER F 381 -34.92 -33.90 23.56
CA SER F 381 -33.71 -33.24 23.10
C SER F 381 -33.49 -31.98 23.92
N ILE F 382 -32.24 -31.55 23.99
CA ILE F 382 -31.85 -30.35 24.72
C ILE F 382 -31.71 -29.21 23.76
N VAL F 383 -32.32 -28.07 24.10
CA VAL F 383 -32.16 -26.84 23.33
C VAL F 383 -31.03 -26.03 23.95
N LEU F 384 -30.45 -25.15 23.14
CA LEU F 384 -29.35 -24.31 23.56
C LEU F 384 -29.57 -22.90 23.02
N PRO F 385 -29.75 -21.91 23.87
CA PRO F 385 -29.85 -20.53 23.38
C PRO F 385 -28.51 -20.06 22.86
N CYS F 386 -28.57 -19.14 21.90
CA CYS F 386 -27.36 -18.78 21.18
C CYS F 386 -27.47 -17.38 20.56
N ARG F 387 -26.50 -16.52 20.84
CA ARG F 387 -26.49 -15.16 20.32
C ARG F 387 -25.44 -15.00 19.23
N ILE F 388 -25.59 -13.94 18.45
CA ILE F 388 -24.87 -13.77 17.19
C ILE F 388 -24.24 -12.38 17.17
N LYS F 389 -22.96 -12.31 16.80
CA LYS F 389 -22.20 -11.07 16.75
C LYS F 389 -21.61 -10.92 15.36
N GLN F 390 -21.44 -9.66 14.91
CA GLN F 390 -20.93 -9.40 13.57
C GLN F 390 -19.45 -9.03 13.56
N ILE F 391 -19.07 -7.96 14.24
CA ILE F 391 -17.69 -7.49 14.18
C ILE F 391 -16.84 -8.37 15.09
N ILE F 392 -15.83 -9.00 14.51
CA ILE F 392 -15.02 -9.99 15.21
C ILE F 392 -13.57 -9.57 15.20
N ASN F 393 -12.93 -9.70 16.35
CA ASN F 393 -11.47 -9.68 16.44
C ASN F 393 -11.03 -11.10 16.74
N MET F 394 -10.85 -11.90 15.68
CA MET F 394 -10.14 -13.14 15.89
C MET F 394 -8.66 -12.87 16.09
N TRP F 395 -7.97 -13.87 16.62
CA TRP F 395 -6.52 -13.94 16.77
C TRP F 395 -5.94 -12.89 17.70
N GLN F 396 -6.78 -12.20 18.46
CA GLN F 396 -6.42 -11.30 19.56
C GLN F 396 -5.54 -10.13 19.15
N ARG F 397 -5.39 -9.86 17.85
CA ARG F 397 -4.38 -8.91 17.42
C ARG F 397 -4.95 -7.50 17.43
N ILE F 398 -4.24 -6.60 18.09
CA ILE F 398 -4.71 -5.23 18.31
C ILE F 398 -4.55 -4.45 17.02
N GLY F 399 -5.47 -3.51 16.78
CA GLY F 399 -5.41 -2.60 15.66
C GLY F 399 -6.38 -2.92 14.54
N GLN F 400 -6.76 -4.18 14.36
CA GLN F 400 -7.57 -4.56 13.20
C GLN F 400 -8.79 -5.33 13.67
N ALA F 401 -9.80 -5.36 12.81
CA ALA F 401 -11.05 -6.02 13.11
C ALA F 401 -11.80 -6.29 11.81
N MET F 402 -12.51 -7.41 11.77
CA MET F 402 -13.22 -7.86 10.59
C MET F 402 -14.71 -7.61 10.71
N TYR F 403 -15.28 -7.07 9.64
CA TYR F 403 -16.72 -7.02 9.45
C TYR F 403 -17.16 -8.22 8.64
N ALA F 404 -18.38 -8.67 8.87
CA ALA F 404 -18.90 -9.79 8.10
C ALA F 404 -20.28 -9.46 7.57
N PRO F 405 -20.53 -9.67 6.27
CA PRO F 405 -21.81 -9.27 5.72
C PRO F 405 -22.89 -10.28 6.05
N PRO F 406 -24.14 -9.88 6.07
CA PRO F 406 -25.21 -10.84 6.36
C PRO F 406 -25.47 -11.75 5.16
N ILE F 407 -26.20 -12.82 5.43
CA ILE F 407 -26.50 -13.83 4.43
C ILE F 407 -28.00 -13.89 4.22
N GLN F 408 -28.42 -13.79 2.96
CA GLN F 408 -29.83 -13.86 2.62
C GLN F 408 -30.32 -15.30 2.68
N GLY F 409 -31.41 -15.51 3.37
CA GLY F 409 -32.03 -16.82 3.46
C GLY F 409 -31.77 -17.49 4.80
N VAL F 410 -32.53 -18.57 5.05
CA VAL F 410 -32.34 -19.31 6.29
C VAL F 410 -31.07 -20.14 6.21
N ILE F 411 -30.55 -20.51 7.38
CA ILE F 411 -29.25 -21.15 7.50
C ILE F 411 -29.41 -22.43 8.30
N ARG F 412 -28.83 -23.53 7.82
CA ARG F 412 -28.85 -24.80 8.52
C ARG F 412 -27.45 -25.41 8.53
N CYS F 413 -27.04 -25.95 9.68
CA CYS F 413 -25.79 -26.71 9.79
C CYS F 413 -26.05 -27.98 10.58
N VAL F 414 -25.67 -29.10 10.01
CA VAL F 414 -25.52 -30.35 10.75
C VAL F 414 -24.03 -30.60 10.90
N SER F 415 -23.64 -31.30 11.97
CA SER F 415 -22.22 -31.48 12.25
C SER F 415 -22.01 -32.70 13.14
N ASN F 416 -20.76 -32.86 13.55
CA ASN F 416 -20.33 -33.91 14.47
C ASN F 416 -19.37 -33.31 15.47
N ILE F 417 -19.67 -33.44 16.75
CA ILE F 417 -18.71 -33.09 17.78
C ILE F 417 -17.99 -34.36 18.21
N THR F 418 -16.66 -34.33 18.12
CA THR F 418 -15.83 -35.50 18.40
C THR F 418 -14.69 -35.02 19.30
N GLY F 419 -14.89 -35.11 20.60
CA GLY F 419 -13.81 -34.75 21.48
C GLY F 419 -14.07 -33.43 22.18
N LEU F 420 -13.65 -33.37 23.44
CA LEU F 420 -13.87 -32.20 24.27
C LEU F 420 -12.54 -31.76 24.86
N ILE F 421 -12.53 -30.54 25.37
CA ILE F 421 -11.36 -30.00 26.07
C ILE F 421 -11.80 -29.64 27.48
N LEU F 422 -11.05 -30.10 28.47
CA LEU F 422 -11.45 -29.97 29.86
C LEU F 422 -10.29 -29.50 30.72
N THR F 423 -10.65 -28.91 31.86
CA THR F 423 -9.70 -28.58 32.91
C THR F 423 -10.38 -28.82 34.25
N ARG F 424 -9.58 -28.83 35.30
CA ARG F 424 -10.09 -29.11 36.63
C ARG F 424 -9.57 -28.07 37.61
N ASP F 425 -10.00 -28.18 38.87
CA ASP F 425 -9.66 -27.22 39.91
C ASP F 425 -8.93 -27.90 41.05
N GLY F 426 -8.29 -27.09 41.88
CA GLY F 426 -7.46 -27.62 42.94
C GLY F 426 -8.25 -27.98 44.18
N GLY F 427 -7.88 -27.44 45.33
CA GLY F 427 -8.63 -27.72 46.53
C GLY F 427 -7.81 -28.21 47.71
N SER F 428 -7.99 -29.47 48.07
CA SER F 428 -7.48 -30.01 49.31
C SER F 428 -7.12 -31.47 49.07
N THR F 429 -7.02 -32.24 50.17
CA THR F 429 -6.78 -33.68 50.12
C THR F 429 -7.81 -34.39 49.26
N ASN F 430 -7.37 -35.47 48.60
CA ASN F 430 -8.08 -36.02 47.45
C ASN F 430 -9.32 -36.84 47.81
N SER F 431 -10.26 -36.21 48.50
CA SER F 431 -11.58 -36.78 48.70
C SER F 431 -12.68 -35.76 48.50
N THR F 432 -12.36 -34.50 48.32
CA THR F 432 -13.33 -33.42 48.34
C THR F 432 -13.88 -33.08 46.95
N THR F 433 -14.36 -34.11 46.24
CA THR F 433 -15.22 -33.99 45.05
C THR F 433 -14.54 -33.20 43.92
N GLU F 434 -13.52 -33.82 43.34
CA GLU F 434 -12.80 -33.23 42.22
C GLU F 434 -13.74 -32.95 41.04
N THR F 435 -13.67 -31.73 40.52
CA THR F 435 -14.61 -31.23 39.53
C THR F 435 -13.95 -31.13 38.16
N PHE F 436 -14.73 -30.73 37.15
CA PHE F 436 -14.23 -30.48 35.81
C PHE F 436 -15.03 -29.36 35.17
N ARG F 437 -14.36 -28.50 34.41
CA ARG F 437 -14.99 -27.41 33.69
C ARG F 437 -14.46 -27.37 32.26
N PRO F 438 -15.30 -27.09 31.28
CA PRO F 438 -14.83 -26.99 29.89
C PRO F 438 -14.12 -25.66 29.67
N GLY F 439 -12.81 -25.73 29.45
CA GLY F 439 -12.03 -24.52 29.25
C GLY F 439 -11.35 -24.45 27.90
N GLY F 440 -10.03 -24.46 27.90
CA GLY F 440 -9.26 -24.43 26.66
C GLY F 440 -9.20 -23.02 26.07
N GLY F 441 -9.72 -22.87 24.86
CA GLY F 441 -9.74 -21.56 24.23
C GLY F 441 -8.52 -21.21 23.42
N ASP F 442 -7.34 -21.61 23.87
CA ASP F 442 -6.13 -21.38 23.10
C ASP F 442 -6.15 -22.28 21.88
N MET F 443 -6.14 -21.65 20.70
CA MET F 443 -6.66 -22.32 19.52
C MET F 443 -5.75 -23.39 18.96
N ARG F 444 -4.48 -23.43 19.38
CA ARG F 444 -3.56 -24.38 18.77
C ARG F 444 -3.79 -25.80 19.27
N ASP F 445 -4.60 -25.95 20.32
CA ASP F 445 -4.92 -27.29 20.80
C ASP F 445 -5.88 -28.00 19.87
N ASN F 446 -6.58 -27.25 19.02
CA ASN F 446 -7.41 -27.86 17.98
C ASN F 446 -6.57 -28.69 17.02
N TRP F 447 -5.39 -28.20 16.68
CA TRP F 447 -4.58 -28.94 15.72
C TRP F 447 -3.73 -29.99 16.41
N ARG F 448 -3.52 -29.84 17.72
CA ARG F 448 -2.83 -30.88 18.46
C ARG F 448 -3.66 -32.16 18.56
N SER F 449 -4.97 -32.07 18.43
CA SER F 449 -5.82 -33.25 18.41
C SER F 449 -5.72 -34.00 17.09
N GLU F 450 -5.11 -33.42 16.08
CA GLU F 450 -5.11 -34.01 14.77
C GLU F 450 -3.72 -34.39 14.27
N LEU F 451 -2.68 -33.68 14.69
CA LEU F 451 -1.34 -34.00 14.21
C LEU F 451 -0.50 -34.63 15.30
N TYR F 452 -1.11 -35.50 16.10
CA TYR F 452 -0.36 -36.21 17.12
C TYR F 452 0.40 -37.41 16.58
N LYS F 453 -0.02 -37.96 15.45
CA LYS F 453 0.56 -39.19 14.92
C LYS F 453 1.59 -38.92 13.84
N TYR F 454 2.32 -37.81 13.92
CA TYR F 454 3.31 -37.48 12.92
C TYR F 454 4.53 -36.85 13.56
N LYS F 455 5.66 -36.94 12.87
CA LYS F 455 6.91 -36.38 13.35
C LYS F 455 7.85 -36.15 12.18
N VAL F 456 8.38 -34.93 12.08
CA VAL F 456 9.33 -34.64 11.02
C VAL F 456 10.66 -35.29 11.36
N VAL F 457 11.45 -35.59 10.32
CA VAL F 457 12.69 -36.34 10.50
C VAL F 457 13.61 -36.03 9.33
N LYS F 458 14.91 -36.09 9.57
CA LYS F 458 15.92 -35.83 8.54
C LYS F 458 16.82 -37.04 8.37
N ILE F 459 16.98 -37.50 7.15
CA ILE F 459 17.87 -38.60 6.86
C ILE F 459 19.26 -38.07 6.57
N GLU F 460 20.25 -38.95 6.64
CA GLU F 460 21.65 -38.58 6.42
C GLU F 460 22.37 -39.81 5.89
N PRO F 461 22.75 -39.82 4.63
CA PRO F 461 23.12 -41.08 3.98
C PRO F 461 24.58 -41.49 4.12
N LEU F 462 25.31 -40.93 5.08
CA LEU F 462 26.74 -41.22 5.21
C LEU F 462 27.03 -41.84 6.57
N GLY F 463 27.54 -43.07 6.56
CA GLY F 463 27.84 -43.80 7.78
C GLY F 463 29.22 -44.43 7.73
N VAL F 464 29.72 -44.78 8.92
CA VAL F 464 31.07 -45.29 9.09
C VAL F 464 31.02 -46.58 9.90
N ALA F 465 31.66 -47.63 9.38
CA ALA F 465 31.70 -48.92 10.05
C ALA F 465 32.94 -49.67 9.60
N PRO F 466 33.53 -50.50 10.46
CA PRO F 466 34.74 -51.23 10.07
C PRO F 466 34.45 -52.60 9.47
N THR F 467 35.45 -53.08 8.71
CA THR F 467 35.50 -54.43 8.19
C THR F 467 36.95 -54.77 7.87
N ARG F 468 37.15 -55.91 7.22
CA ARG F 468 38.48 -56.42 6.92
C ARG F 468 39.02 -55.94 5.58
N CYS F 469 38.37 -54.97 4.94
CA CYS F 469 38.82 -54.55 3.63
C CYS F 469 40.07 -53.68 3.76
N LYS F 470 40.82 -53.60 2.67
CA LYS F 470 42.02 -52.76 2.60
C LYS F 470 42.26 -52.46 1.13
N ARG F 471 42.30 -51.17 0.76
CA ARG F 471 42.42 -50.81 -0.64
C ARG F 471 43.82 -51.12 -1.15
N ARG F 472 43.92 -51.22 -2.47
CA ARG F 472 45.19 -51.59 -3.10
C ARG F 472 46.07 -50.36 -3.22
N VAL F 473 47.26 -50.53 -3.79
CA VAL F 473 48.23 -49.46 -3.88
C VAL F 473 48.18 -48.81 -5.26
N GLN G 1 -20.39 47.55 -66.20
CA GLN G 1 -20.30 48.65 -65.25
C GLN G 1 -21.67 48.97 -64.67
N VAL G 2 -21.74 49.12 -63.35
CA VAL G 2 -23.00 49.28 -62.64
C VAL G 2 -23.06 50.68 -62.05
N GLN G 3 -24.17 51.38 -62.30
CA GLN G 3 -24.40 52.71 -61.75
C GLN G 3 -25.64 52.68 -60.87
N LEU G 4 -25.62 53.49 -59.81
CA LEU G 4 -26.66 53.49 -58.80
C LEU G 4 -27.27 54.89 -58.66
N GLN G 5 -28.58 54.92 -58.44
CA GLN G 5 -29.30 56.16 -58.18
C GLN G 5 -30.54 55.83 -57.36
N GLU G 6 -30.85 56.71 -56.42
CA GLU G 6 -31.82 56.42 -55.36
C GLU G 6 -33.14 57.11 -55.63
N SER G 7 -34.14 56.79 -54.80
CA SER G 7 -35.45 57.44 -54.84
C SER G 7 -36.10 57.29 -53.48
N GLY G 8 -36.41 58.41 -52.83
CA GLY G 8 -36.98 58.38 -51.50
C GLY G 8 -38.03 59.45 -51.27
N PRO G 9 -38.93 59.21 -50.32
CA PRO G 9 -40.00 60.19 -50.04
C PRO G 9 -39.51 61.42 -49.28
N GLY G 10 -38.42 61.30 -48.53
CA GLY G 10 -37.84 62.45 -47.87
C GLY G 10 -38.35 62.71 -46.46
N LEU G 11 -39.59 63.17 -46.32
CA LEU G 11 -40.13 63.65 -45.05
C LEU G 11 -41.44 62.92 -44.77
N VAL G 12 -41.40 61.89 -43.93
CA VAL G 12 -42.57 61.09 -43.61
C VAL G 12 -42.75 61.12 -42.09
N LYS G 13 -44.02 61.31 -41.66
CA LYS G 13 -44.33 61.30 -40.23
C LYS G 13 -44.14 59.89 -39.66
N PRO G 14 -43.83 59.76 -38.36
CA PRO G 14 -43.50 58.43 -37.82
C PRO G 14 -44.71 57.53 -37.69
N SER G 15 -44.43 56.30 -37.22
CA SER G 15 -45.38 55.19 -37.11
C SER G 15 -46.08 54.93 -38.45
N GLU G 16 -45.27 54.90 -39.51
CA GLU G 16 -45.78 54.75 -40.88
C GLU G 16 -44.86 53.79 -41.62
N THR G 17 -45.00 53.75 -42.94
CA THR G 17 -44.21 52.87 -43.79
C THR G 17 -43.23 53.69 -44.61
N LEU G 18 -41.95 53.30 -44.56
CA LEU G 18 -40.88 53.99 -45.28
C LEU G 18 -40.38 53.09 -46.39
N SER G 19 -40.52 53.54 -47.63
CA SER G 19 -40.11 52.80 -48.82
C SER G 19 -39.16 53.65 -49.64
N VAL G 20 -37.91 53.19 -49.76
CA VAL G 20 -36.88 53.88 -50.52
C VAL G 20 -36.29 52.89 -51.52
N THR G 21 -36.23 53.29 -52.78
CA THR G 21 -35.72 52.42 -53.83
C THR G 21 -34.42 52.97 -54.39
N CYS G 22 -33.61 52.05 -54.92
CA CYS G 22 -32.40 52.39 -55.66
C CYS G 22 -32.54 51.84 -57.07
N SER G 23 -32.13 52.63 -58.05
CA SER G 23 -32.23 52.25 -59.45
C SER G 23 -30.91 51.66 -59.92
N VAL G 24 -30.98 50.55 -60.64
CA VAL G 24 -29.81 49.88 -61.18
C VAL G 24 -29.75 50.13 -62.67
N SER G 25 -28.63 50.69 -63.12
CA SER G 25 -28.44 51.05 -64.51
C SER G 25 -27.04 50.65 -64.95
N GLY G 26 -26.92 50.12 -66.15
CA GLY G 26 -25.64 49.75 -66.70
C GLY G 26 -25.49 48.26 -66.91
N ASP G 27 -25.93 47.47 -65.94
CA ASP G 27 -25.86 46.01 -66.00
C ASP G 27 -27.09 45.44 -65.34
N SER G 28 -27.15 44.11 -65.27
CA SER G 28 -28.25 43.40 -64.63
C SER G 28 -27.83 42.92 -63.25
N MET G 29 -28.69 42.13 -62.62
CA MET G 29 -28.46 41.69 -61.26
C MET G 29 -28.47 40.16 -61.16
N ASN G 30 -27.83 39.50 -62.14
CA ASN G 30 -27.82 38.06 -62.23
C ASN G 30 -26.98 37.41 -61.12
N ASN G 31 -25.77 37.91 -60.89
CA ASN G 31 -24.89 37.31 -59.89
C ASN G 31 -24.50 38.25 -58.76
N TYR G 32 -24.84 39.52 -58.85
CA TYR G 32 -24.44 40.48 -57.83
C TYR G 32 -25.36 40.37 -56.61
N TYR G 33 -24.76 40.49 -55.43
CA TYR G 33 -25.53 40.48 -54.20
C TYR G 33 -25.72 41.90 -53.74
N TRP G 34 -26.85 42.17 -53.11
CA TRP G 34 -27.31 43.54 -52.90
C TRP G 34 -27.58 43.79 -51.42
N THR G 35 -27.02 44.86 -50.89
CA THR G 35 -27.07 45.17 -49.48
C THR G 35 -27.64 46.57 -49.27
N TRP G 36 -27.72 46.96 -47.99
CA TRP G 36 -28.22 48.28 -47.60
C TRP G 36 -27.44 48.78 -46.40
N ILE G 37 -27.15 50.09 -46.40
CA ILE G 37 -26.32 50.71 -45.38
C ILE G 37 -27.06 51.90 -44.80
N ARG G 38 -27.12 51.97 -43.47
CA ARG G 38 -27.69 53.12 -42.77
C ARG G 38 -26.58 53.88 -42.03
N GLN G 39 -26.56 55.19 -42.22
CA GLN G 39 -25.61 56.06 -41.53
C GLN G 39 -26.36 57.15 -40.80
N SER G 40 -26.47 57.02 -39.48
CA SER G 40 -27.14 58.00 -38.65
C SER G 40 -26.12 58.96 -38.05
N PRO G 41 -26.50 60.21 -37.82
CA PRO G 41 -25.57 61.14 -37.15
C PRO G 41 -25.43 60.81 -35.67
N GLY G 42 -24.25 61.06 -35.13
CA GLY G 42 -23.97 60.76 -33.75
C GLY G 42 -23.47 59.36 -33.49
N LYS G 43 -23.10 58.62 -34.53
CA LYS G 43 -22.63 57.24 -34.40
C LYS G 43 -21.81 56.90 -35.63
N GLY G 44 -21.46 55.63 -35.77
CA GLY G 44 -20.77 55.13 -36.94
C GLY G 44 -21.73 54.56 -37.96
N LEU G 45 -21.16 53.77 -38.87
CA LEU G 45 -21.96 53.14 -39.91
C LEU G 45 -22.75 51.97 -39.33
N GLU G 46 -23.70 51.49 -40.12
CA GLU G 46 -24.51 50.35 -39.71
C GLU G 46 -24.99 49.60 -40.93
N TRP G 47 -24.86 48.28 -40.88
CA TRP G 47 -25.22 47.41 -41.99
C TRP G 47 -26.52 46.71 -41.67
N ILE G 48 -27.37 46.55 -42.67
CA ILE G 48 -28.77 46.21 -42.44
C ILE G 48 -29.04 44.76 -42.80
N GLY G 49 -28.86 44.42 -44.07
CA GLY G 49 -29.15 43.07 -44.53
C GLY G 49 -28.74 42.92 -45.98
N TYR G 50 -29.08 41.77 -46.54
CA TYR G 50 -28.69 41.50 -47.91
C TYR G 50 -29.71 40.56 -48.54
N ILE G 51 -29.47 40.26 -49.82
CA ILE G 51 -30.31 39.33 -50.57
C ILE G 51 -29.43 38.76 -51.67
N SER G 52 -29.82 37.62 -52.22
CA SER G 52 -29.02 36.96 -53.23
C SER G 52 -29.96 36.36 -54.27
N ASP G 53 -29.42 35.50 -55.13
CA ASP G 53 -30.19 34.87 -56.18
C ASP G 53 -31.17 33.83 -55.66
N ARG G 54 -30.93 33.26 -54.48
CA ARG G 54 -31.89 32.40 -53.82
C ARG G 54 -32.92 33.20 -53.01
N GLU G 55 -32.82 34.53 -53.04
CA GLU G 55 -33.78 35.46 -52.41
C GLU G 55 -33.92 35.24 -50.90
N SER G 56 -32.77 35.20 -50.24
CA SER G 56 -32.72 35.10 -48.79
C SER G 56 -32.71 36.51 -48.20
N ALA G 57 -33.80 36.90 -47.57
CA ALA G 57 -33.86 38.17 -46.85
C ALA G 57 -33.32 37.90 -45.45
N THR G 58 -32.02 38.03 -45.31
CA THR G 58 -31.34 37.79 -44.03
C THR G 58 -31.20 39.11 -43.29
N TYR G 59 -31.73 39.17 -42.08
CA TYR G 59 -31.83 40.42 -41.34
C TYR G 59 -30.88 40.43 -40.14
N ASN G 60 -30.44 41.63 -39.80
CA ASN G 60 -29.71 41.84 -38.56
C ASN G 60 -30.63 41.58 -37.39
N PRO G 61 -30.28 40.67 -36.48
CA PRO G 61 -31.12 40.41 -35.31
C PRO G 61 -31.16 41.54 -34.29
N SER G 62 -30.42 42.62 -34.48
CA SER G 62 -30.57 43.82 -33.66
C SER G 62 -31.57 44.81 -34.25
N LEU G 63 -32.40 44.36 -35.19
CA LEU G 63 -33.35 45.24 -35.85
C LEU G 63 -34.80 44.77 -35.72
N ASN G 64 -35.04 43.66 -35.02
CA ASN G 64 -36.36 43.14 -34.64
C ASN G 64 -37.24 42.80 -35.84
N SER G 65 -36.63 42.59 -37.02
CA SER G 65 -37.31 42.23 -38.28
C SER G 65 -38.41 43.22 -38.65
N ARG G 66 -38.19 44.51 -38.35
CA ARG G 66 -39.16 45.54 -38.73
C ARG G 66 -38.98 46.01 -40.16
N VAL G 67 -38.03 45.47 -40.89
CA VAL G 67 -37.75 45.89 -42.25
C VAL G 67 -37.99 44.73 -43.20
N VAL G 68 -38.30 45.07 -44.45
CA VAL G 68 -38.62 44.09 -45.49
C VAL G 68 -37.76 44.39 -46.71
N ILE G 69 -37.11 43.36 -47.25
CA ILE G 69 -36.31 43.46 -48.46
C ILE G 69 -37.18 43.08 -49.64
N SER G 70 -37.08 43.87 -50.71
CA SER G 70 -37.87 43.61 -51.91
C SER G 70 -37.00 43.86 -53.14
N ARG G 71 -36.92 42.85 -54.01
CA ARG G 71 -36.16 42.95 -55.24
C ARG G 71 -37.11 42.83 -56.42
N ASP G 72 -36.68 43.34 -57.56
CA ASP G 72 -37.45 43.27 -58.81
C ASP G 72 -36.47 43.13 -59.96
N THR G 73 -36.39 41.92 -60.52
CA THR G 73 -35.61 41.69 -61.73
C THR G 73 -36.44 41.81 -62.99
N SER G 74 -37.76 41.93 -62.86
CA SER G 74 -38.62 42.14 -64.02
C SER G 74 -38.52 43.57 -64.54
N LYS G 75 -38.17 44.52 -63.68
CA LYS G 75 -38.00 45.90 -64.08
C LYS G 75 -36.78 46.55 -63.43
N ASN G 76 -35.84 45.74 -62.92
CA ASN G 76 -34.48 46.13 -62.56
C ASN G 76 -34.45 47.17 -61.45
N GLN G 77 -35.09 46.83 -60.33
CA GLN G 77 -35.13 47.73 -59.17
C GLN G 77 -34.97 46.92 -57.89
N LEU G 78 -34.69 47.65 -56.81
CA LEU G 78 -34.61 47.11 -55.47
C LEU G 78 -35.42 48.02 -54.55
N SER G 79 -36.06 47.42 -53.54
CA SER G 79 -36.98 48.17 -52.73
C SER G 79 -36.84 47.78 -51.26
N LEU G 80 -36.96 48.78 -50.40
CA LEU G 80 -37.04 48.57 -48.96
C LEU G 80 -38.47 48.82 -48.51
N LYS G 81 -38.88 48.14 -47.47
CA LYS G 81 -40.10 48.46 -46.74
C LYS G 81 -39.80 48.43 -45.26
N LEU G 82 -40.20 49.48 -44.57
CA LEU G 82 -39.95 49.64 -43.14
C LEU G 82 -41.27 49.80 -42.43
N ASN G 83 -41.63 48.84 -41.59
CA ASN G 83 -42.91 48.84 -40.91
C ASN G 83 -42.71 49.03 -39.41
N SER G 84 -43.66 49.73 -38.79
CA SER G 84 -43.65 50.11 -37.37
C SER G 84 -42.37 50.87 -37.02
N VAL G 85 -42.24 52.03 -37.65
CA VAL G 85 -41.00 52.77 -37.63
C VAL G 85 -40.94 53.66 -36.39
N THR G 86 -39.74 54.08 -36.06
CA THR G 86 -39.42 54.95 -34.93
C THR G 86 -39.20 56.37 -35.41
N PRO G 87 -39.32 57.36 -34.54
CA PRO G 87 -38.84 58.71 -34.85
C PRO G 87 -37.34 58.89 -34.76
N ALA G 88 -36.58 57.85 -34.42
CA ALA G 88 -35.15 57.94 -34.14
C ALA G 88 -34.34 57.17 -35.17
N ASP G 89 -34.69 57.30 -36.45
CA ASP G 89 -33.94 56.64 -37.51
C ASP G 89 -33.71 57.56 -38.70
N THR G 90 -33.61 58.87 -38.45
CA THR G 90 -33.38 59.85 -39.49
C THR G 90 -31.97 59.71 -40.04
N ALA G 91 -31.82 59.15 -41.23
CA ALA G 91 -30.50 58.80 -41.72
C ALA G 91 -30.50 58.71 -43.23
N VAL G 92 -29.35 59.00 -43.83
CA VAL G 92 -29.09 58.76 -45.23
C VAL G 92 -28.95 57.26 -45.42
N TYR G 93 -29.52 56.75 -46.50
CA TYR G 93 -29.48 55.33 -46.79
C TYR G 93 -28.62 55.10 -48.03
N TYR G 94 -28.18 53.86 -48.22
CA TYR G 94 -27.25 53.53 -49.28
C TYR G 94 -27.59 52.19 -49.90
N CYS G 95 -27.56 52.14 -51.23
CA CYS G 95 -27.80 50.92 -51.98
C CYS G 95 -26.51 50.57 -52.70
N ALA G 96 -25.78 49.60 -52.17
CA ALA G 96 -24.51 49.18 -52.71
C ALA G 96 -24.52 47.68 -52.96
N THR G 97 -23.67 47.24 -53.88
CA THR G 97 -23.57 45.84 -54.23
C THR G 97 -22.46 45.18 -53.43
N ALA G 98 -22.41 43.86 -53.51
CA ALA G 98 -21.42 43.09 -52.76
C ALA G 98 -21.17 41.77 -53.46
N ARG G 99 -19.94 41.30 -53.36
CA ARG G 99 -19.55 40.01 -53.90
C ARG G 99 -19.22 39.05 -52.76
N ARG G 100 -19.33 37.76 -53.05
CA ARG G 100 -19.05 36.71 -52.08
C ARG G 100 -17.73 36.06 -52.42
N GLY G 101 -16.77 36.17 -51.51
CA GLY G 101 -15.54 35.41 -51.62
C GLY G 101 -15.49 34.36 -50.54
N GLN G 102 -14.92 33.20 -50.86
CA GLN G 102 -14.71 32.18 -49.84
C GLN G 102 -13.25 32.14 -49.47
N ARG G 103 -12.96 31.57 -48.31
CA ARG G 103 -11.60 31.37 -47.87
C ARG G 103 -11.50 30.04 -47.15
N ILE G 104 -10.78 29.11 -47.76
CA ILE G 104 -10.62 27.78 -47.20
C ILE G 104 -9.25 27.73 -46.55
N TYR G 105 -9.19 27.19 -45.33
CA TYR G 105 -7.97 27.22 -44.54
C TYR G 105 -7.57 25.86 -44.00
N GLY G 106 -8.45 24.87 -44.02
CA GLY G 106 -8.08 23.53 -43.63
C GLY G 106 -8.32 22.55 -44.75
N VAL G 107 -9.22 21.60 -44.55
CA VAL G 107 -9.64 20.72 -45.61
C VAL G 107 -11.02 21.14 -46.08
N VAL G 108 -11.36 20.77 -47.30
CA VAL G 108 -12.64 21.17 -47.85
C VAL G 108 -13.73 20.15 -47.55
N SER G 109 -13.35 18.94 -47.17
CA SER G 109 -14.34 17.90 -46.96
C SER G 109 -15.02 18.02 -45.61
N PHE G 110 -14.50 18.84 -44.71
CA PHE G 110 -15.09 18.99 -43.39
C PHE G 110 -15.85 20.29 -43.22
N GLY G 111 -16.05 21.02 -44.31
CA GLY G 111 -16.71 22.32 -44.22
C GLY G 111 -15.87 23.35 -43.50
N GLU G 112 -14.56 23.20 -43.55
CA GLU G 112 -13.64 23.96 -42.70
C GLU G 112 -13.28 25.30 -43.34
N PHE G 113 -14.28 26.16 -43.47
CA PHE G 113 -14.12 27.45 -44.14
C PHE G 113 -15.26 28.35 -43.72
N PHE G 114 -15.31 29.53 -44.33
CA PHE G 114 -16.39 30.49 -44.07
C PHE G 114 -16.47 31.41 -45.27
N TYR G 115 -17.45 32.31 -45.23
CA TYR G 115 -17.69 33.26 -46.30
C TYR G 115 -17.49 34.67 -45.79
N TYR G 116 -17.21 35.58 -46.72
CA TYR G 116 -17.09 37.00 -46.42
C TYR G 116 -17.64 37.79 -47.57
N TYR G 117 -18.21 38.94 -47.26
CA TYR G 117 -18.85 39.81 -48.24
C TYR G 117 -18.06 41.10 -48.35
N SER G 118 -17.69 41.46 -49.57
CA SER G 118 -16.94 42.69 -49.82
C SER G 118 -17.75 43.61 -50.71
N MET G 119 -17.81 44.88 -50.34
CA MET G 119 -18.73 45.84 -50.93
C MET G 119 -17.91 46.88 -51.70
N ASP G 120 -17.81 46.69 -53.01
CA ASP G 120 -16.88 47.48 -53.81
C ASP G 120 -17.55 48.69 -54.48
N VAL G 121 -18.73 48.49 -55.08
CA VAL G 121 -19.39 49.55 -55.80
C VAL G 121 -20.50 50.12 -54.91
N TRP G 122 -20.49 51.43 -54.74
CA TRP G 122 -21.32 52.11 -53.75
C TRP G 122 -22.22 53.14 -54.42
N GLY G 123 -23.23 53.58 -53.68
CA GLY G 123 -24.13 54.60 -54.15
C GLY G 123 -23.84 55.95 -53.53
N LYS G 124 -24.41 56.99 -54.14
CA LYS G 124 -24.21 58.35 -53.64
C LYS G 124 -25.06 58.64 -52.42
N GLY G 125 -26.15 57.90 -52.24
CA GLY G 125 -26.98 58.01 -51.05
C GLY G 125 -27.92 59.21 -51.03
N THR G 126 -29.09 59.04 -50.42
CA THR G 126 -30.05 60.13 -50.28
C THR G 126 -30.58 60.17 -48.84
N THR G 127 -30.89 61.38 -48.39
CA THR G 127 -31.29 61.63 -47.02
C THR G 127 -32.79 61.51 -46.86
N VAL G 128 -33.21 60.67 -45.91
CA VAL G 128 -34.62 60.53 -45.56
C VAL G 128 -34.74 60.71 -44.05
N THR G 129 -35.55 61.69 -43.64
CA THR G 129 -35.76 62.00 -42.24
C THR G 129 -37.23 61.79 -41.87
N VAL G 130 -37.47 61.46 -40.61
CA VAL G 130 -38.82 61.37 -40.09
C VAL G 130 -39.01 62.48 -39.06
N SER G 131 -40.23 62.99 -38.99
CA SER G 131 -40.54 64.09 -38.09
C SER G 131 -42.01 64.03 -37.71
N SER G 132 -42.29 64.14 -36.42
CA SER G 132 -43.67 64.25 -35.96
C SER G 132 -44.27 65.58 -36.36
N ALA G 133 -43.44 66.62 -36.43
CA ALA G 133 -43.90 67.95 -36.83
C ALA G 133 -43.76 68.13 -38.34
N GLN H 1 26.36 55.99 56.73
CA GLN H 1 24.98 55.95 57.21
C GLN H 1 24.16 57.06 56.57
N VAL H 2 22.98 56.72 56.07
CA VAL H 2 22.15 57.65 55.31
C VAL H 2 20.90 57.96 56.10
N GLN H 3 20.59 59.24 56.24
CA GLN H 3 19.39 59.70 56.91
C GLN H 3 18.51 60.49 55.95
N LEU H 4 17.20 60.37 56.11
CA LEU H 4 16.23 60.95 55.19
C LEU H 4 15.28 61.89 55.93
N GLN H 5 14.93 62.98 55.27
CA GLN H 5 13.95 63.93 55.77
C GLN H 5 13.30 64.64 54.59
N GLU H 6 12.00 64.88 54.71
CA GLU H 6 11.17 65.26 53.58
C GLU H 6 10.86 66.76 53.63
N SER H 7 10.22 67.23 52.57
CA SER H 7 9.75 68.62 52.48
C SER H 7 8.62 68.67 51.46
N GLY H 8 7.44 69.09 51.90
CA GLY H 8 6.28 69.14 51.04
C GLY H 8 5.39 70.34 51.28
N PRO H 9 4.61 70.73 50.25
CA PRO H 9 3.72 71.89 50.41
C PRO H 9 2.48 71.60 51.23
N GLY H 10 2.05 70.35 51.32
CA GLY H 10 0.94 70.00 52.18
C GLY H 10 -0.43 70.04 51.53
N LEU H 11 -0.94 71.24 51.25
CA LEU H 11 -2.32 71.42 50.82
C LEU H 11 -2.31 72.26 49.54
N VAL H 12 -2.45 71.59 48.39
CA VAL H 12 -2.42 72.25 47.08
C VAL H 12 -3.72 71.91 46.35
N LYS H 13 -4.34 72.94 45.74
CA LYS H 13 -5.55 72.72 44.97
C LYS H 13 -5.23 71.90 43.70
N PRO H 14 -6.19 71.13 43.18
CA PRO H 14 -5.90 70.23 42.06
C PRO H 14 -5.65 70.96 40.76
N SER H 15 -5.34 70.15 39.74
CA SER H 15 -4.94 70.58 38.39
C SER H 15 -3.77 71.56 38.46
N GLU H 16 -2.77 71.21 39.27
CA GLU H 16 -1.62 72.07 39.53
C GLU H 16 -0.36 71.20 39.52
N THR H 17 0.73 71.77 40.01
CA THR H 17 2.01 71.07 40.06
C THR H 17 2.36 70.75 41.51
N LEU H 18 2.69 69.48 41.78
CA LEU H 18 3.04 69.01 43.12
C LEU H 18 4.51 68.65 43.14
N SER H 19 5.28 69.35 43.97
CA SER H 19 6.71 69.15 44.10
C SER H 19 7.05 68.87 45.56
N VAL H 20 7.55 67.67 45.83
CA VAL H 20 7.92 67.24 47.17
C VAL H 20 9.35 66.73 47.12
N THR H 21 10.20 67.25 48.01
CA THR H 21 11.60 66.88 48.03
C THR H 21 11.92 66.09 49.30
N CYS H 22 12.97 65.27 49.19
CA CYS H 22 13.54 64.56 50.33
C CYS H 22 14.99 64.98 50.46
N SER H 23 15.43 65.22 51.69
CA SER H 23 16.79 65.67 51.96
C SER H 23 17.65 64.47 52.32
N VAL H 24 18.85 64.42 51.75
CA VAL H 24 19.79 63.34 52.00
C VAL H 24 20.90 63.87 52.89
N SER H 25 21.11 63.23 54.03
CA SER H 25 22.09 63.65 55.00
C SER H 25 22.83 62.43 55.53
N GLY H 26 24.14 62.58 55.70
CA GLY H 26 24.96 61.51 56.24
C GLY H 26 25.96 60.96 55.26
N ASP H 27 25.53 60.75 54.02
CA ASP H 27 26.38 60.24 52.95
C ASP H 27 25.99 60.91 51.65
N SER H 28 26.65 60.51 50.58
CA SER H 28 26.38 61.02 49.24
C SER H 28 25.54 60.02 48.45
N MET H 29 25.34 60.31 47.17
CA MET H 29 24.48 59.49 46.33
C MET H 29 25.23 58.97 45.11
N ASN H 30 26.47 58.52 45.33
CA ASN H 30 27.34 58.06 44.25
C ASN H 30 26.87 56.74 43.64
N ASN H 31 26.54 55.76 44.48
CA ASN H 31 26.16 54.44 43.99
C ASN H 31 24.75 54.02 44.39
N TYR H 32 24.09 54.77 45.26
CA TYR H 32 22.77 54.38 45.73
C TYR H 32 21.71 54.73 44.69
N TYR H 33 20.74 53.86 44.54
CA TYR H 33 19.63 54.09 43.63
C TYR H 33 18.44 54.57 44.45
N TRP H 34 17.64 55.45 43.85
CA TRP H 34 16.67 56.23 44.61
C TRP H 34 15.28 56.05 44.03
N THR H 35 14.32 55.72 44.89
CA THR H 35 12.96 55.39 44.47
C THR H 35 11.97 56.28 45.20
N TRP H 36 10.69 56.04 44.91
CA TRP H 36 9.59 56.78 45.52
C TRP H 36 8.40 55.85 45.74
N ILE H 37 7.73 56.02 46.88
CA ILE H 37 6.64 55.14 47.29
C ILE H 37 5.41 55.99 47.63
N ARG H 38 4.27 55.61 47.07
CA ARG H 38 3.00 56.24 47.38
C ARG H 38 2.11 55.27 48.15
N GLN H 39 1.56 55.73 49.27
CA GLN H 39 0.62 54.95 50.07
C GLN H 39 -0.67 55.73 50.24
N SER H 40 -1.70 55.33 49.50
CA SER H 40 -3.01 55.95 49.59
C SER H 40 -3.91 55.17 50.53
N PRO H 41 -4.83 55.83 51.23
CA PRO H 41 -5.78 55.09 52.07
C PRO H 41 -6.80 54.36 51.22
N GLY H 42 -7.26 53.22 51.73
CA GLY H 42 -8.21 52.39 51.01
C GLY H 42 -7.59 51.41 50.05
N LYS H 43 -6.28 51.19 50.10
CA LYS H 43 -5.59 50.29 49.20
C LYS H 43 -4.29 49.87 49.86
N GLY H 44 -3.43 49.19 49.09
CA GLY H 44 -2.11 48.82 49.54
C GLY H 44 -1.06 49.83 49.11
N LEU H 45 0.19 49.38 49.16
CA LEU H 45 1.29 50.22 48.76
C LEU H 45 1.36 50.35 47.24
N GLU H 46 2.16 51.30 46.78
CA GLU H 46 2.34 51.50 45.35
C GLU H 46 3.72 52.09 45.09
N TRP H 47 4.40 51.52 44.12
CA TRP H 47 5.76 51.93 43.76
C TRP H 47 5.71 52.74 42.48
N ILE H 48 6.53 53.79 42.42
CA ILE H 48 6.36 54.82 41.40
C ILE H 48 7.41 54.71 40.32
N GLY H 49 8.67 54.87 40.70
CA GLY H 49 9.75 54.84 39.73
C GLY H 49 11.07 54.93 40.44
N TYR H 50 12.13 55.03 39.64
CA TYR H 50 13.47 55.08 40.21
C TYR H 50 14.38 55.88 39.29
N ILE H 51 15.64 56.01 39.74
CA ILE H 51 16.67 56.69 38.96
C ILE H 51 17.99 56.12 39.41
N SER H 52 19.02 56.27 38.59
CA SER H 52 20.32 55.70 38.90
C SER H 52 21.39 56.68 38.46
N ASP H 53 22.65 56.22 38.42
CA ASP H 53 23.77 57.05 38.04
C ASP H 53 23.79 57.40 36.56
N ARG H 54 23.15 56.59 35.72
CA ARG H 54 22.95 56.94 34.32
C ARG H 54 21.73 57.82 34.10
N GLU H 55 21.02 58.18 35.18
CA GLU H 55 19.89 59.12 35.19
C GLU H 55 18.74 58.64 34.30
N SER H 56 18.34 57.40 34.49
CA SER H 56 17.20 56.83 33.81
C SER H 56 15.95 57.08 34.64
N ALA H 57 15.08 57.96 34.17
CA ALA H 57 13.78 58.17 34.80
C ALA H 57 12.83 57.14 34.22
N THR H 58 12.79 55.97 34.85
CA THR H 58 11.95 54.87 34.42
C THR H 58 10.64 54.93 35.18
N TYR H 59 9.53 55.00 34.45
CA TYR H 59 8.23 55.24 35.04
C TYR H 59 7.35 54.00 34.96
N ASN H 60 6.46 53.89 35.93
CA ASN H 60 5.40 52.90 35.90
C ASN H 60 4.46 53.22 34.75
N PRO H 61 4.24 52.30 33.80
CA PRO H 61 3.31 52.55 32.71
C PRO H 61 1.85 52.61 33.11
N SER H 62 1.50 52.39 34.37
CA SER H 62 0.15 52.62 34.87
C SER H 62 -0.02 54.03 35.44
N LEU H 63 0.91 54.94 35.13
CA LEU H 63 0.86 56.29 35.66
C LEU H 63 0.83 57.37 34.58
N ASN H 64 0.83 56.97 33.29
CA ASN H 64 0.64 57.84 32.13
C ASN H 64 1.72 58.91 31.98
N SER H 65 2.88 58.71 32.62
CA SER H 65 4.04 59.61 32.59
C SER H 65 3.69 61.04 33.02
N ARG H 66 2.76 61.17 33.97
CA ARG H 66 2.39 62.48 34.48
C ARG H 66 3.35 62.97 35.57
N VAL H 67 4.37 62.20 35.91
CA VAL H 67 5.30 62.56 36.97
C VAL H 67 6.69 62.72 36.37
N VAL H 68 7.51 63.53 37.04
CA VAL H 68 8.86 63.84 36.59
C VAL H 68 9.82 63.60 37.76
N ILE H 69 10.90 62.87 37.49
CA ILE H 69 11.95 62.62 38.48
C ILE H 69 13.04 63.67 38.31
N SER H 70 13.51 64.21 39.43
CA SER H 70 14.55 65.22 39.40
C SER H 70 15.54 64.97 40.53
N ARG H 71 16.82 64.85 40.16
CA ARG H 71 17.88 64.65 41.13
C ARG H 71 18.81 65.84 41.12
N ASP H 72 19.53 66.02 42.22
CA ASP H 72 20.51 67.09 42.37
C ASP H 72 21.67 66.57 43.20
N THR H 73 22.79 66.30 42.56
CA THR H 73 24.02 65.95 43.26
C THR H 73 24.90 67.16 43.53
N SER H 74 24.57 68.32 42.96
CA SER H 74 25.32 69.54 43.25
C SER H 74 24.98 70.10 44.62
N LYS H 75 23.79 69.80 45.14
CA LYS H 75 23.40 70.24 46.46
C LYS H 75 22.65 69.16 47.24
N ASN H 76 22.77 67.89 46.81
CA ASN H 76 22.42 66.70 47.59
C ASN H 76 20.93 66.62 47.91
N GLN H 77 20.12 66.71 46.86
CA GLN H 77 18.67 66.64 47.02
C GLN H 77 18.06 65.79 45.91
N LEU H 78 16.80 65.42 46.12
CA LEU H 78 15.98 64.72 45.15
C LEU H 78 14.64 65.40 45.08
N SER H 79 14.06 65.43 43.89
CA SER H 79 12.85 66.22 43.68
C SER H 79 11.87 65.46 42.80
N LEU H 80 10.59 65.60 43.14
CA LEU H 80 9.50 65.11 42.31
C LEU H 80 8.81 66.30 41.66
N LYS H 81 8.27 66.07 40.47
CA LYS H 81 7.36 67.01 39.84
C LYS H 81 6.17 66.22 39.30
N LEU H 82 4.97 66.69 39.62
CA LEU H 82 3.73 66.02 39.25
C LEU H 82 2.89 67.01 38.44
N ASN H 83 2.69 66.72 37.17
CA ASN H 83 1.96 67.62 36.29
C ASN H 83 0.64 66.98 35.86
N SER H 84 -0.37 67.84 35.69
CA SER H 84 -1.76 67.48 35.36
C SER H 84 -2.31 66.48 36.39
N VAL H 85 -2.40 66.96 37.62
CA VAL H 85 -2.68 66.10 38.76
C VAL H 85 -4.18 65.92 38.92
N THR H 86 -4.53 64.88 39.65
CA THR H 86 -5.90 64.51 39.97
C THR H 86 -6.25 64.94 41.38
N PRO H 87 -7.54 65.08 41.70
CA PRO H 87 -7.96 65.20 43.11
C PRO H 87 -7.94 63.90 43.89
N ALA H 88 -7.57 62.77 43.28
CA ALA H 88 -7.68 61.45 43.88
C ALA H 88 -6.30 60.83 44.11
N ASP H 89 -5.36 61.62 44.63
CA ASP H 89 -4.03 61.11 44.93
C ASP H 89 -3.52 61.61 46.27
N THR H 90 -4.43 61.87 47.21
CA THR H 90 -4.06 62.34 48.54
C THR H 90 -3.37 61.23 49.31
N ALA H 91 -2.05 61.33 49.47
CA ALA H 91 -1.30 60.22 50.02
C ALA H 91 0.01 60.72 50.61
N VAL H 92 0.47 60.00 51.63
CA VAL H 92 1.81 60.16 52.18
C VAL H 92 2.80 59.62 51.17
N TYR H 93 3.91 60.32 50.99
CA TYR H 93 4.93 59.92 50.04
C TYR H 93 6.18 59.50 50.80
N TYR H 94 7.06 58.79 50.13
CA TYR H 94 8.24 58.22 50.77
C TYR H 94 9.43 58.30 49.85
N CYS H 95 10.58 58.71 50.40
CA CYS H 95 11.84 58.77 49.69
C CYS H 95 12.78 57.76 50.32
N ALA H 96 12.95 56.62 49.66
CA ALA H 96 13.78 55.55 50.17
C ALA H 96 14.79 55.15 49.11
N THR H 97 15.90 54.57 49.57
CA THR H 97 16.97 54.15 48.68
C THR H 97 16.79 52.68 48.34
N ALA H 98 17.60 52.23 47.37
CA ALA H 98 17.50 50.86 46.90
C ALA H 98 18.83 50.44 46.31
N ARG H 99 19.15 49.16 46.46
CA ARG H 99 20.35 48.58 45.88
C ARG H 99 19.96 47.58 44.79
N ARG H 100 20.90 47.36 43.87
CA ARG H 100 20.69 46.44 42.76
C ARG H 100 21.49 45.18 43.01
N GLY H 101 20.79 44.06 43.13
CA GLY H 101 21.44 42.76 43.16
C GLY H 101 21.12 42.01 41.90
N GLN H 102 22.08 41.23 41.39
CA GLN H 102 21.82 40.37 40.26
C GLN H 102 21.71 38.93 40.75
N ARG H 103 21.09 38.11 39.92
CA ARG H 103 20.99 36.68 40.20
C ARG H 103 21.14 35.92 38.91
N ILE H 104 22.23 35.19 38.77
CA ILE H 104 22.50 34.42 37.57
C ILE H 104 22.15 32.97 37.88
N TYR H 105 21.45 32.33 36.95
CA TYR H 105 20.91 30.99 37.18
C TYR H 105 21.25 30.01 36.09
N GLY H 106 21.70 30.47 34.92
CA GLY H 106 22.15 29.57 33.88
C GLY H 106 23.59 29.85 33.51
N VAL H 107 23.83 30.26 32.28
CA VAL H 107 25.15 30.70 31.87
C VAL H 107 25.13 32.22 31.77
N VAL H 108 26.31 32.81 31.87
CA VAL H 108 26.40 34.26 31.83
C VAL H 108 26.57 34.78 30.42
N SER H 109 26.96 33.91 29.49
CA SER H 109 27.23 34.37 28.14
C SER H 109 25.96 34.55 27.32
N PHE H 110 24.83 34.06 27.80
CA PHE H 110 23.59 34.17 27.06
C PHE H 110 22.66 35.22 27.64
N GLY H 111 23.12 36.00 28.60
CA GLY H 111 22.28 36.97 29.26
C GLY H 111 21.21 36.32 30.12
N GLU H 112 21.50 35.14 30.63
CA GLU H 112 20.49 34.30 31.26
C GLU H 112 20.33 34.63 32.74
N PHE H 113 19.85 35.84 33.01
CA PHE H 113 19.73 36.35 34.37
C PHE H 113 18.76 37.50 34.36
N PHE H 114 18.61 38.15 35.51
CA PHE H 114 17.74 39.31 35.65
C PHE H 114 18.23 40.11 36.85
N TYR H 115 17.59 41.25 37.07
CA TYR H 115 17.93 42.13 38.17
C TYR H 115 16.76 42.26 39.13
N TYR H 116 17.08 42.61 40.38
CA TYR H 116 16.06 42.87 41.39
C TYR H 116 16.53 44.02 42.26
N TYR H 117 15.57 44.78 42.75
CA TYR H 117 15.85 45.97 43.55
C TYR H 117 15.33 45.73 44.96
N SER H 118 16.18 45.94 45.95
CA SER H 118 15.81 45.77 47.34
C SER H 118 15.95 47.09 48.07
N MET H 119 14.95 47.43 48.87
CA MET H 119 14.81 48.76 49.45
C MET H 119 14.98 48.63 50.96
N ASP H 120 16.18 48.93 51.44
CA ASP H 120 16.54 48.66 52.83
C ASP H 120 16.36 49.86 53.75
N VAL H 121 16.81 51.03 53.33
CA VAL H 121 16.75 52.22 54.16
C VAL H 121 15.58 53.07 53.70
N TRP H 122 14.72 53.45 54.64
CA TRP H 122 13.43 54.06 54.35
C TRP H 122 13.32 55.41 55.03
N GLY H 123 12.34 56.19 54.58
CA GLY H 123 12.07 57.49 55.16
C GLY H 123 10.85 57.47 56.07
N LYS H 124 10.73 58.51 56.88
CA LYS H 124 9.61 58.60 57.80
C LYS H 124 8.33 59.03 57.09
N GLY H 125 8.44 59.70 55.94
CA GLY H 125 7.29 60.06 55.14
C GLY H 125 6.52 61.26 55.62
N THR H 126 5.97 62.04 54.68
CA THR H 126 5.14 63.19 55.01
C THR H 126 3.86 63.18 54.18
N THR H 127 2.80 63.69 54.77
CA THR H 127 1.47 63.65 54.17
C THR H 127 1.22 64.89 53.33
N VAL H 128 0.84 64.66 52.07
CA VAL H 128 0.45 65.73 51.16
C VAL H 128 -0.92 65.39 50.58
N THR H 129 -1.88 66.28 50.78
CA THR H 129 -3.24 66.08 50.30
C THR H 129 -3.60 67.18 49.31
N VAL H 130 -4.49 66.86 48.39
CA VAL H 130 -5.04 67.84 47.48
C VAL H 130 -6.53 68.02 47.79
N SER H 131 -7.01 69.24 47.59
CA SER H 131 -8.39 69.56 47.91
C SER H 131 -8.85 70.71 47.03
N SER H 132 -10.01 70.55 46.40
CA SER H 132 -10.61 71.65 45.65
C SER H 132 -11.09 72.75 46.60
N ALA H 133 -11.49 72.39 47.80
CA ALA H 133 -11.93 73.36 48.80
C ALA H 133 -10.76 73.81 49.68
N GLN I 1 -74.53 -24.58 30.12
CA GLN I 1 -75.07 -23.54 29.25
C GLN I 1 -75.25 -22.23 30.02
N VAL I 2 -74.78 -21.13 29.44
CA VAL I 2 -74.74 -19.84 30.11
C VAL I 2 -75.72 -18.90 29.42
N GLN I 3 -76.58 -18.25 30.22
CA GLN I 3 -77.53 -17.27 29.72
C GLN I 3 -77.25 -15.92 30.36
N LEU I 4 -77.47 -14.86 29.59
CA LEU I 4 -77.14 -13.50 30.00
C LEU I 4 -78.37 -12.61 29.97
N GLN I 5 -78.46 -11.70 30.95
CA GLN I 5 -79.51 -10.71 31.01
C GLN I 5 -78.99 -9.51 31.78
N GLU I 6 -79.37 -8.31 31.32
CA GLU I 6 -78.74 -7.07 31.74
C GLU I 6 -79.62 -6.33 32.73
N SER I 7 -79.08 -5.24 33.28
CA SER I 7 -79.82 -4.35 34.17
C SER I 7 -79.13 -2.99 34.15
N GLY I 8 -79.87 -1.96 33.74
CA GLY I 8 -79.31 -0.63 33.63
C GLY I 8 -80.27 0.48 34.04
N PRO I 9 -79.71 1.63 34.43
CA PRO I 9 -80.58 2.75 34.86
C PRO I 9 -81.26 3.46 33.70
N GLY I 10 -80.69 3.40 32.51
CA GLY I 10 -81.35 3.97 31.34
C GLY I 10 -81.00 5.41 31.04
N LEU I 11 -81.48 6.35 31.85
CA LEU I 11 -81.37 7.78 31.56
C LEU I 11 -80.77 8.48 32.77
N VAL I 12 -79.47 8.77 32.70
CA VAL I 12 -78.74 9.40 33.80
C VAL I 12 -78.10 10.68 33.27
N LYS I 13 -78.22 11.77 34.06
CA LYS I 13 -77.59 13.03 33.67
C LYS I 13 -76.06 12.91 33.74
N PRO I 14 -75.32 13.68 32.95
CA PRO I 14 -73.87 13.51 32.88
C PRO I 14 -73.15 13.98 34.13
N SER I 15 -71.82 13.77 34.10
CA SER I 15 -70.90 14.02 35.21
C SER I 15 -71.35 13.29 36.48
N GLU I 16 -71.73 12.02 36.30
CA GLU I 16 -72.27 11.19 37.37
C GLU I 16 -71.64 9.81 37.27
N THR I 17 -72.23 8.86 37.99
CA THR I 17 -71.74 7.48 38.01
C THR I 17 -72.73 6.57 37.29
N LEU I 18 -72.22 5.79 36.34
CA LEU I 18 -73.04 4.87 35.55
C LEU I 18 -72.69 3.44 35.94
N SER I 19 -73.68 2.72 36.46
CA SER I 19 -73.50 1.34 36.89
C SER I 19 -74.52 0.46 36.19
N VAL I 20 -74.03 -0.47 35.37
CA VAL I 20 -74.87 -1.39 34.62
C VAL I 20 -74.38 -2.81 34.90
N THR I 21 -75.30 -3.68 35.29
CA THR I 21 -74.96 -5.05 35.63
C THR I 21 -75.54 -6.02 34.62
N CYS I 22 -74.88 -7.17 34.51
CA CYS I 22 -75.38 -8.30 33.72
C CYS I 22 -75.56 -9.48 34.65
N SER I 23 -76.65 -10.21 34.48
CA SER I 23 -76.95 -11.35 35.33
C SER I 23 -76.51 -12.63 34.64
N VAL I 24 -75.86 -13.51 35.40
CA VAL I 24 -75.37 -14.77 34.89
C VAL I 24 -76.27 -15.88 35.42
N SER I 25 -76.84 -16.66 34.50
CA SER I 25 -77.77 -17.72 34.86
C SER I 25 -77.46 -18.95 34.02
N GLY I 26 -77.52 -20.11 34.65
CA GLY I 26 -77.30 -21.37 33.96
C GLY I 26 -76.06 -22.09 34.42
N ASP I 27 -74.97 -21.36 34.63
CA ASP I 27 -73.71 -21.92 35.08
C ASP I 27 -73.04 -20.92 36.00
N SER I 28 -71.84 -21.26 36.47
CA SER I 28 -71.05 -20.41 37.33
C SER I 28 -69.95 -19.73 36.52
N MET I 29 -69.06 -19.03 37.22
CA MET I 29 -68.01 -18.25 36.57
C MET I 29 -66.63 -18.67 37.05
N ASN I 30 -66.43 -19.99 37.18
CA ASN I 30 -65.18 -20.54 37.69
C ASN I 30 -64.01 -20.35 36.72
N ASN I 31 -64.21 -20.67 35.44
CA ASN I 31 -63.13 -20.59 34.46
C ASN I 31 -63.40 -19.63 33.32
N TYR I 32 -64.61 -19.09 33.21
CA TYR I 32 -64.93 -18.21 32.10
C TYR I 32 -64.39 -16.82 32.35
N TYR I 33 -63.91 -16.19 31.30
CA TYR I 33 -63.41 -14.82 31.38
C TYR I 33 -64.50 -13.90 30.84
N TRP I 34 -64.56 -12.70 31.42
CA TRP I 34 -65.74 -11.85 31.24
C TRP I 34 -65.31 -10.48 30.72
N THR I 35 -65.95 -10.04 29.65
CA THR I 35 -65.58 -8.81 28.96
C THR I 35 -66.79 -7.88 28.87
N TRP I 36 -66.57 -6.74 28.23
CA TRP I 36 -67.61 -5.73 28.03
C TRP I 36 -67.43 -5.06 26.68
N ILE I 37 -68.54 -4.81 25.99
CA ILE I 37 -68.54 -4.26 24.64
C ILE I 37 -69.41 -3.02 24.59
N ARG I 38 -68.88 -1.94 24.02
CA ARG I 38 -69.64 -0.73 23.78
C ARG I 38 -69.85 -0.51 22.29
N GLN I 39 -71.09 -0.25 21.91
CA GLN I 39 -71.44 0.04 20.52
C GLN I 39 -72.16 1.38 20.45
N SER I 40 -71.44 2.40 20.00
CA SER I 40 -72.01 3.73 19.84
C SER I 40 -72.47 3.95 18.41
N PRO I 41 -73.52 4.74 18.19
CA PRO I 41 -73.94 5.06 16.81
C PRO I 41 -72.95 6.01 16.15
N GLY I 42 -72.79 5.86 14.84
CA GLY I 42 -71.86 6.67 14.09
C GLY I 42 -70.45 6.13 14.03
N LYS I 43 -70.23 4.88 14.44
CA LYS I 43 -68.91 4.29 14.46
C LYS I 43 -69.07 2.77 14.44
N GLY I 44 -67.97 2.06 14.65
CA GLY I 44 -67.98 0.62 14.77
C GLY I 44 -68.05 0.17 16.21
N LEU I 45 -67.70 -1.10 16.42
CA LEU I 45 -67.70 -1.66 17.76
C LEU I 45 -66.50 -1.16 18.54
N GLU I 46 -66.54 -1.40 19.85
CA GLU I 46 -65.44 -1.01 20.72
C GLU I 46 -65.39 -1.94 21.91
N TRP I 47 -64.19 -2.40 22.22
CA TRP I 47 -63.96 -3.34 23.32
C TRP I 47 -63.33 -2.60 24.48
N ILE I 48 -63.76 -2.97 25.70
CA ILE I 48 -63.50 -2.12 26.86
C ILE I 48 -62.42 -2.73 27.74
N GLY I 49 -62.67 -3.92 28.27
CA GLY I 49 -61.73 -4.54 29.17
C GLY I 49 -62.20 -5.93 29.53
N TYR I 50 -61.48 -6.55 30.44
CA TYR I 50 -61.83 -7.91 30.83
C TYR I 50 -61.39 -8.15 32.27
N ILE I 51 -61.68 -9.36 32.75
CA ILE I 51 -61.29 -9.77 34.09
C ILE I 51 -61.19 -11.29 34.05
N SER I 52 -60.48 -11.87 35.01
CA SER I 52 -60.26 -13.31 35.02
C SER I 52 -60.31 -13.78 36.47
N ASP I 53 -59.88 -15.02 36.70
CA ASP I 53 -59.88 -15.62 38.02
C ASP I 53 -58.84 -15.01 38.94
N ARG I 54 -57.77 -14.43 38.41
CA ARG I 54 -56.83 -13.67 39.20
C ARG I 54 -57.27 -12.23 39.42
N GLU I 55 -58.46 -11.86 38.90
CA GLU I 55 -59.11 -10.55 39.11
C GLU I 55 -58.24 -9.39 38.61
N SER I 56 -57.77 -9.52 37.38
CA SER I 56 -57.01 -8.46 36.72
C SER I 56 -58.00 -7.56 35.97
N ALA I 57 -58.19 -6.34 36.46
CA ALA I 57 -58.98 -5.35 35.76
C ALA I 57 -58.05 -4.64 34.78
N THR I 58 -57.94 -5.20 33.59
CA THR I 58 -57.08 -4.68 32.54
C THR I 58 -57.90 -3.75 31.65
N TYR I 59 -57.45 -2.51 31.52
CA TYR I 59 -58.23 -1.48 30.86
C TYR I 59 -57.59 -1.09 29.53
N ASN I 60 -58.44 -0.67 28.60
CA ASN I 60 -57.99 -0.05 27.37
C ASN I 60 -57.33 1.28 27.70
N PRO I 61 -56.06 1.48 27.31
CA PRO I 61 -55.40 2.77 27.56
C PRO I 61 -55.94 3.94 26.76
N SER I 62 -56.91 3.74 25.88
CA SER I 62 -57.60 4.84 25.22
C SER I 62 -58.86 5.26 25.98
N LEU I 63 -58.99 4.84 27.24
CA LEU I 63 -60.18 5.14 28.03
C LEU I 63 -59.86 5.89 29.33
N ASN I 64 -58.58 6.20 29.59
CA ASN I 64 -58.11 7.04 30.69
C ASN I 64 -58.45 6.50 32.07
N SER I 65 -58.73 5.18 32.16
CA SER I 65 -59.06 4.48 33.40
C SER I 65 -60.23 5.11 34.15
N ARG I 66 -61.20 5.64 33.41
CA ARG I 66 -62.38 6.22 34.03
C ARG I 66 -63.44 5.18 34.36
N VAL I 67 -63.19 3.91 34.08
CA VAL I 67 -64.15 2.84 34.32
C VAL I 67 -63.58 1.86 35.33
N VAL I 68 -64.48 1.19 36.04
CA VAL I 68 -64.13 0.25 37.09
C VAL I 68 -64.84 -1.07 36.83
N ILE I 69 -64.11 -2.17 36.89
CA ILE I 69 -64.67 -3.51 36.73
C ILE I 69 -64.96 -4.07 38.11
N SER I 70 -66.13 -4.69 38.24
CA SER I 70 -66.54 -5.27 39.52
C SER I 70 -67.22 -6.60 39.27
N ARG I 71 -66.71 -7.64 39.93
CA ARG I 71 -67.28 -8.97 39.82
C ARG I 71 -67.81 -9.40 41.18
N ASP I 72 -68.74 -10.36 41.16
CA ASP I 72 -69.33 -10.91 42.37
C ASP I 72 -69.61 -12.39 42.13
N THR I 73 -68.79 -13.26 42.71
CA THR I 73 -69.04 -14.69 42.70
C THR I 73 -69.83 -15.16 43.91
N SER I 74 -70.02 -14.30 44.92
CA SER I 74 -70.83 -14.65 46.06
C SER I 74 -72.31 -14.64 45.74
N LYS I 75 -72.72 -13.86 44.74
CA LYS I 75 -74.11 -13.81 44.31
C LYS I 75 -74.24 -13.77 42.80
N ASN I 76 -73.20 -14.15 42.05
CA ASN I 76 -73.23 -14.50 40.63
C ASN I 76 -73.63 -13.31 39.76
N GLN I 77 -72.90 -12.21 39.91
CA GLN I 77 -73.16 -11.02 39.12
C GLN I 77 -71.86 -10.38 38.68
N LEU I 78 -71.98 -9.47 37.73
CA LEU I 78 -70.87 -8.65 37.25
C LEU I 78 -71.36 -7.21 37.19
N SER I 79 -70.44 -6.28 37.47
CA SER I 79 -70.84 -4.90 37.62
C SER I 79 -69.81 -3.98 36.98
N LEU I 80 -70.31 -2.92 36.34
CA LEU I 80 -69.49 -1.83 35.84
C LEU I 80 -69.67 -0.62 36.73
N LYS I 81 -68.62 0.19 36.84
CA LYS I 81 -68.72 1.51 37.42
C LYS I 81 -67.99 2.48 36.51
N LEU I 82 -68.65 3.59 36.18
CA LEU I 82 -68.11 4.59 35.27
C LEU I 82 -68.09 5.92 36.00
N ASN I 83 -66.89 6.45 36.25
CA ASN I 83 -66.74 7.68 36.99
C ASN I 83 -66.20 8.78 36.09
N SER I 84 -66.64 10.01 36.38
CA SER I 84 -66.32 11.23 35.61
C SER I 84 -66.70 11.03 34.13
N VAL I 85 -67.99 10.86 33.91
CA VAL I 85 -68.50 10.43 32.62
C VAL I 85 -68.71 11.64 31.72
N THR I 86 -68.80 11.37 30.43
CA THR I 86 -69.02 12.34 29.38
C THR I 86 -70.47 12.32 28.93
N PRO I 87 -70.96 13.38 28.31
CA PRO I 87 -72.23 13.32 27.59
C PRO I 87 -72.18 12.61 26.24
N ALA I 88 -71.01 12.13 25.81
CA ALA I 88 -70.81 11.58 24.48
C ALA I 88 -70.51 10.10 24.53
N ASP I 89 -71.25 9.34 25.34
CA ASP I 89 -71.07 7.91 25.42
C ASP I 89 -72.40 7.16 25.45
N THR I 90 -73.42 7.73 24.82
CA THR I 90 -74.74 7.12 24.76
C THR I 90 -74.70 5.87 23.88
N ALA I 91 -74.73 4.70 24.49
CA ALA I 91 -74.50 3.48 23.73
C ALA I 91 -75.10 2.28 24.44
N VAL I 92 -75.49 1.30 23.66
CA VAL I 92 -75.90 -0.02 24.15
C VAL I 92 -74.64 -0.73 24.63
N TYR I 93 -74.74 -1.41 25.76
CA TYR I 93 -73.61 -2.13 26.33
C TYR I 93 -73.88 -3.62 26.25
N TYR I 94 -72.83 -4.40 26.39
CA TYR I 94 -72.91 -5.85 26.20
C TYR I 94 -72.05 -6.57 27.22
N CYS I 95 -72.60 -7.62 27.81
CA CYS I 95 -71.90 -8.47 28.76
C CYS I 95 -71.76 -9.85 28.12
N ALA I 96 -70.58 -10.15 27.62
CA ALA I 96 -70.32 -11.40 26.94
C ALA I 96 -69.10 -12.07 27.56
N THR I 97 -69.04 -13.39 27.42
CA THR I 97 -67.95 -14.18 27.97
C THR I 97 -66.87 -14.38 26.91
N ALA I 98 -65.74 -14.90 27.35
CA ALA I 98 -64.61 -15.11 26.46
C ALA I 98 -63.73 -16.23 27.00
N ARG I 99 -63.12 -16.98 26.10
CA ARG I 99 -62.19 -18.03 26.46
C ARG I 99 -60.79 -17.65 25.99
N ARG I 100 -59.79 -18.22 26.64
CA ARG I 100 -58.39 -17.97 26.34
C ARG I 100 -57.82 -19.18 25.61
N GLY I 101 -57.38 -18.97 24.37
CA GLY I 101 -56.64 -19.97 23.66
C GLY I 101 -55.21 -19.52 23.48
N GLN I 102 -54.26 -20.44 23.55
CA GLN I 102 -52.88 -20.11 23.27
C GLN I 102 -52.51 -20.65 21.90
N ARG I 103 -51.44 -20.09 21.33
CA ARG I 103 -50.91 -20.57 20.07
C ARG I 103 -49.40 -20.51 20.12
N ILE I 104 -48.78 -21.66 20.11
CA ILE I 104 -47.33 -21.75 20.18
C ILE I 104 -46.83 -22.03 18.76
N TYR I 105 -45.80 -21.29 18.35
CA TYR I 105 -45.32 -21.34 16.97
C TYR I 105 -43.83 -21.60 16.86
N GLY I 106 -43.07 -21.44 17.92
CA GLY I 106 -41.66 -21.77 17.90
C GLY I 106 -41.34 -22.83 18.93
N VAL I 107 -40.51 -22.50 19.91
CA VAL I 107 -40.25 -23.37 21.02
C VAL I 107 -40.99 -22.82 22.23
N VAL I 108 -41.26 -23.71 23.19
CA VAL I 108 -42.02 -23.30 24.36
C VAL I 108 -41.10 -22.81 25.47
N SER I 109 -39.81 -23.11 25.39
CA SER I 109 -38.91 -22.74 26.47
C SER I 109 -38.47 -21.29 26.39
N PHE I 110 -38.74 -20.61 25.28
CA PHE I 110 -38.32 -19.23 25.12
C PHE I 110 -39.49 -18.26 25.24
N GLY I 111 -40.66 -18.75 25.65
CA GLY I 111 -41.84 -17.90 25.71
C GLY I 111 -42.33 -17.46 24.35
N GLU I 112 -42.08 -18.28 23.34
CA GLU I 112 -42.25 -17.87 21.94
C GLU I 112 -43.68 -18.13 21.47
N PHE I 113 -44.61 -17.41 22.08
CA PHE I 113 -46.04 -17.59 21.81
C PHE I 113 -46.78 -16.34 22.27
N PHE I 114 -48.10 -16.40 22.19
CA PHE I 114 -48.95 -15.31 22.63
C PHE I 114 -50.32 -15.87 22.93
N TYR I 115 -51.20 -15.01 23.43
CA TYR I 115 -52.56 -15.39 23.78
C TYR I 115 -53.56 -14.65 22.92
N TYR I 116 -54.74 -15.24 22.79
CA TYR I 116 -55.84 -14.60 22.08
C TYR I 116 -57.14 -14.93 22.79
N TYR I 117 -58.08 -14.00 22.73
CA TYR I 117 -59.35 -14.12 23.41
C TYR I 117 -60.46 -14.22 22.37
N SER I 118 -61.30 -15.24 22.48
CA SER I 118 -62.40 -15.45 21.56
C SER I 118 -63.72 -15.38 22.32
N MET I 119 -64.68 -14.65 21.77
CA MET I 119 -65.90 -14.30 22.48
C MET I 119 -67.07 -15.00 21.80
N ASP I 120 -67.48 -16.13 22.36
CA ASP I 120 -68.45 -16.99 21.70
C ASP I 120 -69.89 -16.75 22.14
N VAL I 121 -70.12 -16.63 23.44
CA VAL I 121 -71.47 -16.47 23.97
C VAL I 121 -71.68 -15.00 24.29
N TRP I 122 -72.76 -14.43 23.76
CA TRP I 122 -73.01 -13.00 23.78
C TRP I 122 -74.32 -12.69 24.48
N GLY I 123 -74.49 -11.42 24.83
CA GLY I 123 -75.71 -10.95 25.45
C GLY I 123 -76.59 -10.19 24.47
N LYS I 124 -77.86 -10.02 24.87
CA LYS I 124 -78.80 -9.30 24.02
C LYS I 124 -78.59 -7.79 24.08
N GLY I 125 -77.99 -7.29 25.16
CA GLY I 125 -77.65 -5.89 25.26
C GLY I 125 -78.80 -4.97 25.63
N THR I 126 -78.51 -3.92 26.39
CA THR I 126 -79.50 -2.92 26.76
C THR I 126 -78.96 -1.52 26.53
N THR I 127 -79.85 -0.61 26.18
CA THR I 127 -79.49 0.75 25.80
C THR I 127 -79.48 1.66 27.03
N VAL I 128 -78.36 2.36 27.23
CA VAL I 128 -78.23 3.35 28.28
C VAL I 128 -77.73 4.64 27.65
N THR I 129 -78.49 5.71 27.81
CA THR I 129 -78.15 7.02 27.24
C THR I 129 -77.96 8.03 28.36
N VAL I 130 -77.13 9.02 28.12
CA VAL I 130 -76.97 10.15 29.03
C VAL I 130 -77.49 11.40 28.35
N SER I 131 -78.06 12.29 29.15
CA SER I 131 -78.66 13.51 28.64
C SER I 131 -78.59 14.59 29.71
N SER I 132 -78.13 15.77 29.32
CA SER I 132 -78.18 16.91 30.23
C SER I 132 -79.61 17.38 30.45
N ALA I 133 -80.48 17.20 29.45
CA ALA I 133 -81.87 17.57 29.56
C ALA I 133 -82.71 16.40 30.06
N VAL J 3 -15.10 56.26 -31.46
CA VAL J 3 -14.59 57.38 -32.22
C VAL J 3 -13.34 57.93 -31.56
N ARG J 4 -12.21 57.84 -32.24
CA ARG J 4 -10.93 58.21 -31.66
C ARG J 4 -10.10 59.03 -32.65
N PRO J 5 -9.36 60.03 -32.18
CA PRO J 5 -8.55 60.85 -33.09
C PRO J 5 -7.11 60.37 -33.19
N LEU J 6 -6.44 60.89 -34.22
CA LEU J 6 -5.01 60.66 -34.45
C LEU J 6 -4.51 61.75 -35.38
N SER J 7 -3.25 62.15 -35.19
CA SER J 7 -2.70 63.29 -35.91
C SER J 7 -1.27 63.03 -36.34
N VAL J 8 -1.00 63.22 -37.64
CA VAL J 8 0.31 63.02 -38.25
C VAL J 8 0.60 64.23 -39.14
N ALA J 9 1.83 64.74 -39.07
CA ALA J 9 2.21 65.90 -39.87
C ALA J 9 2.44 65.52 -41.34
N LEU J 10 2.73 66.52 -42.15
CA LEU J 10 2.82 66.35 -43.60
C LEU J 10 4.09 65.61 -43.99
N GLY J 11 3.96 64.76 -45.01
CA GLY J 11 5.08 64.03 -45.55
C GLY J 11 5.28 62.62 -45.03
N GLU J 12 5.42 62.46 -43.72
CA GLU J 12 5.85 61.18 -43.18
C GLU J 12 4.72 60.15 -43.20
N THR J 13 5.04 58.93 -42.80
CA THR J 13 4.11 57.83 -42.85
C THR J 13 3.16 57.87 -41.65
N ALA J 14 2.10 57.08 -41.74
CA ALA J 14 1.14 56.94 -40.66
C ALA J 14 0.76 55.48 -40.53
N ARG J 15 0.60 55.02 -39.30
CA ARG J 15 0.31 53.61 -39.01
C ARG J 15 -0.94 53.53 -38.15
N ILE J 16 -1.99 52.93 -38.70
CA ILE J 16 -3.27 52.81 -38.02
C ILE J 16 -3.63 51.32 -37.91
N SER J 17 -4.17 50.94 -36.76
CA SER J 17 -4.60 49.57 -36.49
C SER J 17 -5.92 49.60 -35.74
N CYS J 18 -6.81 48.67 -36.06
CA CYS J 18 -8.13 48.68 -35.46
C CYS J 18 -8.14 47.95 -34.12
N GLY J 19 -9.02 48.40 -33.23
CA GLY J 19 -8.93 48.00 -31.84
C GLY J 19 -9.54 46.65 -31.55
N ARG J 20 -10.24 46.06 -32.51
CA ARG J 20 -10.75 44.71 -32.32
C ARG J 20 -9.60 43.71 -32.29
N GLN J 21 -9.57 42.88 -31.27
CA GLN J 21 -8.56 41.85 -31.15
C GLN J 21 -8.89 40.73 -32.12
N ALA J 22 -8.07 40.60 -33.16
CA ALA J 22 -8.26 39.51 -34.10
C ALA J 22 -7.85 38.20 -33.46
N LEU J 23 -8.50 37.12 -33.87
CA LEU J 23 -8.27 35.82 -33.27
C LEU J 23 -8.61 34.77 -34.33
N GLY J 24 -7.59 34.18 -34.91
CA GLY J 24 -7.75 33.21 -35.97
C GLY J 24 -7.11 33.67 -37.26
N SER J 25 -7.60 33.09 -38.36
CA SER J 25 -7.15 33.55 -39.66
C SER J 25 -7.85 34.86 -40.02
N ARG J 26 -7.04 35.88 -40.31
CA ARG J 26 -7.56 37.22 -40.52
C ARG J 26 -7.94 37.42 -41.97
N ALA J 27 -9.05 38.12 -42.17
CA ALA J 27 -9.46 38.53 -43.50
C ALA J 27 -10.22 39.83 -43.35
N VAL J 28 -9.53 40.96 -43.50
CA VAL J 28 -10.12 42.24 -43.14
C VAL J 28 -10.25 43.10 -44.38
N GLN J 29 -11.06 44.14 -44.25
CA GLN J 29 -11.22 45.16 -45.27
C GLN J 29 -10.95 46.53 -44.67
N TRP J 30 -10.59 47.48 -45.52
CA TRP J 30 -10.40 48.86 -45.10
C TRP J 30 -11.23 49.75 -46.00
N TYR J 31 -12.09 50.55 -45.40
CA TYR J 31 -12.89 51.48 -46.16
C TYR J 31 -12.44 52.90 -45.85
N GLN J 32 -13.04 53.86 -46.56
CA GLN J 32 -12.71 55.27 -46.37
C GLN J 32 -13.97 56.07 -46.66
N HIS J 33 -14.38 56.89 -45.69
CA HIS J 33 -15.65 57.61 -45.81
C HIS J 33 -15.42 59.09 -45.50
N ARG J 34 -15.31 59.89 -46.56
CA ARG J 34 -15.39 61.34 -46.40
C ARG J 34 -16.81 61.71 -46.00
N PRO J 35 -16.98 62.76 -45.19
CA PRO J 35 -18.33 63.14 -44.75
C PRO J 35 -19.13 63.74 -45.89
N GLY J 36 -20.23 63.08 -46.23
CA GLY J 36 -21.08 63.53 -47.31
C GLY J 36 -20.86 62.75 -48.59
N GLN J 37 -19.64 62.29 -48.82
CA GLN J 37 -19.31 61.52 -50.01
C GLN J 37 -19.67 60.05 -49.80
N ALA J 38 -19.23 59.20 -50.73
CA ALA J 38 -19.54 57.79 -50.69
C ALA J 38 -18.37 57.00 -50.15
N PRO J 39 -18.64 55.91 -49.43
CA PRO J 39 -17.55 55.04 -48.94
C PRO J 39 -16.85 54.36 -50.10
N ILE J 40 -15.53 54.39 -50.07
CA ILE J 40 -14.72 53.71 -51.08
C ILE J 40 -13.94 52.59 -50.42
N LEU J 41 -13.69 51.54 -51.19
CA LEU J 41 -12.90 50.43 -50.68
C LEU J 41 -11.43 50.69 -50.93
N LEU J 42 -10.59 50.23 -50.01
CA LEU J 42 -9.16 50.38 -50.17
C LEU J 42 -8.44 49.04 -50.28
N ILE J 43 -8.55 48.20 -49.27
CA ILE J 43 -7.81 46.93 -49.21
C ILE J 43 -8.78 45.82 -48.90
N TYR J 44 -8.70 44.72 -49.66
CA TYR J 44 -9.49 43.54 -49.35
C TYR J 44 -8.57 42.33 -49.39
N ASN J 45 -8.91 41.32 -48.59
CA ASN J 45 -8.19 40.05 -48.46
C ASN J 45 -6.73 40.24 -48.07
N ASN J 46 -6.46 41.31 -47.32
CA ASN J 46 -5.24 41.58 -46.55
C ASN J 46 -4.03 41.91 -47.41
N GLN J 47 -4.12 41.71 -48.72
CA GLN J 47 -3.05 42.05 -49.64
C GLN J 47 -3.56 42.80 -50.85
N ASP J 48 -4.76 42.46 -51.33
CA ASP J 48 -5.18 42.84 -52.67
C ASP J 48 -5.64 44.30 -52.70
N ARG J 49 -5.95 44.76 -53.90
CA ARG J 49 -6.22 46.16 -54.16
C ARG J 49 -7.00 46.30 -55.46
N PRO J 50 -8.14 46.99 -55.44
CA PRO J 50 -8.86 47.24 -56.69
C PRO J 50 -8.15 48.28 -57.53
N SER J 51 -8.51 48.32 -58.80
CA SER J 51 -7.87 49.26 -59.73
C SER J 51 -8.38 50.67 -59.48
N GLY J 52 -7.46 51.63 -59.53
CA GLY J 52 -7.79 53.01 -59.25
C GLY J 52 -7.27 53.52 -57.93
N ILE J 53 -6.42 52.77 -57.24
CA ILE J 53 -5.88 53.14 -55.94
C ILE J 53 -4.36 53.21 -56.08
N PRO J 54 -3.72 54.29 -55.65
CA PRO J 54 -2.26 54.40 -55.78
C PRO J 54 -1.54 53.44 -54.85
N GLU J 55 -0.25 53.29 -55.10
CA GLU J 55 0.58 52.34 -54.37
C GLU J 55 1.25 53.03 -53.17
N ARG J 56 0.42 53.70 -52.39
CA ARG J 56 0.82 54.25 -51.11
C ARG J 56 0.05 53.62 -49.97
N PHE J 57 -0.66 52.53 -50.24
CA PHE J 57 -1.55 51.89 -49.29
C PHE J 57 -1.14 50.43 -49.18
N SER J 58 -0.75 50.01 -47.99
CA SER J 58 -0.23 48.66 -47.79
C SER J 58 -0.65 48.15 -46.43
N GLY J 59 -1.27 46.98 -46.42
CA GLY J 59 -1.65 46.33 -45.18
C GLY J 59 -0.60 45.32 -44.75
N THR J 60 -1.04 44.25 -44.07
CA THR J 60 -0.12 43.25 -43.55
C THR J 60 -0.47 41.91 -44.17
N PRO J 61 0.50 41.16 -44.68
CA PRO J 61 0.22 39.79 -45.10
C PRO J 61 -0.03 38.91 -43.89
N ASP J 62 -1.02 38.02 -44.03
CA ASP J 62 -1.55 37.25 -42.90
C ASP J 62 -0.89 35.89 -42.76
N ILE J 63 0.42 35.89 -42.60
CA ILE J 63 1.21 34.67 -42.40
C ILE J 63 1.71 34.67 -40.97
N ASN J 64 1.85 33.47 -40.39
CA ASN J 64 2.50 33.22 -39.10
C ASN J 64 1.77 33.95 -37.97
N PHE J 65 0.56 33.43 -37.69
CA PHE J 65 -0.41 33.97 -36.74
C PHE J 65 0.20 34.42 -35.41
N GLY J 66 -0.25 35.59 -34.96
CA GLY J 66 0.23 36.18 -33.73
C GLY J 66 0.54 37.65 -33.88
N THR J 67 0.20 38.22 -35.03
CA THR J 67 0.48 39.60 -35.34
C THR J 67 -0.80 40.43 -35.35
N ARG J 68 -0.64 41.74 -35.24
CA ARG J 68 -1.76 42.67 -35.29
C ARG J 68 -1.94 43.17 -36.72
N ALA J 69 -3.18 43.20 -37.18
CA ALA J 69 -3.47 43.80 -38.48
C ALA J 69 -3.38 45.30 -38.38
N THR J 70 -2.64 45.92 -39.31
CA THR J 70 -2.53 47.36 -39.34
C THR J 70 -2.43 47.85 -40.76
N LEU J 71 -2.76 49.12 -40.95
CA LEU J 71 -2.68 49.79 -42.24
C LEU J 71 -1.64 50.89 -42.18
N THR J 72 -0.70 50.87 -43.12
CA THR J 72 0.34 51.87 -43.23
C THR J 72 0.13 52.64 -44.52
N ILE J 73 0.18 53.96 -44.42
CA ILE J 73 0.14 54.84 -45.59
C ILE J 73 1.42 55.66 -45.61
N SER J 74 1.86 56.04 -46.80
CA SER J 74 3.03 56.87 -46.97
C SER J 74 2.70 57.99 -47.96
N GLY J 75 3.40 59.12 -47.80
CA GLY J 75 3.14 60.27 -48.62
C GLY J 75 1.78 60.86 -48.36
N VAL J 76 1.55 61.32 -47.13
CA VAL J 76 0.25 61.83 -46.74
C VAL J 76 0.04 63.20 -47.37
N GLU J 77 -1.22 63.54 -47.62
CA GLU J 77 -1.57 64.80 -48.25
C GLU J 77 -2.78 65.41 -47.55
N ALA J 78 -3.31 66.49 -48.15
CA ALA J 78 -4.31 67.30 -47.46
C ALA J 78 -5.68 66.65 -47.44
N GLY J 79 -6.05 65.97 -48.52
CA GLY J 79 -7.33 65.30 -48.58
C GLY J 79 -7.44 64.07 -47.70
N ASP J 80 -6.31 63.58 -47.19
CA ASP J 80 -6.32 62.41 -46.31
C ASP J 80 -6.84 62.77 -44.93
N GLU J 81 -8.13 63.02 -44.82
CA GLU J 81 -8.72 63.51 -43.59
C GLU J 81 -9.89 62.65 -43.13
N ALA J 82 -10.41 61.79 -44.00
CA ALA J 82 -11.62 61.03 -43.74
C ALA J 82 -11.42 59.99 -42.65
N ASP J 83 -12.52 59.46 -42.17
CA ASP J 83 -12.52 58.45 -41.12
C ASP J 83 -12.39 57.07 -41.74
N TYR J 84 -11.70 56.19 -41.04
CA TYR J 84 -11.41 54.87 -41.56
C TYR J 84 -12.21 53.82 -40.80
N TYR J 85 -12.22 52.61 -41.35
CA TYR J 85 -12.96 51.51 -40.74
C TYR J 85 -12.17 50.23 -40.96
N CYS J 86 -12.29 49.33 -39.99
CA CYS J 86 -11.60 48.04 -40.03
C CYS J 86 -12.65 46.95 -39.88
N HIS J 87 -13.28 46.59 -40.99
CA HIS J 87 -14.23 45.49 -40.99
C HIS J 87 -13.46 44.19 -40.89
N MET J 88 -13.87 43.32 -39.99
CA MET J 88 -13.05 42.19 -39.57
C MET J 88 -13.84 40.90 -39.72
N TRP J 89 -13.14 39.83 -40.11
CA TRP J 89 -13.73 38.50 -40.19
C TRP J 89 -12.69 37.49 -39.74
N ASP J 90 -13.13 36.39 -39.14
CA ASP J 90 -12.22 35.35 -38.69
C ASP J 90 -12.85 33.99 -38.94
N SER J 91 -12.32 32.98 -38.27
CA SER J 91 -12.91 31.64 -38.26
C SER J 91 -13.71 31.36 -37.00
N ARG J 92 -13.35 31.95 -35.87
CA ARG J 92 -13.99 31.54 -34.62
C ARG J 92 -15.26 32.34 -34.32
N SER J 93 -15.22 33.66 -34.50
CA SER J 93 -16.30 34.50 -33.98
C SER J 93 -17.57 34.44 -34.81
N GLY J 94 -17.57 33.73 -35.93
CA GLY J 94 -18.81 33.59 -36.65
C GLY J 94 -19.13 34.80 -37.51
N PHE J 95 -20.40 34.88 -37.90
CA PHE J 95 -20.85 35.92 -38.81
C PHE J 95 -20.93 37.26 -38.08
N SER J 96 -20.24 38.26 -38.61
CA SER J 96 -20.23 39.59 -38.01
C SER J 96 -21.33 40.45 -38.61
N TRP J 97 -21.65 41.51 -37.91
CA TRP J 97 -22.59 42.50 -38.42
C TRP J 97 -22.06 43.92 -38.37
N SER J 98 -21.31 44.27 -37.33
CA SER J 98 -20.92 45.66 -37.14
C SER J 98 -19.65 45.97 -37.92
N PHE J 99 -19.19 47.22 -37.77
CA PHE J 99 -17.94 47.66 -38.39
C PHE J 99 -16.89 47.99 -37.35
N GLY J 100 -17.21 48.85 -36.40
CA GLY J 100 -16.29 49.25 -35.35
C GLY J 100 -16.13 50.74 -35.29
N GLY J 101 -15.39 51.18 -34.28
CA GLY J 101 -15.18 52.61 -34.06
C GLY J 101 -14.24 53.18 -35.10
N ALA J 102 -14.61 54.35 -35.63
CA ALA J 102 -13.84 54.97 -36.69
C ALA J 102 -12.69 55.76 -36.09
N THR J 103 -11.49 55.57 -36.63
CA THR J 103 -10.31 56.32 -36.21
C THR J 103 -10.22 57.56 -37.09
N ARG J 104 -10.36 58.73 -36.47
CA ARG J 104 -10.35 59.97 -37.21
C ARG J 104 -8.92 60.43 -37.44
N LEU J 105 -8.56 60.59 -38.71
CA LEU J 105 -7.23 61.07 -39.05
C LEU J 105 -7.26 62.58 -39.27
N THR J 106 -6.35 63.28 -38.59
CA THR J 106 -6.29 64.74 -38.65
C THR J 106 -4.87 65.15 -39.00
N VAL J 107 -4.60 65.31 -40.28
CA VAL J 107 -3.29 65.74 -40.75
C VAL J 107 -3.12 67.23 -40.45
N LEU J 108 -1.91 67.63 -40.08
CA LEU J 108 -1.60 69.03 -39.82
C LEU J 108 -0.40 69.48 -40.64
N GLY J 109 -0.31 70.78 -40.86
CA GLY J 109 0.79 71.38 -41.61
C GLY J 109 0.38 72.62 -42.38
N VAL K 3 -6.44 42.37 50.51
CA VAL K 3 -6.35 42.55 51.96
C VAL K 3 -7.06 41.40 52.65
N ARG K 4 -6.30 40.60 53.41
CA ARG K 4 -6.84 39.39 54.03
C ARG K 4 -6.37 39.28 55.47
N PRO K 5 -7.21 38.79 56.38
CA PRO K 5 -6.81 38.66 57.77
C PRO K 5 -6.29 37.27 58.12
N LEU K 6 -5.64 37.19 59.28
CA LEU K 6 -5.16 35.93 59.85
C LEU K 6 -4.92 36.17 61.34
N SER K 7 -5.15 35.13 62.14
CA SER K 7 -5.11 35.27 63.59
C SER K 7 -4.43 34.07 64.23
N VAL K 8 -3.44 34.33 65.08
CA VAL K 8 -2.66 33.31 65.80
C VAL K 8 -2.54 33.75 67.25
N ALA K 9 -2.73 32.82 68.18
CA ALA K 9 -2.67 33.14 69.60
C ALA K 9 -1.22 33.30 70.05
N LEU K 10 -1.06 33.66 71.33
CA LEU K 10 0.24 34.02 71.87
C LEU K 10 1.13 32.79 72.05
N GLY K 11 2.43 32.99 71.80
CA GLY K 11 3.40 31.93 71.98
C GLY K 11 3.77 31.13 70.76
N GLU K 12 2.79 30.50 70.11
CA GLU K 12 3.09 29.51 69.08
C GLU K 12 3.53 30.19 67.78
N THR K 13 3.91 29.36 66.81
CA THR K 13 4.44 29.85 65.56
C THR K 13 3.31 30.29 64.63
N ALA K 14 3.69 31.00 63.58
CA ALA K 14 2.75 31.43 62.55
C ALA K 14 3.40 31.25 61.19
N ARG K 15 2.61 30.81 60.21
CA ARG K 15 3.11 30.50 58.88
C ARG K 15 2.29 31.29 57.86
N ILE K 16 2.95 32.20 57.15
CA ILE K 16 2.30 33.06 56.17
C ILE K 16 2.97 32.85 54.82
N SER K 17 2.16 32.82 53.76
CA SER K 17 2.64 32.65 52.39
C SER K 17 1.85 33.56 51.49
N CYS K 18 2.51 34.15 50.50
CA CYS K 18 1.85 35.12 49.64
C CYS K 18 1.14 34.43 48.48
N GLY K 19 0.05 35.06 48.02
CA GLY K 19 -0.87 34.37 47.13
C GLY K 19 -0.44 34.36 45.69
N ARG K 20 0.60 35.11 45.35
CA ARG K 20 1.11 35.05 43.98
C ARG K 20 1.77 33.71 43.73
N GLN K 21 1.38 33.07 42.64
CA GLN K 21 1.97 31.79 42.27
C GLN K 21 3.34 32.04 41.67
N ALA K 22 4.37 31.65 42.42
CA ALA K 22 5.72 31.78 41.91
C ALA K 22 5.96 30.77 40.80
N LEU K 23 6.81 31.12 39.85
CA LEU K 23 7.06 30.29 38.68
C LEU K 23 8.46 30.61 38.20
N GLY K 24 9.39 29.72 38.46
CA GLY K 24 10.78 29.91 38.10
C GLY K 24 11.68 29.93 39.32
N SER K 25 12.84 30.55 39.14
CA SER K 25 13.71 30.75 40.28
C SER K 25 13.22 31.91 41.13
N ARG K 26 13.01 31.64 42.40
CA ARG K 26 12.38 32.59 43.31
C ARG K 26 13.42 33.50 43.91
N ALA K 27 13.07 34.77 44.04
CA ALA K 27 13.91 35.72 44.76
C ALA K 27 12.97 36.77 45.34
N VAL K 28 12.57 36.58 46.59
CA VAL K 28 11.51 37.38 47.16
C VAL K 28 12.05 38.21 48.32
N GLN K 29 11.27 39.22 48.68
CA GLN K 29 11.54 40.05 49.85
C GLN K 29 10.33 40.04 50.77
N TRP K 30 10.55 40.32 52.04
CA TRP K 30 9.49 40.47 53.00
C TRP K 30 9.65 41.80 53.71
N TYR K 31 8.61 42.61 53.67
CA TYR K 31 8.62 43.88 54.36
C TYR K 31 7.65 43.84 55.52
N GLN K 32 7.64 44.93 56.30
CA GLN K 32 6.76 45.04 57.45
C GLN K 32 6.41 46.50 57.63
N HIS K 33 5.11 46.81 57.64
CA HIS K 33 4.67 48.19 57.67
C HIS K 33 3.63 48.37 58.78
N ARG K 34 4.07 48.90 59.91
CA ARG K 34 3.15 49.39 60.91
C ARG K 34 2.44 50.63 60.38
N PRO K 35 1.18 50.84 60.75
CA PRO K 35 0.43 52.00 60.23
C PRO K 35 0.97 53.29 60.83
N GLY K 36 1.48 54.17 59.97
CA GLY K 36 2.03 55.43 60.41
C GLY K 36 3.55 55.42 60.47
N GLN K 37 4.13 54.27 60.78
CA GLN K 37 5.58 54.14 60.87
C GLN K 37 6.17 53.89 59.48
N ALA K 38 7.45 53.56 59.44
CA ALA K 38 8.16 53.36 58.18
C ALA K 38 8.28 51.87 57.87
N PRO K 39 8.23 51.51 56.59
CA PRO K 39 8.45 50.11 56.20
C PRO K 39 9.86 49.66 56.51
N ILE K 40 9.98 48.50 57.12
CA ILE K 40 11.27 47.91 57.41
C ILE K 40 11.43 46.64 56.61
N LEU K 41 12.67 46.32 56.26
CA LEU K 41 12.96 45.09 55.54
C LEU K 41 13.19 43.97 56.53
N LEU K 42 12.78 42.77 56.15
CA LEU K 42 13.01 41.61 56.98
C LEU K 42 13.91 40.57 56.33
N ILE K 43 13.53 40.05 55.18
CA ILE K 43 14.24 38.96 54.52
C ILE K 43 14.49 39.35 53.08
N TYR K 44 15.72 39.18 52.60
CA TYR K 44 16.02 39.38 51.19
C TYR K 44 16.83 38.19 50.70
N ASN K 45 16.68 37.89 49.41
CA ASN K 45 17.35 36.80 48.70
C ASN K 45 17.08 35.44 49.35
N ASN K 46 15.91 35.29 49.97
CA ASN K 46 15.27 34.04 50.40
C ASN K 46 15.94 33.38 51.59
N GLN K 47 17.14 33.83 51.96
CA GLN K 47 17.84 33.33 53.12
C GLN K 47 18.37 34.43 54.00
N ASP K 48 18.81 35.54 53.41
CA ASP K 48 19.65 36.49 54.09
C ASP K 48 18.84 37.38 55.03
N ARG K 49 19.55 38.22 55.77
CA ARG K 49 18.97 39.00 56.84
C ARG K 49 19.87 40.18 57.16
N PRO K 50 19.34 41.39 57.17
CA PRO K 50 20.16 42.54 57.58
C PRO K 50 20.37 42.54 59.09
N SER K 51 21.36 43.30 59.52
CA SER K 51 21.69 43.36 60.94
C SER K 51 20.65 44.20 61.69
N GLY K 52 20.27 43.72 62.87
CA GLY K 52 19.26 44.36 63.66
C GLY K 52 17.94 43.62 63.70
N ILE K 53 17.89 42.38 63.21
CA ILE K 53 16.67 41.59 63.18
C ILE K 53 16.92 40.33 63.99
N PRO K 54 16.05 39.96 64.92
CA PRO K 54 16.28 38.76 65.72
C PRO K 54 16.11 37.50 64.90
N GLU K 55 16.57 36.38 65.50
CA GLU K 55 16.56 35.09 64.81
C GLU K 55 15.27 34.32 65.12
N ARG K 56 14.17 35.01 64.91
CA ARG K 56 12.85 34.39 64.96
C ARG K 56 12.17 34.48 63.61
N PHE K 57 12.90 34.84 62.57
CA PHE K 57 12.35 35.09 61.24
C PHE K 57 13.10 34.21 60.26
N SER K 58 12.39 33.33 59.58
CA SER K 58 13.03 32.36 58.70
C SER K 58 12.12 32.10 57.51
N GLY K 59 12.69 32.27 56.31
CA GLY K 59 11.98 31.96 55.09
C GLY K 59 12.28 30.56 54.60
N THR K 60 12.25 30.36 53.29
CA THR K 60 12.48 29.06 52.69
C THR K 60 13.69 29.13 51.77
N PRO K 61 14.64 28.21 51.87
CA PRO K 61 15.70 28.14 50.87
C PRO K 61 15.15 27.67 49.53
N ASP K 62 15.62 28.30 48.46
CA ASP K 62 15.05 28.13 47.13
C ASP K 62 15.77 27.05 46.31
N ILE K 63 15.78 25.84 46.84
CA ILE K 63 16.37 24.68 46.18
C ILE K 63 15.24 23.75 45.77
N ASN K 64 15.45 23.04 44.65
CA ASN K 64 14.58 21.94 44.18
C ASN K 64 13.15 22.44 43.91
N PHE K 65 13.06 23.24 42.84
CA PHE K 65 11.86 23.95 42.39
C PHE K 65 10.59 23.11 42.43
N GLY K 66 9.52 23.73 42.92
CA GLY K 66 8.24 23.07 43.05
C GLY K 66 7.60 23.34 44.39
N THR K 67 8.21 24.21 45.18
CA THR K 67 7.73 24.53 46.52
C THR K 67 7.14 25.93 46.57
N ARG K 68 6.35 26.18 47.61
CA ARG K 68 5.76 27.49 47.84
C ARG K 68 6.64 28.29 48.77
N ALA K 69 6.86 29.56 48.44
CA ALA K 69 7.59 30.44 49.33
C ALA K 69 6.69 30.83 50.49
N THR K 70 7.21 30.70 51.72
CA THR K 70 6.45 31.07 52.89
C THR K 70 7.39 31.64 53.94
N LEU K 71 6.81 32.40 54.86
CA LEU K 71 7.53 32.99 55.98
C LEU K 71 6.99 32.42 57.28
N THR K 72 7.90 31.90 58.11
CA THR K 72 7.56 31.35 59.41
C THR K 72 8.18 32.23 60.48
N ILE K 73 7.39 32.58 61.49
CA ILE K 73 7.86 33.30 62.65
C ILE K 73 7.59 32.45 63.88
N SER K 74 8.43 32.60 64.89
CA SER K 74 8.25 31.90 66.16
C SER K 74 8.41 32.88 67.31
N GLY K 75 7.76 32.59 68.42
CA GLY K 75 7.78 33.47 69.56
C GLY K 75 7.07 34.77 69.28
N VAL K 76 5.77 34.70 68.97
CA VAL K 76 5.02 35.88 68.61
C VAL K 76 4.77 36.74 69.84
N GLU K 77 4.64 38.04 69.64
CA GLU K 77 4.44 38.98 70.73
C GLU K 77 3.37 40.00 70.34
N ALA K 78 3.22 41.03 71.19
CA ALA K 78 2.08 41.94 71.07
C ALA K 78 2.26 42.92 69.91
N GLY K 79 3.49 43.39 69.69
CA GLY K 79 3.75 44.32 68.62
C GLY K 79 3.67 43.72 67.24
N ASP K 80 3.65 42.39 67.14
CA ASP K 80 3.57 41.70 65.85
C ASP K 80 2.16 41.82 65.28
N GLU K 81 1.79 43.01 64.83
CA GLU K 81 0.42 43.26 64.40
C GLU K 81 0.37 43.85 63.00
N ALA K 82 1.49 44.33 62.49
CA ALA K 82 1.56 45.06 61.23
C ALA K 82 1.24 44.16 60.04
N ASP K 83 1.01 44.80 58.91
CA ASP K 83 0.69 44.11 57.67
C ASP K 83 1.98 43.76 56.94
N TYR K 84 1.96 42.62 56.26
CA TYR K 84 3.15 42.11 55.60
C TYR K 84 2.99 42.21 54.10
N TYR K 85 4.10 42.02 53.39
CA TYR K 85 4.11 42.09 51.95
C TYR K 85 5.09 41.07 51.41
N CYS K 86 4.77 40.54 50.24
CA CYS K 86 5.58 39.53 49.58
C CYS K 86 5.93 40.06 48.19
N HIS K 87 6.98 40.87 48.12
CA HIS K 87 7.46 41.35 46.83
C HIS K 87 8.19 40.21 46.15
N MET K 88 7.85 39.97 44.88
CA MET K 88 8.23 38.73 44.20
C MET K 88 8.96 39.06 42.91
N TRP K 89 9.95 38.23 42.57
CA TRP K 89 10.69 38.34 41.31
C TRP K 89 10.99 36.94 40.81
N ASP K 90 11.03 36.77 39.49
CA ASP K 90 11.34 35.47 38.91
C ASP K 90 12.21 35.68 37.68
N SER K 91 12.27 34.64 36.85
CA SER K 91 12.92 34.72 35.54
C SER K 91 11.94 34.92 34.40
N ARG K 92 10.71 34.41 34.52
CA ARG K 92 9.83 34.40 33.37
C ARG K 92 9.00 35.67 33.27
N SER K 93 8.42 36.13 34.37
CA SER K 93 7.41 37.18 34.31
C SER K 93 7.97 38.57 34.05
N GLY K 94 9.29 38.72 34.00
CA GLY K 94 9.82 40.01 33.64
C GLY K 94 9.83 40.98 34.80
N PHE K 95 9.96 42.26 34.46
CA PHE K 95 10.09 43.30 35.46
C PHE K 95 8.75 43.57 36.13
N SER K 96 8.72 43.46 37.45
CA SER K 96 7.50 43.68 38.21
C SER K 96 7.39 45.13 38.64
N TRP K 97 6.19 45.53 39.01
CA TRP K 97 5.97 46.86 39.56
C TRP K 97 5.21 46.84 40.88
N SER K 98 4.25 45.94 41.03
CA SER K 98 3.39 45.97 42.20
C SER K 98 4.02 45.23 43.37
N PHE K 99 3.26 45.17 44.47
CA PHE K 99 3.67 44.44 45.66
C PHE K 99 2.76 43.26 45.94
N GLY K 100 1.46 43.50 46.03
CA GLY K 100 0.49 42.46 46.29
C GLY K 100 -0.36 42.79 47.49
N GLY K 101 -1.35 41.94 47.72
CA GLY K 101 -2.28 42.14 48.81
C GLY K 101 -1.64 41.86 50.15
N ALA K 102 -1.87 42.74 51.11
CA ALA K 102 -1.25 42.63 52.42
C ALA K 102 -2.04 41.66 53.29
N THR K 103 -1.34 40.74 53.93
CA THR K 103 -1.95 39.80 54.86
C THR K 103 -1.89 40.42 56.24
N ARG K 104 -3.07 40.71 56.81
CA ARG K 104 -3.12 41.37 58.11
C ARG K 104 -3.00 40.34 59.21
N LEU K 105 -2.01 40.50 60.07
CA LEU K 105 -1.84 39.60 61.19
C LEU K 105 -2.48 40.19 62.44
N THR K 106 -3.31 39.39 63.09
CA THR K 106 -4.06 39.83 64.28
C THR K 106 -3.83 38.83 65.40
N VAL K 107 -2.82 39.09 66.21
CA VAL K 107 -2.51 38.23 67.35
C VAL K 107 -3.55 38.47 68.44
N LEU K 108 -3.93 37.40 69.14
CA LEU K 108 -4.86 37.50 70.24
C LEU K 108 -4.29 36.87 71.50
N GLY K 109 -4.81 37.29 72.64
CA GLY K 109 -4.40 36.78 73.93
C GLY K 109 -4.49 37.80 75.05
N VAL L 3 -65.75 2.13 7.30
CA VAL L 3 -67.03 1.62 6.85
C VAL L 3 -67.07 1.64 5.32
N ARG L 4 -67.17 0.45 4.72
CA ARG L 4 -67.10 0.33 3.27
C ARG L 4 -68.17 -0.62 2.75
N PRO L 5 -68.76 -0.34 1.60
CA PRO L 5 -69.80 -1.21 1.04
C PRO L 5 -69.25 -2.24 0.06
N LEU L 6 -70.10 -3.24 -0.22
CA LEU L 6 -69.83 -4.26 -1.22
C LEU L 6 -71.16 -4.91 -1.59
N SER L 7 -71.29 -5.30 -2.86
CA SER L 7 -72.55 -5.80 -3.37
C SER L 7 -72.35 -7.00 -4.28
N VAL L 8 -73.09 -8.08 -4.00
CA VAL L 8 -73.03 -9.33 -4.75
C VAL L 8 -74.46 -9.79 -4.99
N ALA L 9 -74.75 -10.25 -6.22
CA ALA L 9 -76.08 -10.69 -6.57
C ALA L 9 -76.39 -12.07 -5.98
N LEU L 10 -77.61 -12.52 -6.20
CA LEU L 10 -78.10 -13.75 -5.57
C LEU L 10 -77.48 -14.98 -6.19
N GLY L 11 -77.22 -15.98 -5.35
CA GLY L 11 -76.68 -17.25 -5.79
C GLY L 11 -75.18 -17.42 -5.71
N GLU L 12 -74.41 -16.53 -6.36
CA GLU L 12 -72.99 -16.76 -6.53
C GLU L 12 -72.23 -16.50 -5.23
N THR L 13 -70.93 -16.76 -5.27
CA THR L 13 -70.08 -16.64 -4.10
C THR L 13 -69.69 -15.19 -3.86
N ALA L 14 -69.16 -14.94 -2.67
CA ALA L 14 -68.65 -13.62 -2.31
C ALA L 14 -67.34 -13.79 -1.55
N ARG L 15 -66.39 -12.89 -1.82
CA ARG L 15 -65.06 -12.97 -1.24
C ARG L 15 -64.74 -11.66 -0.55
N ILE L 16 -64.58 -11.70 0.76
CA ILE L 16 -64.31 -10.52 1.58
C ILE L 16 -62.99 -10.72 2.32
N SER L 17 -62.19 -9.66 2.40
CA SER L 17 -60.91 -9.67 3.08
C SER L 17 -60.75 -8.36 3.83
N CYS L 18 -60.17 -8.42 5.03
CA CYS L 18 -60.06 -7.23 5.85
C CYS L 18 -58.81 -6.43 5.51
N GLY L 19 -58.92 -5.11 5.70
CA GLY L 19 -57.92 -4.21 5.15
C GLY L 19 -56.66 -4.10 5.97
N ARG L 20 -56.65 -4.66 7.17
CA ARG L 20 -55.43 -4.66 7.96
C ARG L 20 -54.41 -5.60 7.34
N GLN L 21 -53.21 -5.08 7.14
CA GLN L 21 -52.12 -5.89 6.59
C GLN L 21 -51.61 -6.82 7.67
N ALA L 22 -51.88 -8.11 7.51
CA ALA L 22 -51.37 -9.09 8.45
C ALA L 22 -49.87 -9.25 8.26
N LEU L 23 -49.17 -9.56 9.34
CA LEU L 23 -47.72 -9.64 9.33
C LEU L 23 -47.32 -10.61 10.44
N GLY L 24 -46.94 -11.81 10.04
CA GLY L 24 -46.59 -12.86 10.98
C GLY L 24 -47.50 -14.06 10.87
N SER L 25 -47.55 -14.83 11.95
CA SER L 25 -48.49 -15.92 12.00
C SER L 25 -49.88 -15.39 12.30
N ARG L 26 -50.83 -15.73 11.42
CA ARG L 26 -52.17 -15.18 11.48
C ARG L 26 -53.05 -16.01 12.39
N ALA L 27 -53.88 -15.33 13.16
CA ALA L 27 -54.90 -16.01 13.96
C ALA L 27 -56.07 -15.04 14.08
N VAL L 28 -57.05 -15.18 13.20
CA VAL L 28 -58.08 -14.17 13.09
C VAL L 28 -59.43 -14.78 13.46
N GLN L 29 -60.38 -13.89 13.73
CA GLN L 29 -61.77 -14.26 13.97
C GLN L 29 -62.67 -13.51 13.01
N TRP L 30 -63.85 -14.05 12.77
CA TRP L 30 -64.86 -13.39 11.96
C TRP L 30 -66.15 -13.34 12.75
N TYR L 31 -66.69 -12.15 12.92
CA TYR L 31 -67.95 -11.98 13.61
C TYR L 31 -69.01 -11.53 12.63
N GLN L 32 -70.25 -11.44 13.12
CA GLN L 32 -71.37 -11.01 12.29
C GLN L 32 -72.35 -10.29 13.18
N HIS L 33 -72.69 -9.06 12.83
CA HIS L 33 -73.52 -8.22 13.68
C HIS L 33 -74.66 -7.63 12.86
N ARG L 34 -75.84 -8.24 12.97
CA ARG L 34 -77.05 -7.61 12.47
C ARG L 34 -77.37 -6.40 13.35
N PRO L 35 -77.95 -5.34 12.77
CA PRO L 35 -78.24 -4.14 13.57
C PRO L 35 -79.38 -4.38 14.55
N GLY L 36 -79.08 -4.27 15.83
CA GLY L 36 -80.07 -4.49 16.86
C GLY L 36 -79.93 -5.85 17.52
N GLN L 37 -79.48 -6.85 16.77
CA GLN L 37 -79.31 -8.20 17.28
C GLN L 37 -77.95 -8.32 17.96
N ALA L 38 -77.58 -9.55 18.31
CA ALA L 38 -76.35 -9.81 19.03
C ALA L 38 -75.26 -10.29 18.08
N PRO L 39 -74.01 -9.93 18.35
CA PRO L 39 -72.89 -10.44 17.53
C PRO L 39 -72.73 -11.93 17.69
N ILE L 40 -72.59 -12.63 16.58
CA ILE L 40 -72.36 -14.06 16.57
C ILE L 40 -70.97 -14.34 16.02
N LEU L 41 -70.37 -15.41 16.49
CA LEU L 41 -69.07 -15.82 16.00
C LEU L 41 -69.25 -16.72 14.79
N LEU L 42 -68.32 -16.61 13.84
CA LEU L 42 -68.35 -17.49 12.68
C LEU L 42 -67.15 -18.40 12.58
N ILE L 43 -65.94 -17.83 12.52
CA ILE L 43 -64.72 -18.59 12.28
C ILE L 43 -63.71 -18.18 13.35
N TYR L 44 -63.07 -19.17 13.98
CA TYR L 44 -61.98 -18.89 14.89
C TYR L 44 -60.82 -19.81 14.56
N ASN L 45 -59.60 -19.34 14.82
CA ASN L 45 -58.34 -20.04 14.60
C ASN L 45 -58.17 -20.48 13.14
N ASN L 46 -58.74 -19.70 12.22
CA ASN L 46 -58.50 -19.68 10.79
C ASN L 46 -59.04 -20.90 10.04
N GLN L 47 -59.45 -21.93 10.76
CA GLN L 47 -60.05 -23.11 10.17
C GLN L 47 -61.33 -23.52 10.89
N ASP L 48 -61.38 -23.35 12.21
CA ASP L 48 -62.37 -24.02 13.03
C ASP L 48 -63.72 -23.33 12.93
N ARG L 49 -64.71 -23.94 13.57
CA ARG L 49 -66.11 -23.54 13.44
C ARG L 49 -66.90 -24.06 14.62
N PRO L 50 -67.63 -23.21 15.32
CA PRO L 50 -68.50 -23.70 16.39
C PRO L 50 -69.72 -24.40 15.82
N SER L 51 -70.38 -25.17 16.66
CA SER L 51 -71.54 -25.93 16.24
C SER L 51 -72.75 -25.00 16.08
N GLY L 52 -73.51 -25.22 15.01
CA GLY L 52 -74.65 -24.38 14.69
C GLY L 52 -74.43 -23.47 13.50
N ILE L 53 -73.35 -23.66 12.75
CA ILE L 53 -73.04 -22.84 11.59
C ILE L 53 -72.99 -23.74 10.37
N PRO L 54 -73.67 -23.41 9.28
CA PRO L 54 -73.66 -24.27 8.10
C PRO L 54 -72.31 -24.26 7.41
N GLU L 55 -72.13 -25.22 6.49
CA GLU L 55 -70.86 -25.40 5.79
C GLU L 55 -70.85 -24.62 4.48
N ARG L 56 -71.19 -23.34 4.60
CA ARG L 56 -71.05 -22.40 3.50
C ARG L 56 -70.06 -21.31 3.85
N PHE L 57 -69.31 -21.48 4.93
CA PHE L 57 -68.41 -20.46 5.46
C PHE L 57 -67.02 -21.08 5.56
N SER L 58 -66.07 -20.51 4.85
CA SER L 58 -64.73 -21.08 4.78
C SER L 58 -63.71 -19.96 4.70
N GLY L 59 -62.74 -19.99 5.61
CA GLY L 59 -61.65 -19.04 5.59
C GLY L 59 -60.44 -19.61 4.87
N THR L 60 -59.24 -19.19 5.29
CA THR L 60 -58.01 -19.61 4.64
C THR L 60 -57.15 -20.34 5.66
N PRO L 61 -56.61 -21.50 5.33
CA PRO L 61 -55.61 -22.13 6.20
C PRO L 61 -54.31 -21.33 6.18
N ASP L 62 -53.72 -21.19 7.36
CA ASP L 62 -52.58 -20.28 7.55
C ASP L 62 -51.24 -20.98 7.41
N ILE L 63 -51.01 -21.57 6.24
CA ILE L 63 -49.76 -22.24 5.91
C ILE L 63 -49.04 -21.40 4.86
N ASN L 64 -47.70 -21.43 4.89
CA ASN L 64 -46.82 -20.86 3.86
C ASN L 64 -47.04 -19.35 3.72
N PHE L 65 -46.61 -18.65 4.77
CA PHE L 65 -46.75 -17.21 4.97
C PHE L 65 -46.49 -16.36 3.73
N GLY L 66 -47.36 -15.39 3.50
CA GLY L 66 -47.26 -14.51 2.35
C GLY L 66 -48.60 -14.32 1.67
N THR L 67 -49.66 -14.85 2.27
CA THR L 67 -51.00 -14.78 1.71
C THR L 67 -51.88 -13.83 2.50
N ARG L 68 -52.97 -13.41 1.88
CA ARG L 68 -53.94 -12.53 2.52
C ARG L 68 -55.06 -13.37 3.13
N ALA L 69 -55.44 -13.04 4.36
CA ALA L 69 -56.57 -13.69 4.97
C ALA L 69 -57.87 -13.17 4.35
N THR L 70 -58.73 -14.09 3.95
CA THR L 70 -60.01 -13.70 3.37
C THR L 70 -61.07 -14.71 3.77
N LEU L 71 -62.33 -14.25 3.69
CA LEU L 71 -63.48 -15.09 3.97
C LEU L 71 -64.32 -15.24 2.71
N THR L 72 -64.62 -16.49 2.36
CA THR L 72 -65.42 -16.82 1.20
C THR L 72 -66.72 -17.45 1.69
N ILE L 73 -67.84 -16.97 1.16
CA ILE L 73 -69.15 -17.57 1.42
C ILE L 73 -69.73 -18.02 0.09
N SER L 74 -70.55 -19.05 0.13
CA SER L 74 -71.24 -19.56 -1.05
C SER L 74 -72.71 -19.77 -0.72
N GLY L 75 -73.55 -19.67 -1.74
CA GLY L 75 -74.98 -19.79 -1.55
C GLY L 75 -75.53 -18.64 -0.73
N VAL L 76 -75.40 -17.42 -1.25
CA VAL L 76 -75.83 -16.25 -0.51
C VAL L 76 -77.35 -16.18 -0.52
N GLU L 77 -77.91 -15.57 0.52
CA GLU L 77 -79.36 -15.46 0.67
C GLU L 77 -79.72 -14.05 1.15
N ALA L 78 -81.00 -13.88 1.50
CA ALA L 78 -81.53 -12.54 1.74
C ALA L 78 -81.09 -11.99 3.09
N GLY L 79 -81.03 -12.83 4.11
CA GLY L 79 -80.61 -12.40 5.43
C GLY L 79 -79.13 -12.06 5.54
N ASP L 80 -78.34 -12.43 4.55
CA ASP L 80 -76.91 -12.14 4.54
C ASP L 80 -76.66 -10.67 4.25
N GLU L 81 -76.99 -9.80 5.19
CA GLU L 81 -76.93 -8.37 4.96
C GLU L 81 -76.10 -7.65 6.02
N ALA L 82 -75.79 -8.32 7.12
CA ALA L 82 -75.14 -7.71 8.27
C ALA L 82 -73.71 -7.32 7.96
N ASP L 83 -73.14 -6.52 8.86
CA ASP L 83 -71.78 -6.03 8.72
C ASP L 83 -70.82 -7.03 9.36
N TYR L 84 -69.64 -7.16 8.77
CA TYR L 84 -68.68 -8.15 9.21
C TYR L 84 -67.50 -7.47 9.88
N TYR L 85 -66.68 -8.26 10.55
CA TYR L 85 -65.52 -7.75 11.24
C TYR L 85 -64.39 -8.77 11.14
N CYS L 86 -63.17 -8.25 11.10
CA CYS L 86 -61.98 -9.08 10.98
C CYS L 86 -61.07 -8.73 12.16
N HIS L 87 -61.32 -9.37 13.29
CA HIS L 87 -60.47 -9.20 14.46
C HIS L 87 -59.18 -9.98 14.21
N MET L 88 -58.04 -9.33 14.44
CA MET L 88 -56.77 -9.83 13.95
C MET L 88 -55.78 -9.93 15.11
N TRP L 89 -54.93 -10.96 15.07
CA TRP L 89 -53.86 -11.14 16.03
C TRP L 89 -52.64 -11.69 15.31
N ASP L 90 -51.45 -11.34 15.79
CA ASP L 90 -50.22 -11.82 15.18
C ASP L 90 -49.20 -12.11 16.28
N SER L 91 -47.94 -12.21 15.87
CA SER L 91 -46.83 -12.32 16.80
C SER L 91 -46.11 -11.00 17.02
N ARG L 92 -46.08 -10.12 16.01
CA ARG L 92 -45.22 -8.95 16.12
C ARG L 92 -45.93 -7.77 16.77
N SER L 93 -47.17 -7.49 16.37
CA SER L 93 -47.82 -6.24 16.75
C SER L 93 -48.28 -6.19 18.20
N GLY L 94 -48.17 -7.29 18.93
CA GLY L 94 -48.50 -7.22 20.34
C GLY L 94 -50.00 -7.31 20.58
N PHE L 95 -50.40 -6.90 21.77
CA PHE L 95 -51.78 -7.01 22.19
C PHE L 95 -52.64 -5.98 21.49
N SER L 96 -53.69 -6.43 20.81
CA SER L 96 -54.59 -5.55 20.09
C SER L 96 -55.75 -5.13 20.97
N TRP L 97 -56.42 -4.07 20.58
CA TRP L 97 -57.62 -3.63 21.25
C TRP L 97 -58.78 -3.42 20.31
N SER L 98 -58.54 -2.91 19.11
CA SER L 98 -59.64 -2.53 18.22
C SER L 98 -60.13 -3.72 17.42
N PHE L 99 -61.10 -3.46 16.55
CA PHE L 99 -61.63 -4.46 15.64
C PHE L 99 -61.33 -4.13 14.19
N GLY L 100 -61.70 -2.94 13.75
CA GLY L 100 -61.46 -2.51 12.39
C GLY L 100 -62.74 -2.06 11.73
N GLY L 101 -62.58 -1.54 10.50
CA GLY L 101 -63.71 -1.02 9.76
C GLY L 101 -64.59 -2.15 9.25
N ALA L 102 -65.90 -1.98 9.39
CA ALA L 102 -66.85 -3.02 9.02
C ALA L 102 -67.14 -2.93 7.52
N THR L 103 -67.08 -4.06 6.85
CA THR L 103 -67.41 -4.14 5.44
C THR L 103 -68.89 -4.47 5.32
N ARG L 104 -69.66 -3.53 4.77
CA ARG L 104 -71.10 -3.70 4.67
C ARG L 104 -71.44 -4.52 3.43
N LEU L 105 -72.12 -5.64 3.64
CA LEU L 105 -72.55 -6.47 2.53
C LEU L 105 -73.98 -6.14 2.14
N THR L 106 -74.18 -5.88 0.85
CA THR L 106 -75.49 -5.48 0.33
C THR L 106 -75.85 -6.39 -0.83
N VAL L 107 -76.55 -7.48 -0.54
CA VAL L 107 -76.98 -8.41 -1.56
C VAL L 107 -78.14 -7.80 -2.33
N LEU L 108 -78.18 -8.04 -3.65
CA LEU L 108 -79.27 -7.56 -4.48
C LEU L 108 -79.90 -8.71 -5.26
N GLY L 109 -81.15 -8.49 -5.68
CA GLY L 109 -81.87 -9.47 -6.46
C GLY L 109 -83.37 -9.44 -6.20
#